data_8TSD
#
_entry.id   8TSD
#
_cell.length_a   86.902
_cell.length_b   121.522
_cell.length_c   192.652
_cell.angle_alpha   90.000
_cell.angle_beta   90.000
_cell.angle_gamma   90.000
#
_symmetry.space_group_name_H-M   'P 21 21 21'
#
loop_
_entity.id
_entity.type
_entity.pdbx_description
1 polymer 'Phosphatidylinositol 4,5-bisphosphate 3-kinase catalytic subunit alpha isoform'
2 polymer 'Phosphatidylinositol 3-kinase regulatory subunit alpha'
3 non-polymer N-{(3R,6M)-3-(2-chloro-5-fluorophenyl)-6-[(4S)-5-cyano[1,2,4]triazolo[1,5-a]pyridin-6-yl]-1-oxo-2,3-dihydro-1H-isoindol-4-yl}-3-fluoro-5-(trifluoromethyl)benzamide
#
loop_
_entity_poly.entity_id
_entity_poly.type
_entity_poly.pdbx_seq_one_letter_code
_entity_poly.pdbx_strand_id
1 'polypeptide(L)'
;GSPGISGGGGGPPRPSSGELWGIHLMPPRILVECLLPNGMIVTLECLREATLITIKHELFKEARKYPLHQLLQDESSYIF
VSVTQEAEREEFFDETRRLCDLRLFQPFLKVIEPVGNREEKILNREIGFAIGMPVCEFDMVKDPEVQDFRRNILNVCKEA
VDLRDLNSPHSRAMYVYPPNVESSPELPKHIYNKLDKGQIIVVIWVIVSPNNDKQKYTLKINHDCVPEQVIAEAIRKKTR
SMLLSSEQLKLCVLEYQGKYILKVCGCDEYFLEKYPLSQYKYIRSCIMLGRMPNLMLMAKESLYSQLPMDCFTMPSYSRR
ISTATPYMNGETSTKSLWVINSALRIKILCATYVNVNIRDIDKIYVRTGIYHGGEPLCDNVNTQRVPCSNPRWNEWLNYD
IYIPDLPRAARLCLSICSVKGRKGAKEEHCPLAWGNINLFDYTDTLVSGKMALNLWPVPHGLEDLLNPIGVTGSNPNKET
PCLELEFDWFSSVVKFPDMSVIEEHANWSVSREAGFSYSHAGLSNRLARDNELRENDKEQLKAISTRDPLSEITEQEKDF
LWSHRHYCVTIPEILPKLLLSVKWNSRDEVAQMYCLVKDWPPIKPEQAMELLDCNYPDPMVRGFAVRCLEKYLTDDKLSQ
YLIQLVQVLKYEQYLDNLLVRFLLKKALTNQRIGHFFFWHLKSEMHNKTVSQRFGLLLESYCRACGMYLKHLNRQVEAME
KLINLTDILKQEKKDETQKVQMKFLVEQMRRPDFMDALQGFLSPLNPAHQLGNLRLEECRIMSSAKRPLWLNWENPDIMS
ELLFQNNEIIFKNGDDLRQDMLTLQIIRIMENIWQNQGLDLRMLPYGCLSIGDCVGLIEVVRNSHTIMQIQCKGGLKGAL
QFNSHTLHQWLKDKNKGEIYDAAIDLFTRSCAGYCVATFILGIGDRHNSNIMVKDDGQLFHIDFGHFLDHKKKKFGYKRE
RVPFVLTQDFLIVISKGAQECTKTREFERFQEMCYKAYLAIRQHANLFINLFSMMLGSGMPELQSFDDIAYIRKTLALDK
TEQEALEYFMKQMNDAHHGGWTT
;
A
2 'polypeptide(L)'
;GPANNGMNNNMSLQDAEWYWGDISREEVNEKLRDTADGTFLVRDASTKMHGDYTLTLRKGGNNKLIKIFHRDGKYGFSDP
LTFSSVVELINHYRNESLAQYNPKLDVKLLYPVSKYQQDQVVKEDNIEAVGKKLHEYNTQFQEKSREYDRLYEEYTRTSQ
EIQMKRTAIEAFNETIKIFEEQCQTQERYSKEYIEKFKREGNEKEIQRIMHNYDKLKSRISEIIDSRRRLEEDLKKQAAE
YREIDKRMNSIKPDLIQLRKTRDQYLMWLTQKGVRQKKLNEWLGNENTEDQYSLVEDDED
;
B
#
loop_
_chem_comp.id
_chem_comp.type
_chem_comp.name
_chem_comp.formula
XUZ non-polymer N-{(3R,6M)-3-(2-chloro-5-fluorophenyl)-6-[(4S)-5-cyano[1,2,4]triazolo[1,5-a]pyridin-6-yl]-1-oxo-2,3-dihydro-1H-isoindol-4-yl}-3-fluoro-5-(trifluoromethyl)benzamide 'C29 H14 Cl F5 N6 O2'
#
# COMPACT_ATOMS: atom_id res chain seq x y z
N PRO A 15 -15.87 -11.40 -2.32
CA PRO A 15 -16.31 -11.75 -3.68
C PRO A 15 -17.35 -12.88 -3.67
N SER A 16 -17.35 -13.68 -2.61
CA SER A 16 -18.36 -14.72 -2.44
C SER A 16 -18.34 -15.24 -1.00
N SER A 17 -19.37 -14.90 -0.23
CA SER A 17 -19.46 -15.32 1.15
C SER A 17 -19.88 -16.79 1.30
N GLY A 18 -20.36 -17.41 0.24
CA GLY A 18 -20.77 -18.81 0.32
C GLY A 18 -21.16 -19.33 -1.04
N GLU A 19 -21.55 -20.60 -1.06
CA GLU A 19 -21.91 -21.28 -2.29
C GLU A 19 -23.25 -20.82 -2.85
N LEU A 20 -24.04 -20.11 -2.06
CA LEU A 20 -25.25 -19.46 -2.54
C LEU A 20 -25.43 -18.17 -1.78
N TRP A 21 -26.19 -17.24 -2.36
CA TRP A 21 -26.38 -15.93 -1.74
C TRP A 21 -26.95 -16.10 -0.35
N GLY A 22 -26.21 -15.65 0.66
CA GLY A 22 -26.66 -15.76 2.03
C GLY A 22 -26.60 -17.15 2.61
N ILE A 23 -25.79 -18.04 2.02
CA ILE A 23 -25.68 -19.42 2.46
C ILE A 23 -24.23 -19.84 2.34
N HIS A 24 -23.64 -20.25 3.47
CA HIS A 24 -22.23 -20.65 3.47
C HIS A 24 -22.00 -21.86 2.57
N LEU A 25 -22.74 -22.94 2.82
CA LEU A 25 -22.58 -24.18 2.09
C LEU A 25 -23.93 -24.69 1.61
N MET A 26 -23.94 -25.28 0.43
CA MET A 26 -25.15 -25.92 -0.06
C MET A 26 -25.43 -27.18 0.75
N PRO A 27 -26.69 -27.51 1.00
CA PRO A 27 -27.02 -28.83 1.54
C PRO A 27 -26.53 -29.92 0.61
N PRO A 28 -26.44 -31.16 1.07
CA PRO A 28 -25.96 -32.24 0.19
C PRO A 28 -26.77 -32.36 -1.09
N ARG A 29 -28.05 -32.01 -1.05
CA ARG A 29 -28.93 -32.10 -2.20
C ARG A 29 -29.83 -30.87 -2.25
N ILE A 30 -29.87 -30.21 -3.41
CA ILE A 30 -30.67 -29.02 -3.60
C ILE A 30 -31.40 -29.13 -4.93
N LEU A 31 -32.47 -28.35 -5.05
CA LEU A 31 -33.31 -28.34 -6.25
C LEU A 31 -32.90 -27.18 -7.14
N VAL A 32 -32.46 -27.49 -8.35
CA VAL A 32 -31.96 -26.50 -9.29
C VAL A 32 -33.01 -26.30 -10.38
N GLU A 33 -33.43 -25.04 -10.56
CA GLU A 33 -34.38 -24.70 -11.62
C GLU A 33 -33.62 -24.59 -12.94
N CYS A 34 -33.94 -25.47 -13.89
CA CYS A 34 -33.24 -25.52 -15.18
C CYS A 34 -34.16 -24.98 -16.27
N LEU A 35 -33.70 -23.95 -16.97
CA LEU A 35 -34.45 -23.32 -18.05
C LEU A 35 -33.93 -23.86 -19.38
N LEU A 36 -34.82 -24.41 -20.19
CA LEU A 36 -34.46 -25.07 -21.44
C LEU A 36 -34.57 -24.10 -22.62
N PRO A 37 -33.98 -24.45 -23.77
CA PRO A 37 -34.12 -23.58 -24.95
C PRO A 37 -35.53 -23.57 -25.50
N ASN A 38 -36.37 -24.53 -25.12
CA ASN A 38 -37.81 -24.34 -25.13
C ASN A 38 -38.22 -23.81 -23.75
N GLY A 39 -39.36 -23.14 -23.70
CA GLY A 39 -39.74 -22.43 -22.50
C GLY A 39 -40.14 -23.30 -21.33
N MET A 40 -39.68 -24.54 -21.28
CA MET A 40 -40.00 -25.45 -20.20
C MET A 40 -39.01 -25.27 -19.05
N ILE A 41 -39.54 -25.25 -17.82
CA ILE A 41 -38.74 -25.12 -16.62
C ILE A 41 -38.76 -26.47 -15.90
N VAL A 42 -37.57 -26.99 -15.60
CA VAL A 42 -37.40 -28.32 -15.05
C VAL A 42 -36.67 -28.20 -13.71
N THR A 43 -37.31 -28.70 -12.65
CA THR A 43 -36.67 -28.78 -11.34
C THR A 43 -35.82 -30.05 -11.27
N LEU A 44 -34.52 -29.87 -11.12
CA LEU A 44 -33.57 -30.98 -11.09
C LEU A 44 -32.95 -31.06 -9.71
N GLU A 45 -33.15 -32.18 -9.03
CA GLU A 45 -32.44 -32.45 -7.79
C GLU A 45 -31.05 -32.98 -8.11
N CYS A 46 -30.02 -32.37 -7.53
CA CYS A 46 -28.66 -32.77 -7.83
C CYS A 46 -27.79 -32.54 -6.60
N LEU A 47 -26.66 -33.24 -6.58
CA LEU A 47 -25.76 -33.16 -5.44
C LEU A 47 -25.04 -31.82 -5.40
N ARG A 48 -24.66 -31.41 -4.19
CA ARG A 48 -23.87 -30.19 -4.04
C ARG A 48 -22.63 -30.23 -4.91
N GLU A 49 -21.94 -31.37 -4.95
CA GLU A 49 -20.67 -31.50 -5.63
C GLU A 49 -20.80 -31.92 -7.10
N ALA A 50 -22.02 -32.07 -7.60
CA ALA A 50 -22.22 -32.56 -8.96
C ALA A 50 -21.57 -31.62 -9.97
N THR A 51 -20.79 -32.18 -10.88
CA THR A 51 -20.19 -31.41 -11.96
C THR A 51 -21.22 -31.10 -13.02
N LEU A 52 -21.02 -29.98 -13.73
CA LEU A 52 -21.99 -29.55 -14.72
C LEU A 52 -22.15 -30.57 -15.84
N ILE A 53 -21.10 -31.35 -16.13
CA ILE A 53 -21.25 -32.45 -17.08
C ILE A 53 -22.34 -33.41 -16.61
N THR A 54 -22.33 -33.73 -15.31
CA THR A 54 -23.37 -34.59 -14.76
C THR A 54 -24.73 -33.90 -14.76
N ILE A 55 -24.75 -32.60 -14.45
CA ILE A 55 -26.01 -31.85 -14.46
C ILE A 55 -26.61 -31.88 -15.85
N LYS A 56 -25.85 -31.43 -16.85
CA LYS A 56 -26.38 -31.31 -18.21
C LYS A 56 -26.89 -32.66 -18.71
N HIS A 57 -26.17 -33.74 -18.42
CA HIS A 57 -26.58 -35.06 -18.89
C HIS A 57 -27.87 -35.50 -18.23
N GLU A 58 -27.98 -35.33 -16.91
CA GLU A 58 -29.19 -35.74 -16.21
C GLU A 58 -30.36 -34.80 -16.49
N LEU A 59 -30.09 -33.55 -16.86
CA LEU A 59 -31.16 -32.63 -17.23
C LEU A 59 -31.83 -33.09 -18.51
N PHE A 60 -31.07 -33.15 -19.61
CA PHE A 60 -31.63 -33.62 -20.87
C PHE A 60 -32.17 -35.03 -20.77
N LYS A 61 -31.73 -35.79 -19.75
CA LYS A 61 -32.34 -37.08 -19.48
C LYS A 61 -33.71 -36.91 -18.84
N GLU A 62 -33.84 -35.93 -17.94
CA GLU A 62 -35.13 -35.64 -17.31
C GLU A 62 -36.05 -34.84 -18.23
N ALA A 63 -35.48 -34.05 -19.14
CA ALA A 63 -36.29 -33.18 -19.99
C ALA A 63 -37.26 -33.97 -20.85
N ARG A 64 -36.97 -35.24 -21.13
CA ARG A 64 -37.88 -36.03 -21.96
C ARG A 64 -39.23 -36.24 -21.30
N LYS A 65 -39.33 -36.02 -19.99
CA LYS A 65 -40.61 -36.12 -19.30
C LYS A 65 -41.47 -34.86 -19.46
N TYR A 66 -40.93 -33.81 -20.05
CA TYR A 66 -41.61 -32.53 -20.16
C TYR A 66 -41.99 -32.22 -21.60
N PRO A 67 -42.96 -31.33 -21.82
CA PRO A 67 -43.47 -31.10 -23.18
C PRO A 67 -42.40 -30.61 -24.14
N LEU A 68 -42.72 -30.72 -25.43
CA LEU A 68 -41.92 -30.12 -26.51
C LEU A 68 -40.46 -30.58 -26.45
N HIS A 69 -40.24 -31.87 -26.23
CA HIS A 69 -38.88 -32.39 -26.23
C HIS A 69 -38.27 -32.40 -27.63
N GLN A 70 -39.11 -32.52 -28.66
CA GLN A 70 -38.60 -32.63 -30.02
C GLN A 70 -37.75 -31.42 -30.40
N LEU A 71 -38.03 -30.26 -29.81
CA LEU A 71 -37.31 -29.04 -30.19
C LEU A 71 -35.87 -29.05 -29.70
N LEU A 72 -35.54 -29.88 -28.72
CA LEU A 72 -34.20 -29.87 -28.14
C LEU A 72 -33.20 -30.56 -29.06
N GLN A 73 -32.11 -29.86 -29.35
CA GLN A 73 -31.00 -30.46 -30.08
C GLN A 73 -30.31 -31.47 -29.15
N ASP A 74 -29.14 -31.97 -29.57
CA ASP A 74 -28.42 -32.93 -28.76
C ASP A 74 -27.75 -32.24 -27.58
N GLU A 75 -27.78 -32.90 -26.43
CA GLU A 75 -27.13 -32.46 -25.21
C GLU A 75 -25.81 -31.74 -25.46
N SER A 76 -24.98 -32.28 -26.36
CA SER A 76 -23.64 -31.75 -26.57
C SER A 76 -23.63 -30.38 -27.22
N SER A 77 -24.75 -29.91 -27.76
CA SER A 77 -24.81 -28.65 -28.48
C SER A 77 -25.21 -27.48 -27.60
N TYR A 78 -25.23 -27.67 -26.27
CA TYR A 78 -25.65 -26.62 -25.35
C TYR A 78 -24.67 -26.53 -24.19
N ILE A 79 -24.71 -25.39 -23.49
CA ILE A 79 -24.00 -25.17 -22.25
C ILE A 79 -24.93 -24.44 -21.28
N PHE A 80 -24.47 -24.28 -20.05
CA PHE A 80 -25.22 -23.58 -19.02
C PHE A 80 -24.76 -22.14 -18.89
N VAL A 81 -25.70 -21.25 -18.58
CA VAL A 81 -25.41 -19.88 -18.21
C VAL A 81 -26.28 -19.55 -17.00
N SER A 82 -25.74 -18.72 -16.12
CA SER A 82 -26.43 -18.36 -14.88
C SER A 82 -25.83 -17.06 -14.35
N VAL A 83 -26.32 -16.64 -13.18
CA VAL A 83 -25.94 -15.38 -12.56
C VAL A 83 -25.15 -15.68 -11.31
N THR A 84 -24.00 -15.02 -11.17
CA THR A 84 -23.12 -15.22 -10.03
C THR A 84 -23.44 -14.21 -8.93
N GLN A 85 -22.87 -14.45 -7.75
CA GLN A 85 -23.01 -13.51 -6.63
C GLN A 85 -22.31 -12.19 -6.90
N GLU A 86 -21.54 -12.08 -7.98
CA GLU A 86 -20.98 -10.83 -8.45
C GLU A 86 -21.86 -10.17 -9.52
N ALA A 87 -23.07 -10.69 -9.72
CA ALA A 87 -24.05 -10.13 -10.66
C ALA A 87 -23.61 -10.31 -12.11
N GLU A 88 -22.85 -11.35 -12.40
CA GLU A 88 -22.36 -11.62 -13.75
C GLU A 88 -23.16 -12.74 -14.38
N ARG A 89 -23.59 -12.52 -15.62
CA ARG A 89 -24.17 -13.59 -16.44
C ARG A 89 -23.00 -14.41 -16.99
N GLU A 90 -22.68 -15.51 -16.31
CA GLU A 90 -21.47 -16.27 -16.59
C GLU A 90 -21.81 -17.51 -17.41
N GLU A 91 -21.12 -17.68 -18.54
CA GLU A 91 -21.26 -18.86 -19.38
C GLU A 91 -20.32 -19.95 -18.88
N PHE A 92 -20.89 -21.07 -18.42
CA PHE A 92 -20.11 -22.14 -17.81
C PHE A 92 -19.57 -23.05 -18.90
N PHE A 93 -18.51 -22.58 -19.55
CA PHE A 93 -17.84 -23.40 -20.56
C PHE A 93 -17.12 -24.57 -19.92
N ASP A 94 -16.33 -24.31 -18.87
CA ASP A 94 -15.64 -25.38 -18.17
C ASP A 94 -16.64 -26.23 -17.40
N GLU A 95 -17.24 -27.21 -18.08
CA GLU A 95 -18.30 -28.03 -17.49
C GLU A 95 -17.77 -29.02 -16.45
N THR A 96 -16.49 -28.99 -16.10
CA THR A 96 -15.95 -29.89 -15.09
C THR A 96 -16.17 -29.38 -13.67
N ARG A 97 -16.59 -28.13 -13.50
CA ARG A 97 -16.68 -27.52 -12.19
C ARG A 97 -17.88 -28.05 -11.40
N ARG A 98 -17.69 -28.17 -10.09
CA ARG A 98 -18.76 -28.58 -9.20
C ARG A 98 -19.83 -27.49 -9.12
N LEU A 99 -21.08 -27.92 -8.97
CA LEU A 99 -22.19 -26.99 -8.83
C LEU A 99 -21.90 -25.94 -7.76
N CYS A 100 -21.41 -26.39 -6.60
CA CYS A 100 -21.22 -25.51 -5.46
C CYS A 100 -20.02 -24.58 -5.60
N ASP A 101 -19.18 -24.76 -6.63
CA ASP A 101 -18.06 -23.87 -6.86
C ASP A 101 -18.39 -22.76 -7.86
N LEU A 102 -19.62 -22.71 -8.35
CA LEU A 102 -20.01 -21.72 -9.34
C LEU A 102 -20.23 -20.34 -8.75
N ARG A 103 -20.42 -20.24 -7.43
CA ARG A 103 -20.72 -18.96 -6.77
C ARG A 103 -22.04 -18.40 -7.29
N LEU A 104 -23.04 -19.28 -7.38
CA LEU A 104 -24.33 -18.89 -7.93
C LEU A 104 -25.06 -17.93 -6.99
N PHE A 105 -25.79 -16.99 -7.59
CA PHE A 105 -26.67 -16.12 -6.83
C PHE A 105 -27.92 -16.87 -6.38
N GLN A 106 -28.61 -17.50 -7.32
CA GLN A 106 -29.76 -18.35 -7.05
C GLN A 106 -29.55 -19.69 -7.72
N PRO A 107 -30.10 -20.78 -7.14
CA PRO A 107 -29.91 -22.10 -7.74
C PRO A 107 -30.74 -22.31 -9.00
N PHE A 108 -30.27 -21.80 -10.13
CA PHE A 108 -30.94 -22.00 -11.40
C PHE A 108 -29.90 -22.03 -12.51
N LEU A 109 -30.22 -22.71 -13.61
CA LEU A 109 -29.34 -22.81 -14.75
C LEU A 109 -30.14 -22.61 -16.04
N LYS A 110 -29.63 -21.72 -16.90
CA LYS A 110 -30.25 -21.42 -18.19
C LYS A 110 -29.43 -22.09 -19.28
N VAL A 111 -30.11 -22.88 -20.12
CA VAL A 111 -29.45 -23.62 -21.19
C VAL A 111 -29.40 -22.77 -22.45
N ILE A 112 -28.20 -22.65 -23.03
CA ILE A 112 -27.99 -21.87 -24.24
C ILE A 112 -26.99 -22.58 -25.13
N GLU A 113 -27.00 -22.21 -26.40
CA GLU A 113 -25.96 -22.66 -27.32
C GLU A 113 -24.69 -21.85 -27.09
N PRO A 114 -23.52 -22.48 -26.98
CA PRO A 114 -22.31 -21.71 -26.71
C PRO A 114 -21.95 -20.80 -27.87
N VAL A 115 -21.42 -19.63 -27.54
CA VAL A 115 -21.01 -18.64 -28.53
C VAL A 115 -19.75 -17.94 -28.00
N GLY A 116 -18.87 -17.60 -28.94
CA GLY A 116 -17.60 -16.98 -28.59
C GLY A 116 -16.52 -18.01 -28.34
N ASN A 117 -15.32 -17.50 -28.07
CA ASN A 117 -14.16 -18.36 -27.88
C ASN A 117 -14.23 -19.07 -26.54
N ARG A 118 -14.30 -20.41 -26.59
CA ARG A 118 -14.39 -21.19 -25.36
C ARG A 118 -13.20 -20.92 -24.45
N GLU A 119 -11.98 -21.03 -24.99
CA GLU A 119 -10.78 -20.91 -24.15
C GLU A 119 -10.69 -19.52 -23.52
N GLU A 120 -10.96 -18.47 -24.31
CA GLU A 120 -10.92 -17.12 -23.77
C GLU A 120 -11.89 -16.97 -22.61
N LYS A 121 -13.09 -17.53 -22.74
CA LYS A 121 -14.09 -17.42 -21.68
C LYS A 121 -13.67 -18.20 -20.44
N ILE A 122 -13.13 -19.40 -20.62
CA ILE A 122 -12.66 -20.19 -19.48
C ILE A 122 -11.51 -19.46 -18.79
N LEU A 123 -10.65 -18.80 -19.58
CA LEU A 123 -9.50 -18.11 -19.00
C LEU A 123 -9.92 -16.85 -18.26
N ASN A 124 -10.88 -16.10 -18.80
CA ASN A 124 -11.34 -14.88 -18.14
C ASN A 124 -11.97 -15.19 -16.80
N ARG A 125 -12.71 -16.29 -16.71
CA ARG A 125 -13.28 -16.70 -15.42
C ARG A 125 -12.18 -16.96 -14.40
N GLU A 126 -11.09 -17.59 -14.83
CA GLU A 126 -9.99 -17.86 -13.91
C GLU A 126 -9.28 -16.58 -13.51
N ILE A 127 -9.13 -15.63 -14.44
CA ILE A 127 -8.58 -14.33 -14.08
C ILE A 127 -9.50 -13.61 -13.12
N GLY A 128 -10.81 -13.64 -13.38
CA GLY A 128 -11.76 -12.95 -12.52
C GLY A 128 -11.71 -13.46 -11.09
N PHE A 129 -11.63 -14.78 -10.91
CA PHE A 129 -11.48 -15.33 -9.57
C PHE A 129 -10.18 -14.84 -8.93
N ALA A 130 -9.11 -14.73 -9.72
CA ALA A 130 -7.83 -14.32 -9.17
C ALA A 130 -7.86 -12.88 -8.70
N ILE A 131 -8.30 -11.96 -9.57
CA ILE A 131 -8.27 -10.54 -9.24
C ILE A 131 -9.45 -10.08 -8.40
N GLY A 132 -10.46 -10.93 -8.23
CA GLY A 132 -11.57 -10.63 -7.36
C GLY A 132 -12.75 -9.93 -8.01
N MET A 133 -12.72 -9.74 -9.33
CA MET A 133 -13.84 -9.10 -10.01
C MET A 133 -13.93 -9.64 -11.43
N PRO A 134 -15.13 -9.66 -12.02
CA PRO A 134 -15.27 -10.21 -13.37
C PRO A 134 -14.62 -9.31 -14.41
N VAL A 135 -13.92 -9.94 -15.37
CA VAL A 135 -13.24 -9.16 -16.39
C VAL A 135 -14.24 -8.44 -17.28
N CYS A 136 -15.44 -8.99 -17.44
CA CYS A 136 -16.43 -8.38 -18.33
C CYS A 136 -16.78 -6.96 -17.90
N GLU A 137 -16.62 -6.65 -16.60
CA GLU A 137 -16.95 -5.30 -16.14
C GLU A 137 -16.04 -4.25 -16.78
N PHE A 138 -14.83 -4.65 -17.22
CA PHE A 138 -13.96 -3.73 -17.92
C PHE A 138 -14.48 -3.44 -19.33
N ASP A 139 -15.13 -4.43 -19.97
CA ASP A 139 -15.60 -4.25 -21.34
C ASP A 139 -16.64 -3.14 -21.43
N MET A 140 -17.42 -2.93 -20.37
CA MET A 140 -18.51 -1.97 -20.38
C MET A 140 -18.06 -0.53 -20.12
N VAL A 141 -16.78 -0.30 -19.90
CA VAL A 141 -16.29 1.02 -19.52
C VAL A 141 -16.30 1.94 -20.74
N LYS A 142 -17.00 3.07 -20.62
CA LYS A 142 -17.02 4.04 -21.72
C LYS A 142 -15.66 4.70 -21.91
N ASP A 143 -14.95 4.96 -20.81
CA ASP A 143 -13.72 5.75 -20.84
C ASP A 143 -12.74 5.18 -21.86
N PRO A 144 -12.32 5.97 -22.86
CA PRO A 144 -11.35 5.43 -23.82
C PRO A 144 -9.96 5.23 -23.25
N GLU A 145 -9.59 5.94 -22.20
CA GLU A 145 -8.29 5.72 -21.58
C GLU A 145 -8.19 4.29 -21.05
N VAL A 146 -9.28 3.77 -20.49
CA VAL A 146 -9.30 2.39 -20.03
C VAL A 146 -9.11 1.42 -21.19
N GLN A 147 -9.89 1.61 -22.26
CA GLN A 147 -9.81 0.69 -23.39
C GLN A 147 -8.45 0.78 -24.08
N ASP A 148 -7.88 1.98 -24.17
CA ASP A 148 -6.55 2.11 -24.76
C ASP A 148 -5.50 1.44 -23.89
N PHE A 149 -5.66 1.51 -22.56
CA PHE A 149 -4.72 0.85 -21.67
C PHE A 149 -4.75 -0.66 -21.87
N ARG A 150 -5.93 -1.25 -21.86
CA ARG A 150 -6.05 -2.70 -21.99
C ARG A 150 -5.32 -3.19 -23.24
N ARG A 151 -5.39 -2.43 -24.34
CA ARG A 151 -4.77 -2.86 -25.58
C ARG A 151 -3.28 -2.54 -25.60
N ASN A 152 -2.89 -1.38 -25.10
CA ASN A 152 -1.57 -0.84 -25.35
C ASN A 152 -0.48 -1.41 -24.45
N ILE A 153 -0.83 -2.09 -23.36
CA ILE A 153 0.19 -2.78 -22.57
C ILE A 153 0.33 -4.25 -22.93
N LEU A 154 -0.52 -4.76 -23.83
CA LEU A 154 -0.37 -6.14 -24.27
C LEU A 154 0.96 -6.38 -24.97
N ASN A 155 1.60 -5.32 -25.48
CA ASN A 155 2.93 -5.48 -26.05
C ASN A 155 3.98 -5.65 -24.95
N VAL A 156 3.75 -5.06 -23.77
CA VAL A 156 4.63 -5.34 -22.63
C VAL A 156 4.48 -6.79 -22.21
N CYS A 157 3.26 -7.33 -22.29
CA CYS A 157 3.07 -8.75 -22.03
C CYS A 157 3.78 -9.60 -23.08
N LYS A 158 3.64 -9.24 -24.35
CA LYS A 158 4.31 -9.99 -25.41
C LYS A 158 5.82 -9.93 -25.25
N GLU A 159 6.36 -8.74 -24.99
CA GLU A 159 7.80 -8.60 -24.78
C GLU A 159 8.28 -9.54 -23.68
N ALA A 160 7.54 -9.62 -22.57
CA ALA A 160 7.97 -10.42 -21.44
C ALA A 160 7.83 -11.92 -21.74
N VAL A 161 6.73 -12.32 -22.37
CA VAL A 161 6.55 -13.73 -22.69
C VAL A 161 7.59 -14.19 -23.70
N ASP A 162 7.76 -13.44 -24.79
CA ASP A 162 8.78 -13.80 -25.78
C ASP A 162 10.17 -13.84 -25.16
N LEU A 163 10.43 -12.98 -24.18
CA LEU A 163 11.78 -12.90 -23.61
C LEU A 163 12.09 -14.12 -22.76
N ARG A 164 11.09 -14.65 -22.07
CA ARG A 164 11.33 -15.78 -21.17
C ARG A 164 11.12 -17.13 -21.83
N ASP A 165 10.50 -17.18 -23.00
CA ASP A 165 10.41 -18.40 -23.80
C ASP A 165 11.51 -18.47 -24.86
N LEU A 166 12.54 -17.63 -24.73
CA LEU A 166 13.58 -17.55 -25.75
C LEU A 166 14.48 -18.80 -25.72
N ASN A 167 15.18 -19.02 -24.61
CA ASN A 167 16.09 -20.14 -24.48
C ASN A 167 15.49 -21.22 -23.59
N SER A 168 14.32 -21.72 -24.00
CA SER A 168 13.64 -22.73 -23.23
C SER A 168 14.49 -24.02 -23.18
N PRO A 169 14.36 -24.81 -22.10
CA PRO A 169 13.56 -24.58 -20.89
C PRO A 169 14.28 -23.73 -19.85
N HIS A 170 15.57 -23.42 -20.05
CA HIS A 170 16.33 -22.69 -19.04
C HIS A 170 15.71 -21.33 -18.76
N SER A 171 15.48 -20.54 -19.80
CA SER A 171 14.88 -19.22 -19.60
C SER A 171 13.53 -19.33 -18.89
N ARG A 172 12.79 -20.41 -19.13
CA ARG A 172 11.54 -20.61 -18.43
C ARG A 172 11.77 -20.97 -16.96
N ALA A 173 12.85 -21.70 -16.68
CA ALA A 173 13.17 -22.00 -15.28
C ALA A 173 13.68 -20.76 -14.55
N MET A 174 14.45 -19.92 -15.25
CA MET A 174 14.93 -18.67 -14.63
C MET A 174 13.78 -17.73 -14.29
N TYR A 175 12.62 -17.89 -14.94
CA TYR A 175 11.46 -17.08 -14.61
C TYR A 175 10.76 -17.60 -13.36
N VAL A 176 10.50 -18.90 -13.30
CA VAL A 176 9.76 -19.47 -12.18
C VAL A 176 10.64 -19.58 -10.94
N TYR A 177 11.92 -19.90 -11.12
CA TYR A 177 12.86 -20.09 -10.01
C TYR A 177 14.06 -19.17 -10.20
N PRO A 178 13.86 -17.86 -10.05
CA PRO A 178 14.96 -16.93 -10.28
C PRO A 178 15.99 -17.02 -9.17
N PRO A 179 17.26 -16.77 -9.46
CA PRO A 179 18.28 -16.84 -8.41
C PRO A 179 18.02 -15.82 -7.32
N ASN A 180 18.02 -16.29 -6.07
CA ASN A 180 17.83 -15.44 -4.90
C ASN A 180 19.21 -15.02 -4.40
N VAL A 181 19.70 -13.90 -4.91
CA VAL A 181 21.08 -13.50 -4.71
C VAL A 181 21.15 -12.09 -4.12
N GLU A 182 22.20 -11.84 -3.34
CA GLU A 182 22.48 -10.49 -2.88
C GLU A 182 22.81 -9.59 -4.08
N SER A 183 22.77 -8.28 -3.84
CA SER A 183 23.03 -7.31 -4.90
C SER A 183 24.51 -7.17 -5.22
N SER A 184 25.40 -7.70 -4.38
CA SER A 184 26.84 -7.58 -4.61
C SER A 184 27.55 -8.86 -4.18
N PRO A 185 28.48 -9.36 -4.99
CA PRO A 185 29.27 -10.52 -4.56
C PRO A 185 30.29 -10.18 -3.49
N GLU A 186 30.60 -8.90 -3.30
CA GLU A 186 31.65 -8.46 -2.40
C GLU A 186 31.15 -8.54 -0.97
N LEU A 187 31.30 -9.70 -0.36
CA LEU A 187 30.91 -9.88 1.03
C LEU A 187 31.85 -9.09 1.94
N PRO A 188 31.33 -8.45 2.98
CA PRO A 188 32.19 -7.69 3.90
C PRO A 188 33.01 -8.63 4.77
N LYS A 189 34.00 -8.05 5.46
CA LYS A 189 35.04 -8.87 6.07
C LYS A 189 34.55 -9.60 7.31
N HIS A 190 33.54 -9.08 8.02
CA HIS A 190 33.02 -9.80 9.17
C HIS A 190 32.28 -11.06 8.75
N ILE A 191 31.79 -11.12 7.50
CA ILE A 191 31.29 -12.38 6.95
C ILE A 191 32.45 -13.25 6.51
N TYR A 192 33.44 -12.65 5.84
CA TYR A 192 34.58 -13.41 5.34
C TYR A 192 35.35 -14.08 6.48
N ASN A 193 35.43 -13.43 7.65
CA ASN A 193 36.23 -13.96 8.74
C ASN A 193 35.66 -15.26 9.32
N LYS A 194 34.39 -15.56 9.03
CA LYS A 194 33.83 -16.86 9.41
C LYS A 194 34.12 -17.95 8.39
N LEU A 195 34.70 -17.59 7.24
CA LEU A 195 35.14 -18.59 6.28
C LEU A 195 36.48 -19.17 6.71
N ASP A 196 36.62 -20.48 6.57
CA ASP A 196 37.87 -21.16 6.86
C ASP A 196 38.89 -20.78 5.79
N LYS A 197 39.82 -19.90 6.15
CA LYS A 197 40.79 -19.32 5.22
C LYS A 197 40.18 -19.11 3.84
N GLY A 198 39.11 -18.32 3.81
CA GLY A 198 38.46 -17.96 2.58
C GLY A 198 37.66 -19.05 1.92
N GLN A 199 37.32 -20.11 2.66
CA GLN A 199 36.59 -21.24 2.10
C GLN A 199 35.38 -21.56 2.96
N ILE A 200 34.45 -22.31 2.37
CA ILE A 200 33.22 -22.71 3.03
C ILE A 200 33.07 -24.22 2.90
N ILE A 201 32.43 -24.83 3.89
CA ILE A 201 32.14 -26.26 3.88
C ILE A 201 30.67 -26.44 3.56
N VAL A 202 30.37 -27.28 2.58
CA VAL A 202 29.02 -27.52 2.11
C VAL A 202 28.81 -29.02 1.97
N VAL A 203 27.56 -29.45 2.13
CA VAL A 203 27.20 -30.86 2.05
C VAL A 203 26.20 -31.03 0.92
N ILE A 204 26.49 -31.96 0.01
CA ILE A 204 25.65 -32.22 -1.15
C ILE A 204 24.96 -33.56 -0.94
N TRP A 205 23.64 -33.59 -1.17
CA TRP A 205 22.83 -34.76 -0.95
C TRP A 205 22.32 -35.32 -2.28
N VAL A 206 22.08 -36.63 -2.31
CA VAL A 206 21.57 -37.31 -3.49
C VAL A 206 20.60 -38.39 -3.04
N ILE A 207 19.48 -38.52 -3.74
CA ILE A 207 18.46 -39.51 -3.44
C ILE A 207 18.67 -40.71 -4.37
N VAL A 208 18.54 -41.91 -3.80
CA VAL A 208 18.58 -43.16 -4.56
C VAL A 208 17.20 -43.78 -4.51
N SER A 209 16.82 -44.44 -5.62
CA SER A 209 15.40 -44.67 -5.89
C SER A 209 14.77 -45.74 -5.01
N PRO A 210 15.36 -46.94 -4.85
CA PRO A 210 14.62 -48.08 -4.27
C PRO A 210 13.71 -47.73 -3.10
N ASN A 211 14.12 -46.78 -2.26
CA ASN A 211 13.26 -46.33 -1.18
C ASN A 211 13.42 -44.83 -0.90
N ASN A 212 13.88 -44.06 -1.88
CA ASN A 212 14.21 -42.64 -1.68
C ASN A 212 15.20 -42.46 -0.52
N ASP A 213 16.01 -43.47 -0.26
CA ASP A 213 17.14 -43.32 0.64
C ASP A 213 18.10 -42.28 0.09
N LYS A 214 18.85 -41.63 0.96
CA LYS A 214 19.64 -40.48 0.60
C LYS A 214 21.05 -40.60 1.17
N GLN A 215 22.01 -40.03 0.45
CA GLN A 215 23.42 -40.06 0.82
C GLN A 215 24.00 -38.67 0.62
N LYS A 216 25.00 -38.33 1.45
CA LYS A 216 25.55 -36.98 1.49
C LYS A 216 27.03 -37.00 1.15
N TYR A 217 27.51 -35.88 0.62
CA TYR A 217 28.91 -35.70 0.26
C TYR A 217 29.36 -34.33 0.73
N THR A 218 30.24 -34.28 1.73
CA THR A 218 30.70 -33.02 2.28
C THR A 218 31.89 -32.49 1.48
N LEU A 219 31.85 -31.19 1.20
CA LEU A 219 32.88 -30.53 0.39
C LEU A 219 33.38 -29.28 1.10
N LYS A 220 34.64 -28.94 0.85
CA LYS A 220 35.21 -27.64 1.22
C LYS A 220 35.64 -26.95 -0.06
N ILE A 221 35.14 -25.73 -0.28
CA ILE A 221 35.31 -25.02 -1.54
C ILE A 221 35.48 -23.54 -1.27
N ASN A 222 36.07 -22.84 -2.24
CA ASN A 222 36.12 -21.39 -2.18
C ASN A 222 34.72 -20.82 -2.15
N HIS A 223 34.52 -19.82 -1.29
CA HIS A 223 33.19 -19.23 -1.13
C HIS A 223 32.64 -18.70 -2.45
N ASP A 224 33.50 -18.37 -3.41
CA ASP A 224 33.08 -17.75 -4.66
C ASP A 224 33.01 -18.75 -5.81
N CYS A 225 32.90 -20.05 -5.53
CA CYS A 225 32.71 -21.03 -6.57
C CYS A 225 31.30 -20.91 -7.15
N VAL A 226 31.19 -20.99 -8.47
CA VAL A 226 29.89 -20.98 -9.11
C VAL A 226 29.26 -22.35 -8.89
N PRO A 227 27.93 -22.49 -9.03
CA PRO A 227 27.32 -23.81 -8.78
C PRO A 227 27.91 -24.93 -9.63
N GLU A 228 28.22 -24.67 -10.90
CA GLU A 228 28.81 -25.71 -11.72
C GLU A 228 30.17 -26.14 -11.21
N GLN A 229 30.94 -25.20 -10.62
CA GLN A 229 32.20 -25.59 -10.01
C GLN A 229 31.96 -26.44 -8.76
N VAL A 230 30.90 -26.14 -8.01
CA VAL A 230 30.53 -26.99 -6.88
C VAL A 230 30.20 -28.39 -7.37
N ILE A 231 29.46 -28.49 -8.48
CA ILE A 231 29.20 -29.80 -9.07
C ILE A 231 30.49 -30.44 -9.56
N ALA A 232 31.48 -29.62 -9.93
CA ALA A 232 32.77 -30.16 -10.35
C ALA A 232 33.53 -30.73 -9.16
N GLU A 233 33.54 -30.00 -8.04
CA GLU A 233 34.24 -30.50 -6.87
C GLU A 233 33.59 -31.75 -6.30
N ALA A 234 32.27 -31.89 -6.46
CA ALA A 234 31.58 -33.06 -5.93
C ALA A 234 31.93 -34.31 -6.73
N ILE A 235 31.74 -34.26 -8.05
CA ILE A 235 32.10 -35.39 -8.90
C ILE A 235 33.60 -35.64 -8.86
N ARG A 236 34.39 -34.61 -8.56
CA ARG A 236 35.82 -34.79 -8.40
C ARG A 236 36.13 -35.54 -7.11
N LYS A 237 35.38 -35.28 -6.04
CA LYS A 237 35.63 -35.96 -4.78
C LYS A 237 35.18 -37.41 -4.83
N LYS A 238 34.14 -37.72 -5.63
CA LYS A 238 33.66 -39.09 -5.68
C LYS A 238 34.48 -39.96 -6.64
N THR A 239 35.02 -39.38 -7.71
CA THR A 239 35.92 -40.10 -8.61
C THR A 239 37.35 -40.15 -8.09
N ARG A 240 37.53 -39.89 -6.80
CA ARG A 240 38.87 -39.84 -6.21
C ARG A 240 39.68 -41.07 -6.60
N SER A 241 39.15 -42.25 -6.31
CA SER A 241 39.89 -43.51 -6.46
C SER A 241 39.62 -44.22 -7.78
N MET A 242 38.87 -43.60 -8.68
CA MET A 242 38.51 -44.27 -9.94
C MET A 242 39.65 -44.33 -10.93
N LEU A 243 40.78 -43.68 -10.66
CA LEU A 243 41.96 -43.71 -11.54
C LEU A 243 41.60 -43.22 -12.94
N LEU A 244 41.03 -42.01 -13.00
CA LEU A 244 40.64 -41.38 -14.25
C LEU A 244 41.75 -40.47 -14.77
N SER A 245 41.86 -40.40 -16.09
CA SER A 245 42.78 -39.46 -16.71
C SER A 245 42.19 -38.04 -16.68
N SER A 246 43.07 -37.05 -16.84
CA SER A 246 42.64 -35.66 -16.74
C SER A 246 41.51 -35.35 -17.71
N GLU A 247 41.45 -36.05 -18.85
CA GLU A 247 40.42 -35.81 -19.84
C GLU A 247 39.15 -36.60 -19.54
N GLN A 248 39.29 -37.85 -19.07
CA GLN A 248 38.12 -38.61 -18.65
C GLN A 248 37.41 -37.94 -17.48
N LEU A 249 38.16 -37.27 -16.61
CA LEU A 249 37.55 -36.50 -15.54
C LEU A 249 36.74 -35.33 -16.10
N LYS A 250 37.28 -34.67 -17.13
CA LYS A 250 36.56 -33.56 -17.76
C LYS A 250 35.24 -34.03 -18.36
N LEU A 251 35.23 -35.23 -18.95
CA LEU A 251 34.05 -35.69 -19.66
C LEU A 251 32.87 -35.89 -18.69
N CYS A 252 33.12 -36.47 -17.52
CA CYS A 252 32.05 -36.66 -16.56
C CYS A 252 31.72 -35.38 -15.82
N VAL A 253 32.72 -34.53 -15.54
CA VAL A 253 32.42 -33.19 -15.02
C VAL A 253 31.49 -32.47 -15.99
N LEU A 254 31.85 -32.47 -17.28
CA LEU A 254 30.97 -31.88 -18.30
C LEU A 254 29.61 -32.56 -18.30
N GLU A 255 29.58 -33.89 -18.14
CA GLU A 255 28.31 -34.60 -18.11
C GLU A 255 27.43 -34.08 -16.98
N TYR A 256 28.00 -33.96 -15.78
CA TYR A 256 27.21 -33.55 -14.62
C TYR A 256 26.92 -32.06 -14.62
N GLN A 257 27.91 -31.24 -15.00
CA GLN A 257 27.69 -29.79 -15.07
C GLN A 257 26.48 -29.47 -15.94
N GLY A 258 26.29 -30.22 -17.03
CA GLY A 258 25.21 -29.94 -17.95
C GLY A 258 23.97 -30.76 -17.73
N LYS A 259 24.04 -31.74 -16.83
CA LYS A 259 22.92 -32.65 -16.59
C LYS A 259 22.21 -32.41 -15.26
N TYR A 260 22.88 -31.82 -14.28
CA TYR A 260 22.31 -31.61 -12.96
C TYR A 260 22.41 -30.15 -12.57
N ILE A 261 21.56 -29.75 -11.62
CA ILE A 261 21.64 -28.47 -10.94
C ILE A 261 21.51 -28.71 -9.44
N LEU A 262 21.69 -27.65 -8.67
CA LEU A 262 21.67 -27.73 -7.21
C LEU A 262 20.40 -27.07 -6.68
N LYS A 263 19.86 -27.66 -5.62
CA LYS A 263 18.63 -27.20 -4.98
C LYS A 263 18.85 -27.12 -3.47
N VAL A 264 18.21 -26.13 -2.85
CA VAL A 264 18.26 -26.02 -1.40
C VAL A 264 17.37 -27.09 -0.78
N CYS A 265 17.92 -27.83 0.18
CA CYS A 265 17.15 -28.87 0.86
C CYS A 265 16.02 -28.23 1.67
N GLY A 266 14.78 -28.60 1.36
CA GLY A 266 13.64 -28.21 2.16
C GLY A 266 12.75 -27.15 1.56
N CYS A 267 13.17 -26.50 0.48
CA CYS A 267 12.34 -25.48 -0.16
C CYS A 267 12.67 -25.43 -1.65
N ASP A 268 11.85 -24.68 -2.39
CA ASP A 268 11.98 -24.61 -3.85
C ASP A 268 12.86 -23.42 -4.24
N GLU A 269 14.14 -23.52 -3.87
CA GLU A 269 15.17 -22.60 -4.33
C GLU A 269 16.23 -23.40 -5.06
N TYR A 270 16.74 -22.85 -6.16
CA TYR A 270 17.68 -23.54 -7.02
C TYR A 270 18.83 -22.59 -7.38
N PHE A 271 19.93 -23.18 -7.82
CA PHE A 271 21.13 -22.46 -8.24
C PHE A 271 21.26 -22.64 -9.75
N LEU A 272 20.46 -21.88 -10.50
CA LEU A 272 20.39 -22.04 -11.94
C LEU A 272 21.34 -21.10 -12.69
N GLU A 273 21.89 -20.08 -12.05
CA GLU A 273 22.77 -19.13 -12.68
C GLU A 273 24.12 -19.12 -11.98
N LYS A 274 25.13 -18.64 -12.70
CA LYS A 274 26.52 -18.74 -12.23
C LYS A 274 26.94 -17.53 -11.40
N TYR A 275 26.14 -17.20 -10.40
CA TYR A 275 26.61 -16.28 -9.38
C TYR A 275 27.56 -17.00 -8.43
N PRO A 276 28.53 -16.31 -7.84
CA PRO A 276 29.37 -16.95 -6.83
C PRO A 276 28.51 -17.50 -5.70
N LEU A 277 28.89 -18.68 -5.20
CA LEU A 277 28.04 -19.39 -4.26
C LEU A 277 27.68 -18.53 -3.06
N SER A 278 28.65 -17.75 -2.57
CA SER A 278 28.40 -16.91 -1.39
C SER A 278 27.45 -15.76 -1.68
N GLN A 279 27.15 -15.46 -2.94
CA GLN A 279 26.22 -14.39 -3.25
C GLN A 279 24.77 -14.83 -3.17
N TYR A 280 24.49 -16.13 -3.25
CA TYR A 280 23.16 -16.63 -3.00
C TYR A 280 22.78 -16.38 -1.54
N LYS A 281 21.61 -15.78 -1.33
CA LYS A 281 21.24 -15.34 0.01
C LYS A 281 21.22 -16.51 0.99
N TYR A 282 20.78 -17.69 0.54
CA TYR A 282 20.72 -18.83 1.44
C TYR A 282 22.10 -19.19 2.01
N ILE A 283 23.16 -18.92 1.25
CA ILE A 283 24.50 -19.31 1.66
C ILE A 283 25.21 -18.11 2.27
N ARG A 284 24.86 -16.90 1.83
CA ARG A 284 25.37 -15.70 2.49
C ARG A 284 24.97 -15.70 3.96
N SER A 285 23.80 -16.26 4.28
CA SER A 285 23.36 -16.32 5.67
C SER A 285 23.89 -17.55 6.40
N CYS A 286 24.05 -18.68 5.70
CA CYS A 286 24.71 -19.84 6.32
C CYS A 286 26.10 -19.46 6.81
N ILE A 287 26.78 -18.55 6.11
CA ILE A 287 28.07 -18.05 6.59
C ILE A 287 27.87 -17.11 7.76
N MET A 288 26.98 -16.11 7.60
CA MET A 288 26.69 -15.19 8.68
C MET A 288 26.27 -15.94 9.94
N LEU A 289 25.27 -16.80 9.83
CA LEU A 289 24.81 -17.61 10.95
C LEU A 289 25.72 -18.79 11.25
N GLY A 290 26.76 -19.00 10.45
CA GLY A 290 27.66 -20.11 10.69
C GLY A 290 27.00 -21.47 10.63
N ARG A 291 25.96 -21.62 9.83
CA ARG A 291 25.25 -22.88 9.69
C ARG A 291 25.77 -23.64 8.47
N MET A 292 25.34 -24.89 8.34
CA MET A 292 25.84 -25.78 7.31
C MET A 292 24.94 -25.72 6.08
N PRO A 293 25.40 -25.22 4.94
CA PRO A 293 24.56 -25.22 3.74
C PRO A 293 24.35 -26.63 3.23
N ASN A 294 23.08 -27.03 3.11
CA ASN A 294 22.69 -28.35 2.63
C ASN A 294 22.05 -28.21 1.25
N LEU A 295 22.69 -28.79 0.24
CA LEU A 295 22.23 -28.73 -1.13
C LEU A 295 21.93 -30.14 -1.63
N MET A 296 20.90 -30.26 -2.47
CA MET A 296 20.52 -31.53 -3.07
C MET A 296 20.83 -31.48 -4.56
N LEU A 297 21.60 -32.46 -5.03
CA LEU A 297 21.88 -32.58 -6.46
C LEU A 297 20.66 -33.17 -7.15
N MET A 298 20.18 -32.48 -8.17
CA MET A 298 18.91 -32.80 -8.83
C MET A 298 19.09 -32.80 -10.34
N ALA A 299 18.35 -33.68 -11.01
CA ALA A 299 18.42 -33.79 -12.46
C ALA A 299 17.69 -32.63 -13.11
N LYS A 300 18.37 -31.95 -14.03
CA LYS A 300 17.76 -30.80 -14.71
C LYS A 300 16.47 -31.21 -15.42
N GLU A 301 16.46 -32.39 -16.04
CA GLU A 301 15.25 -32.86 -16.71
C GLU A 301 14.09 -33.05 -15.73
N SER A 302 14.39 -33.28 -14.45
CA SER A 302 13.32 -33.36 -13.46
C SER A 302 12.80 -31.98 -13.08
N LEU A 303 13.68 -30.97 -13.05
CA LEU A 303 13.22 -29.61 -12.77
C LEU A 303 12.40 -29.07 -13.93
N TYR A 304 12.86 -29.27 -15.16
CA TYR A 304 12.11 -28.82 -16.32
C TYR A 304 10.80 -29.57 -16.47
N SER A 305 10.69 -30.76 -15.88
CA SER A 305 9.44 -31.52 -15.97
C SER A 305 8.30 -30.81 -15.26
N GLN A 306 8.57 -30.21 -14.10
CA GLN A 306 7.57 -29.49 -13.34
C GLN A 306 7.40 -28.04 -13.82
N LEU A 307 7.80 -27.74 -15.05
CA LEU A 307 7.61 -26.43 -15.67
C LEU A 307 6.76 -26.61 -16.92
N PRO A 308 5.46 -26.89 -16.76
CA PRO A 308 4.61 -27.12 -17.93
C PRO A 308 4.56 -25.89 -18.83
N MET A 309 4.70 -26.12 -20.14
CA MET A 309 4.66 -25.03 -21.10
C MET A 309 3.36 -24.25 -20.96
N ASP A 310 3.46 -22.93 -21.09
CA ASP A 310 2.31 -22.03 -20.95
C ASP A 310 2.36 -20.99 -22.04
N CYS A 311 1.22 -20.74 -22.67
CA CYS A 311 1.11 -19.82 -23.79
C CYS A 311 0.52 -18.49 -23.33
N PHE A 312 0.62 -17.49 -24.21
CA PHE A 312 -0.01 -16.19 -24.02
C PHE A 312 -0.73 -15.82 -25.32
N THR A 313 -2.06 -15.72 -25.26
CA THR A 313 -2.88 -15.43 -26.41
C THR A 313 -3.44 -14.01 -26.28
N MET A 314 -3.32 -13.23 -27.34
CA MET A 314 -3.91 -11.90 -27.35
C MET A 314 -5.41 -12.01 -27.13
N PRO A 315 -6.00 -11.23 -26.22
CA PRO A 315 -7.45 -11.31 -26.02
C PRO A 315 -8.24 -10.66 -27.15
N SER A 316 -9.57 -10.71 -27.05
CA SER A 316 -10.42 -10.19 -28.13
C SER A 316 -10.24 -8.69 -28.30
N TYR A 317 -10.25 -7.95 -27.19
CA TYR A 317 -10.20 -6.49 -27.25
C TYR A 317 -8.87 -5.96 -27.75
N SER A 318 -7.89 -6.83 -28.02
CA SER A 318 -6.54 -6.36 -28.31
C SER A 318 -6.38 -5.75 -29.70
N ARG A 319 -7.32 -6.00 -30.61
CA ARG A 319 -7.06 -5.79 -32.03
C ARG A 319 -7.89 -4.67 -32.65
N ARG A 320 -9.19 -4.61 -32.40
CA ARG A 320 -10.09 -3.85 -33.27
C ARG A 320 -10.81 -2.74 -32.53
N ILE A 321 -11.26 -1.77 -33.32
CA ILE A 321 -12.19 -0.73 -32.90
C ILE A 321 -13.16 -0.48 -34.05
N SER A 322 -14.43 -0.24 -33.71
CA SER A 322 -15.45 -0.05 -34.75
C SER A 322 -15.09 1.12 -35.66
N SER A 333 -5.85 20.50 -37.46
CA SER A 333 -7.21 20.47 -36.95
C SER A 333 -7.23 20.88 -35.47
N THR A 334 -6.06 21.08 -34.89
CA THR A 334 -5.93 21.48 -33.49
C THR A 334 -4.92 22.61 -33.38
N LYS A 335 -4.92 23.27 -32.22
CA LYS A 335 -4.00 24.37 -31.96
C LYS A 335 -3.26 24.14 -30.66
N SER A 336 -2.10 24.76 -30.54
CA SER A 336 -1.23 24.55 -29.39
C SER A 336 -1.66 25.38 -28.20
N LEU A 337 -1.42 24.82 -27.00
CA LEU A 337 -1.70 25.54 -25.77
C LEU A 337 -1.05 26.91 -25.77
N TRP A 338 0.17 27.02 -26.30
CA TRP A 338 0.96 28.24 -26.21
C TRP A 338 0.50 29.32 -27.19
N VAL A 339 -0.57 29.09 -27.95
CA VAL A 339 -1.18 30.15 -28.76
C VAL A 339 -2.41 30.74 -28.09
N ILE A 340 -2.92 30.13 -27.03
CA ILE A 340 -4.09 30.63 -26.33
C ILE A 340 -3.70 31.87 -25.54
N ASN A 341 -4.27 33.02 -25.90
CA ASN A 341 -3.96 34.29 -25.24
C ASN A 341 -5.10 34.65 -24.30
N SER A 342 -5.09 34.02 -23.13
CA SER A 342 -6.09 34.29 -22.11
C SER A 342 -5.71 33.56 -20.83
N ALA A 343 -6.18 34.09 -19.71
CA ALA A 343 -5.95 33.47 -18.42
C ALA A 343 -6.99 32.37 -18.17
N LEU A 344 -6.64 31.45 -17.27
CA LEU A 344 -7.49 30.31 -17.00
C LEU A 344 -8.72 30.72 -16.20
N ARG A 345 -9.87 30.19 -16.60
CA ARG A 345 -11.11 30.36 -15.86
C ARG A 345 -11.91 29.06 -15.94
N ILE A 346 -12.61 28.74 -14.85
CA ILE A 346 -13.40 27.52 -14.77
C ILE A 346 -14.74 27.87 -14.14
N LYS A 347 -15.80 27.25 -14.65
CA LYS A 347 -17.16 27.52 -14.18
C LYS A 347 -17.60 26.40 -13.25
N ILE A 348 -18.05 26.79 -12.06
CA ILE A 348 -18.68 25.86 -11.12
C ILE A 348 -20.17 26.04 -11.24
N LEU A 349 -20.87 24.98 -11.69
CA LEU A 349 -22.30 25.07 -11.95
C LEU A 349 -23.11 24.83 -10.68
N CYS A 350 -23.22 23.57 -10.27
CA CYS A 350 -24.07 23.20 -9.15
C CYS A 350 -23.59 21.88 -8.59
N ALA A 351 -24.16 21.51 -7.44
CA ALA A 351 -23.83 20.27 -6.74
C ALA A 351 -25.10 19.47 -6.50
N THR A 352 -24.91 18.23 -6.05
CA THR A 352 -26.01 17.31 -5.84
C THR A 352 -25.68 16.43 -4.65
N TYR A 353 -26.71 15.79 -4.09
CA TYR A 353 -26.54 14.78 -3.03
C TYR A 353 -25.60 15.26 -1.93
N VAL A 354 -25.72 16.52 -1.54
CA VAL A 354 -24.91 17.08 -0.47
C VAL A 354 -25.61 16.79 0.86
N ASN A 355 -24.93 16.10 1.76
CA ASN A 355 -25.48 15.69 3.04
C ASN A 355 -25.02 16.68 4.11
N VAL A 356 -25.91 17.59 4.50
CA VAL A 356 -25.58 18.63 5.46
C VAL A 356 -26.84 19.02 6.21
N ASN A 357 -26.69 19.26 7.51
CA ASN A 357 -27.82 19.67 8.34
C ASN A 357 -28.08 21.15 8.12
N ILE A 358 -29.27 21.48 7.62
CA ILE A 358 -29.58 22.84 7.21
C ILE A 358 -29.68 23.81 8.38
N ARG A 359 -29.77 23.31 9.61
CA ARG A 359 -29.95 24.16 10.77
C ARG A 359 -28.70 24.27 11.65
N ASP A 360 -27.73 23.37 11.49
CA ASP A 360 -26.45 23.48 12.18
C ASP A 360 -25.38 24.15 11.32
N ILE A 361 -25.52 24.08 10.00
CA ILE A 361 -24.55 24.66 9.06
C ILE A 361 -25.18 25.89 8.44
N ASP A 362 -24.40 26.97 8.37
CA ASP A 362 -24.91 28.23 7.83
C ASP A 362 -24.94 28.22 6.31
N LYS A 363 -23.80 28.00 5.68
CA LYS A 363 -23.70 28.03 4.23
C LYS A 363 -22.64 27.06 3.76
N ILE A 364 -22.61 26.83 2.44
CA ILE A 364 -21.63 25.97 1.81
C ILE A 364 -21.02 26.71 0.63
N TYR A 365 -19.86 26.23 0.19
CA TYR A 365 -19.19 26.82 -0.96
C TYR A 365 -18.21 25.81 -1.53
N VAL A 366 -17.78 26.05 -2.76
CA VAL A 366 -16.82 25.21 -3.46
C VAL A 366 -15.47 25.89 -3.42
N ARG A 367 -14.47 25.19 -2.89
CA ARG A 367 -13.09 25.67 -2.89
C ARG A 367 -12.33 24.96 -4.01
N THR A 368 -11.43 25.71 -4.66
CA THR A 368 -10.68 25.19 -5.79
C THR A 368 -9.25 25.67 -5.72
N GLY A 369 -8.38 24.98 -6.44
CA GLY A 369 -6.98 25.35 -6.54
C GLY A 369 -6.29 24.63 -7.69
N ILE A 370 -5.36 25.31 -8.36
CA ILE A 370 -4.59 24.72 -9.44
C ILE A 370 -3.26 24.25 -8.86
N TYR A 371 -3.01 22.94 -8.89
CA TYR A 371 -1.87 22.33 -8.23
C TYR A 371 -0.95 21.65 -9.24
N HIS A 372 0.34 21.76 -8.97
CA HIS A 372 1.39 20.99 -9.64
C HIS A 372 2.02 20.14 -8.54
N GLY A 373 1.53 18.92 -8.37
CA GLY A 373 1.95 18.09 -7.27
C GLY A 373 1.27 18.51 -5.98
N GLY A 374 2.00 19.19 -5.11
CA GLY A 374 1.44 19.67 -3.87
C GLY A 374 1.60 21.17 -3.69
N GLU A 375 2.22 21.83 -4.68
CA GLU A 375 2.46 23.26 -4.61
C GLU A 375 1.44 23.99 -5.48
N PRO A 376 0.60 24.87 -4.92
CA PRO A 376 -0.33 25.61 -5.77
C PRO A 376 0.40 26.44 -6.80
N LEU A 377 0.00 26.28 -8.07
CA LEU A 377 0.52 27.13 -9.12
C LEU A 377 0.02 28.56 -9.01
N CYS A 378 -1.10 28.77 -8.33
CA CYS A 378 -1.65 30.10 -8.12
C CYS A 378 -2.50 30.06 -6.86
N ASP A 379 -2.91 31.24 -6.40
CA ASP A 379 -3.70 31.34 -5.19
C ASP A 379 -5.07 30.70 -5.39
N ASN A 380 -5.61 30.12 -4.32
CA ASN A 380 -6.90 29.48 -4.39
C ASN A 380 -8.02 30.50 -4.57
N VAL A 381 -9.12 30.04 -5.16
CA VAL A 381 -10.32 30.85 -5.34
C VAL A 381 -11.52 30.02 -4.93
N ASN A 382 -12.53 30.69 -4.35
CA ASN A 382 -13.74 30.03 -3.87
C ASN A 382 -14.96 30.67 -4.52
N THR A 383 -15.99 29.85 -4.73
CA THR A 383 -17.29 30.40 -5.09
C THR A 383 -17.89 31.15 -3.91
N GLN A 384 -18.85 32.01 -4.21
CA GLN A 384 -19.59 32.67 -3.14
C GLN A 384 -20.27 31.63 -2.26
N ARG A 385 -20.51 32.00 -1.00
CA ARG A 385 -21.22 31.12 -0.09
C ARG A 385 -22.69 31.06 -0.47
N VAL A 386 -23.31 29.93 -0.17
CA VAL A 386 -24.63 29.60 -0.70
C VAL A 386 -25.41 28.83 0.36
N PRO A 387 -26.73 28.96 0.45
CA PRO A 387 -27.48 28.16 1.41
C PRO A 387 -27.34 26.67 1.13
N CYS A 388 -27.35 25.88 2.20
CA CYS A 388 -27.24 24.43 2.06
C CYS A 388 -28.34 23.86 1.18
N SER A 389 -29.53 24.45 1.22
CA SER A 389 -30.70 23.91 0.54
C SER A 389 -30.71 24.17 -0.96
N ASN A 390 -29.71 24.88 -1.50
CA ASN A 390 -29.68 25.22 -2.92
C ASN A 390 -28.22 25.29 -3.39
N PRO A 391 -27.55 24.14 -3.49
CA PRO A 391 -26.16 24.14 -3.94
C PRO A 391 -26.02 24.47 -5.43
N ARG A 392 -26.14 25.75 -5.77
CA ARG A 392 -26.01 26.20 -7.14
C ARG A 392 -25.27 27.54 -7.15
N TRP A 393 -24.34 27.69 -8.09
CA TRP A 393 -23.49 28.87 -8.14
C TRP A 393 -23.48 29.51 -9.52
N ASN A 394 -23.17 28.73 -10.56
CA ASN A 394 -23.05 29.24 -11.92
C ASN A 394 -21.98 30.33 -12.03
N GLU A 395 -20.95 30.24 -11.20
CA GLU A 395 -19.86 31.22 -11.21
C GLU A 395 -18.74 30.77 -12.13
N TRP A 396 -18.15 31.74 -12.84
CA TRP A 396 -16.88 31.55 -13.51
C TRP A 396 -15.76 31.98 -12.56
N LEU A 397 -14.96 31.03 -12.09
CA LEU A 397 -13.84 31.33 -11.22
C LEU A 397 -12.62 31.67 -12.08
N ASN A 398 -12.02 32.83 -11.84
CA ASN A 398 -10.87 33.30 -12.59
C ASN A 398 -9.60 33.01 -11.81
N TYR A 399 -8.62 32.41 -12.47
CA TYR A 399 -7.38 31.99 -11.86
C TYR A 399 -6.22 32.85 -12.35
N ASP A 400 -5.29 33.14 -11.44
CA ASP A 400 -4.14 33.99 -11.76
C ASP A 400 -3.02 33.13 -12.37
N ILE A 401 -3.26 32.70 -13.60
CA ILE A 401 -2.26 31.94 -14.35
C ILE A 401 -2.58 32.02 -15.83
N TYR A 402 -1.54 32.28 -16.63
CA TYR A 402 -1.68 32.38 -18.08
C TYR A 402 -1.71 30.97 -18.67
N ILE A 403 -2.73 30.70 -19.50
CA ILE A 403 -2.93 29.33 -19.99
C ILE A 403 -1.66 28.74 -20.58
N PRO A 404 -0.92 29.44 -21.44
CA PRO A 404 0.38 28.91 -21.89
C PRO A 404 1.35 28.60 -20.75
N ASP A 405 1.19 29.21 -19.58
CA ASP A 405 2.06 28.92 -18.45
C ASP A 405 1.64 27.66 -17.68
N LEU A 406 0.62 26.95 -18.15
CA LEU A 406 0.20 25.73 -17.47
C LEU A 406 1.21 24.62 -17.71
N PRO A 407 1.74 23.98 -16.66
CA PRO A 407 2.56 22.78 -16.88
C PRO A 407 1.68 21.58 -17.23
N ARG A 408 2.31 20.59 -17.86
CA ARG A 408 1.56 19.43 -18.33
C ARG A 408 0.86 18.72 -17.17
N ALA A 409 1.53 18.60 -16.03
CA ALA A 409 1.00 17.88 -14.88
C ALA A 409 0.11 18.76 -13.99
N ALA A 410 -0.45 19.84 -14.54
CA ALA A 410 -1.32 20.70 -13.75
C ALA A 410 -2.64 20.00 -13.45
N ARG A 411 -3.12 20.17 -12.22
CA ARG A 411 -4.32 19.50 -11.76
C ARG A 411 -5.24 20.49 -11.07
N LEU A 412 -6.55 20.27 -11.23
CA LEU A 412 -7.57 21.05 -10.53
C LEU A 412 -8.02 20.25 -9.32
N CYS A 413 -7.80 20.82 -8.13
CA CYS A 413 -8.24 20.21 -6.88
C CYS A 413 -9.34 21.08 -6.28
N LEU A 414 -10.46 20.45 -5.94
CA LEU A 414 -11.62 21.18 -5.45
C LEU A 414 -12.31 20.37 -4.36
N SER A 415 -13.24 21.04 -3.67
CA SER A 415 -13.99 20.42 -2.59
C SER A 415 -15.20 21.30 -2.27
N ILE A 416 -16.21 20.69 -1.66
CA ILE A 416 -17.36 21.40 -1.11
C ILE A 416 -17.13 21.57 0.39
N CYS A 417 -17.17 22.81 0.85
CA CYS A 417 -16.88 23.13 2.25
C CYS A 417 -18.12 23.75 2.90
N SER A 418 -18.20 23.60 4.21
CA SER A 418 -19.26 24.20 5.02
C SER A 418 -18.63 25.18 5.99
N VAL A 419 -19.45 26.09 6.50
CA VAL A 419 -19.02 27.12 7.44
C VAL A 419 -20.01 27.18 8.59
N LYS A 420 -19.50 27.35 9.81
CA LYS A 420 -20.30 27.64 10.98
C LYS A 420 -19.77 28.90 11.62
N GLY A 421 -20.66 29.86 11.90
CA GLY A 421 -20.23 31.17 12.33
C GLY A 421 -20.49 31.47 13.80
N ARG A 422 -19.72 32.39 14.35
CA ARG A 422 -19.89 32.85 15.72
C ARG A 422 -19.01 34.08 15.92
N LYS A 423 -19.45 34.95 16.83
CA LYS A 423 -18.68 36.16 17.13
C LYS A 423 -17.71 35.93 18.29
N GLY A 424 -18.18 35.35 19.39
CA GLY A 424 -17.30 34.99 20.49
C GLY A 424 -16.31 33.90 20.15
N ALA A 425 -16.44 33.27 18.99
CA ALA A 425 -15.51 32.23 18.54
C ALA A 425 -15.33 32.36 17.04
N LYS A 426 -14.13 31.98 16.57
CA LYS A 426 -13.80 32.12 15.16
C LYS A 426 -14.75 31.30 14.29
N GLU A 427 -14.89 31.73 13.04
CA GLU A 427 -15.68 30.99 12.07
C GLU A 427 -14.94 29.73 11.63
N GLU A 428 -15.66 28.62 11.57
CA GLU A 428 -15.07 27.30 11.33
C GLU A 428 -15.46 26.80 9.94
N HIS A 429 -14.46 26.37 9.17
CA HIS A 429 -14.66 25.81 7.85
C HIS A 429 -14.27 24.33 7.85
N CYS A 430 -15.04 23.51 7.15
CA CYS A 430 -14.79 22.07 7.10
C CYS A 430 -15.10 21.52 5.71
N PRO A 431 -14.30 20.58 5.22
CA PRO A 431 -14.60 19.97 3.91
C PRO A 431 -15.64 18.86 4.02
N LEU A 432 -16.47 18.76 2.99
CA LEU A 432 -17.52 17.75 2.90
C LEU A 432 -17.20 16.64 1.92
N ALA A 433 -16.62 16.99 0.77
CA ALA A 433 -16.25 16.01 -0.25
C ALA A 433 -15.26 16.66 -1.19
N TRP A 434 -14.33 15.87 -1.70
CA TRP A 434 -13.23 16.38 -2.51
C TRP A 434 -13.19 15.64 -3.84
N GLY A 435 -12.44 16.22 -4.78
CA GLY A 435 -12.24 15.62 -6.09
C GLY A 435 -11.15 16.36 -6.85
N ASN A 436 -10.34 15.63 -7.60
CA ASN A 436 -9.23 16.20 -8.36
C ASN A 436 -9.35 15.84 -9.83
N ILE A 437 -8.94 16.77 -10.69
CA ILE A 437 -9.12 16.66 -12.13
C ILE A 437 -7.80 17.03 -12.82
N ASN A 438 -7.42 16.23 -13.81
CA ASN A 438 -6.28 16.55 -14.66
C ASN A 438 -6.73 17.53 -15.73
N LEU A 439 -6.11 18.72 -15.76
CA LEU A 439 -6.48 19.72 -16.75
C LEU A 439 -6.10 19.28 -18.17
N PHE A 440 -5.11 18.42 -18.31
CA PHE A 440 -4.80 17.75 -19.56
C PHE A 440 -5.11 16.27 -19.41
N ASP A 441 -5.69 15.66 -20.45
CA ASP A 441 -5.98 14.24 -20.41
C ASP A 441 -4.80 13.45 -20.97
N TYR A 442 -4.94 12.13 -21.04
CA TYR A 442 -3.83 11.27 -21.40
C TYR A 442 -3.39 11.43 -22.85
N THR A 443 -4.16 12.16 -23.67
CA THR A 443 -3.81 12.41 -25.06
C THR A 443 -3.12 13.76 -25.27
N ASP A 444 -2.84 14.49 -24.19
CA ASP A 444 -2.20 15.80 -24.19
C ASP A 444 -3.17 16.93 -24.54
N THR A 445 -4.47 16.69 -24.51
CA THR A 445 -5.45 17.72 -24.86
C THR A 445 -5.94 18.43 -23.60
N LEU A 446 -6.09 19.75 -23.71
CA LEU A 446 -6.64 20.55 -22.63
C LEU A 446 -8.14 20.35 -22.58
N VAL A 447 -8.68 20.13 -21.37
CA VAL A 447 -10.09 19.78 -21.25
C VAL A 447 -10.97 20.97 -21.63
N SER A 448 -12.17 20.66 -22.11
CA SER A 448 -13.13 21.69 -22.50
C SER A 448 -14.54 21.13 -22.34
N GLY A 449 -15.51 22.04 -22.35
CA GLY A 449 -16.89 21.66 -22.22
C GLY A 449 -17.29 21.40 -20.78
N LYS A 450 -18.57 21.09 -20.58
CA LYS A 450 -19.07 20.87 -19.24
C LYS A 450 -18.79 19.45 -18.78
N MET A 451 -18.47 19.32 -17.49
CA MET A 451 -18.02 18.07 -16.90
C MET A 451 -18.74 17.87 -15.57
N ALA A 452 -18.93 16.60 -15.20
CA ALA A 452 -19.62 16.26 -13.97
C ALA A 452 -18.91 15.09 -13.31
N LEU A 453 -18.35 15.32 -12.12
CA LEU A 453 -17.63 14.29 -11.40
C LEU A 453 -18.23 14.11 -10.01
N ASN A 454 -18.40 12.85 -9.61
CA ASN A 454 -18.85 12.54 -8.26
C ASN A 454 -17.65 12.60 -7.30
N LEU A 455 -17.84 13.25 -6.16
CA LEU A 455 -16.74 13.53 -5.25
C LEU A 455 -16.55 12.37 -4.26
N TRP A 456 -15.42 12.42 -3.55
CA TRP A 456 -15.01 11.36 -2.65
C TRP A 456 -15.18 11.77 -1.19
N PRO A 457 -15.35 10.81 -0.29
CA PRO A 457 -15.37 11.15 1.15
C PRO A 457 -14.02 11.69 1.60
N VAL A 458 -14.05 12.70 2.45
CA VAL A 458 -12.82 13.22 3.03
C VAL A 458 -12.25 12.19 4.01
N PRO A 459 -10.99 11.77 3.86
CA PRO A 459 -10.47 10.69 4.70
C PRO A 459 -10.45 11.08 6.18
N HIS A 460 -10.64 10.08 7.02
CA HIS A 460 -10.68 10.28 8.47
C HIS A 460 -9.40 10.95 8.95
N GLY A 461 -9.54 12.09 9.62
CA GLY A 461 -8.42 12.81 10.19
C GLY A 461 -7.95 13.99 9.38
N LEU A 462 -8.35 14.10 8.12
CA LEU A 462 -7.94 15.22 7.28
C LEU A 462 -8.86 16.41 7.53
N GLU A 463 -8.25 17.56 7.82
CA GLU A 463 -9.00 18.79 8.04
C GLU A 463 -8.70 19.87 7.01
N ASP A 464 -7.70 19.67 6.15
CA ASP A 464 -7.43 20.61 5.08
C ASP A 464 -8.62 20.67 4.13
N LEU A 465 -8.94 21.87 3.65
CA LEU A 465 -10.10 22.05 2.80
C LEU A 465 -9.95 21.34 1.46
N LEU A 466 -8.73 21.06 1.03
CA LEU A 466 -8.48 20.35 -0.22
C LEU A 466 -7.58 19.16 0.03
N ASN A 467 -7.53 18.24 -0.94
CA ASN A 467 -6.75 17.02 -0.86
C ASN A 467 -5.99 16.82 -2.15
N PRO A 468 -4.92 17.60 -2.37
CA PRO A 468 -4.17 17.47 -3.64
C PRO A 468 -3.47 16.13 -3.82
N ILE A 469 -3.22 15.38 -2.74
CA ILE A 469 -2.58 14.08 -2.91
C ILE A 469 -3.57 13.00 -3.32
N GLY A 470 -4.87 13.23 -3.14
CA GLY A 470 -5.86 12.24 -3.53
C GLY A 470 -5.81 11.93 -5.01
N VAL A 471 -6.44 10.81 -5.38
CA VAL A 471 -6.44 10.38 -6.76
C VAL A 471 -7.31 11.32 -7.59
N THR A 472 -6.99 11.43 -8.88
CA THR A 472 -7.81 12.15 -9.84
C THR A 472 -8.80 11.18 -10.46
N GLY A 473 -10.07 11.53 -10.42
CA GLY A 473 -11.11 10.69 -10.99
C GLY A 473 -12.41 10.83 -10.23
N SER A 474 -13.50 10.49 -10.92
CA SER A 474 -14.83 10.58 -10.33
C SER A 474 -15.14 9.33 -9.52
N ASN A 475 -15.89 9.52 -8.44
CA ASN A 475 -16.26 8.40 -7.57
C ASN A 475 -17.33 7.55 -8.24
N PRO A 476 -17.11 6.26 -8.48
CA PRO A 476 -18.13 5.44 -9.14
C PRO A 476 -19.32 5.14 -8.26
N ASN A 477 -19.18 5.23 -6.93
CA ASN A 477 -20.29 4.95 -6.04
C ASN A 477 -21.48 5.86 -6.37
N LYS A 478 -22.68 5.31 -6.28
CA LYS A 478 -23.89 6.04 -6.64
C LYS A 478 -24.44 6.79 -5.44
N GLU A 479 -25.29 7.78 -5.74
CA GLU A 479 -25.87 8.66 -4.73
C GLU A 479 -24.78 9.32 -3.89
N THR A 480 -23.68 9.69 -4.55
CA THR A 480 -22.61 10.46 -3.96
C THR A 480 -22.62 11.88 -4.52
N PRO A 481 -22.15 12.87 -3.74
CA PRO A 481 -22.21 14.26 -4.23
C PRO A 481 -21.58 14.43 -5.61
N CYS A 482 -22.35 14.95 -6.56
CA CYS A 482 -21.92 15.15 -7.93
C CYS A 482 -21.82 16.66 -8.19
N LEU A 483 -20.60 17.11 -8.52
CA LEU A 483 -20.34 18.50 -8.85
C LEU A 483 -20.18 18.64 -10.36
N GLU A 484 -20.77 19.70 -10.91
CA GLU A 484 -20.71 19.95 -12.34
C GLU A 484 -19.91 21.21 -12.62
N LEU A 485 -19.08 21.16 -13.66
CA LEU A 485 -18.21 22.26 -14.04
C LEU A 485 -18.33 22.50 -15.54
N GLU A 486 -17.67 23.57 -15.99
CA GLU A 486 -17.52 23.84 -17.41
C GLU A 486 -16.16 24.47 -17.64
N PHE A 487 -15.41 23.93 -18.60
CA PHE A 487 -14.12 24.46 -19.00
C PHE A 487 -14.26 25.22 -20.31
N ASP A 488 -13.42 26.24 -20.48
CA ASP A 488 -13.51 27.07 -21.67
C ASP A 488 -13.31 26.25 -22.94
N TRP A 489 -13.92 26.71 -24.03
CA TRP A 489 -13.80 26.10 -25.35
C TRP A 489 -13.23 27.15 -26.29
N PHE A 490 -12.09 26.84 -26.90
CA PHE A 490 -11.33 27.80 -27.71
C PHE A 490 -11.48 27.50 -29.21
N SER A 491 -12.70 27.22 -29.64
CA SER A 491 -13.08 27.05 -31.05
C SER A 491 -12.44 25.83 -31.70
N SER A 492 -11.62 25.06 -30.97
CA SER A 492 -10.98 23.87 -31.52
C SER A 492 -10.30 23.13 -30.39
N VAL A 493 -9.92 21.89 -30.66
CA VAL A 493 -9.18 21.11 -29.68
C VAL A 493 -7.82 21.76 -29.42
N VAL A 494 -7.48 21.91 -28.15
CA VAL A 494 -6.19 22.47 -27.74
C VAL A 494 -5.34 21.35 -27.18
N LYS A 495 -4.08 21.31 -27.60
CA LYS A 495 -3.14 20.27 -27.18
C LYS A 495 -1.88 20.89 -26.62
N PHE A 496 -1.25 20.17 -25.71
CA PHE A 496 0.03 20.62 -25.17
C PHE A 496 1.07 20.62 -26.28
N PRO A 497 1.93 21.64 -26.35
CA PRO A 497 2.91 21.70 -27.45
C PRO A 497 3.83 20.48 -27.45
N ASP A 498 4.17 20.03 -28.65
CA ASP A 498 5.15 18.96 -28.80
C ASP A 498 6.49 19.40 -28.23
N MET A 499 7.30 18.41 -27.84
CA MET A 499 8.62 18.72 -27.30
C MET A 499 9.48 19.51 -28.28
N SER A 500 9.17 19.44 -29.57
CA SER A 500 9.94 20.18 -30.57
C SER A 500 9.98 21.67 -30.22
N VAL A 501 8.81 22.29 -30.08
CA VAL A 501 8.75 23.72 -29.83
C VAL A 501 9.13 24.08 -28.40
N ILE A 502 9.02 23.13 -27.47
CA ILE A 502 9.39 23.42 -26.09
C ILE A 502 10.86 23.77 -25.98
N GLU A 503 11.72 23.01 -26.66
CA GLU A 503 13.15 23.27 -26.58
C GLU A 503 13.51 24.59 -27.27
N GLU A 504 12.88 24.89 -28.40
CA GLU A 504 13.15 26.15 -29.08
C GLU A 504 12.82 27.33 -28.18
N HIS A 505 11.71 27.25 -27.44
CA HIS A 505 11.37 28.31 -26.50
C HIS A 505 12.44 28.45 -25.42
N ALA A 506 13.15 27.35 -25.11
CA ALA A 506 14.25 27.45 -24.16
C ALA A 506 15.43 28.18 -24.76
N ASN A 507 15.79 27.87 -26.01
CA ASN A 507 16.81 28.65 -26.71
C ASN A 507 16.42 30.12 -26.78
N TRP A 508 15.12 30.41 -26.84
CA TRP A 508 14.66 31.79 -26.90
C TRP A 508 14.87 32.49 -25.56
N SER A 509 14.49 31.84 -24.47
CA SER A 509 14.55 32.47 -23.15
C SER A 509 15.98 32.54 -22.62
N VAL A 510 16.81 31.53 -22.90
CA VAL A 510 18.17 31.52 -22.37
C VAL A 510 18.95 32.72 -22.88
N SER A 511 18.58 33.24 -24.05
CA SER A 511 19.24 34.43 -24.60
C SER A 511 18.65 35.70 -23.99
N LEU A 533 33.91 28.99 -14.21
CA LEU A 533 33.23 28.44 -13.05
C LEU A 533 33.42 29.34 -11.83
N ARG A 534 32.89 28.90 -10.69
CA ARG A 534 33.03 29.61 -9.43
C ARG A 534 33.42 28.61 -8.34
N GLU A 535 33.96 29.15 -7.24
CA GLU A 535 34.51 28.32 -6.17
C GLU A 535 33.59 28.31 -4.95
N ASN A 536 33.55 29.40 -4.18
CA ASN A 536 32.79 29.40 -2.94
C ASN A 536 31.34 28.99 -3.16
N ASP A 537 30.81 29.20 -4.37
CA ASP A 537 29.48 28.71 -4.67
C ASP A 537 29.45 27.20 -4.82
N LYS A 538 30.57 26.60 -5.25
CA LYS A 538 30.60 25.16 -5.43
C LYS A 538 30.44 24.42 -4.11
N GLU A 539 31.08 24.92 -3.04
CA GLU A 539 30.97 24.25 -1.75
C GLU A 539 29.57 24.34 -1.18
N GLN A 540 28.85 25.42 -1.49
CA GLN A 540 27.47 25.55 -1.01
C GLN A 540 26.54 24.63 -1.79
N LEU A 541 26.71 24.55 -3.11
CA LEU A 541 25.92 23.62 -3.90
C LEU A 541 26.04 22.20 -3.37
N LYS A 542 27.28 21.72 -3.21
CA LYS A 542 27.50 20.40 -2.62
C LYS A 542 26.94 20.35 -1.21
N ALA A 543 27.03 21.46 -0.46
CA ALA A 543 26.49 21.50 0.89
C ALA A 543 24.97 21.36 0.90
N ILE A 544 24.31 21.60 -0.22
CA ILE A 544 22.86 21.44 -0.31
C ILE A 544 22.47 20.03 -0.73
N SER A 545 23.33 19.35 -1.48
CA SER A 545 23.05 17.97 -1.88
C SER A 545 22.95 17.06 -0.65
N THR A 546 23.68 17.38 0.42
CA THR A 546 23.70 16.51 1.59
C THR A 546 22.37 16.55 2.33
N ARG A 547 21.66 17.66 2.29
CA ARG A 547 20.48 17.84 3.12
C ARG A 547 19.34 16.92 2.66
N ASP A 548 18.57 16.44 3.63
CA ASP A 548 17.56 15.43 3.38
C ASP A 548 16.46 15.97 2.46
N PRO A 549 15.62 15.08 1.93
CA PRO A 549 14.56 15.54 1.00
C PRO A 549 13.57 16.51 1.62
N LEU A 550 13.39 16.50 2.94
CA LEU A 550 12.38 17.32 3.59
C LEU A 550 12.96 18.54 4.29
N SER A 551 14.25 18.83 4.10
CA SER A 551 14.86 19.97 4.76
C SER A 551 14.28 21.28 4.22
N GLU A 552 14.25 22.29 5.08
CA GLU A 552 13.80 23.60 4.66
C GLU A 552 14.71 24.15 3.58
N ILE A 553 14.10 24.69 2.52
CA ILE A 553 14.83 25.27 1.39
C ILE A 553 14.29 26.67 1.19
N THR A 554 15.00 27.68 1.68
CA THR A 554 14.52 29.04 1.63
C THR A 554 14.58 29.59 0.20
N GLU A 555 13.98 30.76 0.01
CA GLU A 555 13.86 31.32 -1.33
C GLU A 555 15.22 31.67 -1.91
N GLN A 556 16.12 32.23 -1.09
CA GLN A 556 17.45 32.57 -1.58
C GLN A 556 18.20 31.34 -2.07
N GLU A 557 17.93 30.17 -1.49
CA GLU A 557 18.67 28.97 -1.84
C GLU A 557 18.16 28.35 -3.14
N LYS A 558 16.83 28.35 -3.34
CA LYS A 558 16.28 27.66 -4.50
C LYS A 558 16.54 28.44 -5.79
N ASP A 559 16.35 29.77 -5.76
CA ASP A 559 16.70 30.56 -6.94
C ASP A 559 18.21 30.64 -7.15
N PHE A 560 19.00 30.39 -6.10
CA PHE A 560 20.44 30.24 -6.28
C PHE A 560 20.77 28.98 -7.05
N LEU A 561 20.03 27.89 -6.79
CA LEU A 561 20.18 26.69 -7.59
C LEU A 561 19.75 26.95 -9.03
N TRP A 562 18.60 27.61 -9.22
CA TRP A 562 18.13 27.90 -10.57
C TRP A 562 19.13 28.77 -11.33
N SER A 563 19.86 29.64 -10.62
CA SER A 563 20.89 30.44 -11.29
C SER A 563 22.02 29.56 -11.78
N HIS A 564 22.58 28.74 -10.90
CA HIS A 564 23.63 27.79 -11.26
C HIS A 564 23.07 26.45 -11.73
N ARG A 565 21.86 26.44 -12.28
CA ARG A 565 21.26 25.18 -12.73
C ARG A 565 22.15 24.46 -13.73
N HIS A 566 22.95 25.20 -14.50
CA HIS A 566 23.83 24.56 -15.47
C HIS A 566 25.05 23.94 -14.80
N TYR A 567 25.56 24.57 -13.74
CA TYR A 567 26.65 23.98 -12.97
C TYR A 567 26.19 22.78 -12.14
N CYS A 568 24.87 22.61 -11.96
CA CYS A 568 24.38 21.57 -11.06
C CYS A 568 24.66 20.17 -11.59
N VAL A 569 24.77 20.01 -12.91
CA VAL A 569 24.99 18.68 -13.47
C VAL A 569 26.31 18.09 -12.99
N THR A 570 27.22 18.93 -12.50
CA THR A 570 28.44 18.42 -11.87
C THR A 570 28.12 17.62 -10.61
N ILE A 571 26.96 17.82 -10.01
CA ILE A 571 26.53 17.12 -8.81
C ILE A 571 25.10 16.63 -9.03
N PRO A 572 24.89 15.58 -9.81
CA PRO A 572 23.52 15.16 -10.14
C PRO A 572 22.64 14.90 -8.93
N GLU A 573 23.24 14.70 -7.75
CA GLU A 573 22.45 14.49 -6.54
C GLU A 573 21.52 15.66 -6.25
N ILE A 574 21.81 16.84 -6.80
CA ILE A 574 21.07 18.06 -6.48
C ILE A 574 19.76 18.19 -7.23
N LEU A 575 19.45 17.26 -8.13
CA LEU A 575 18.29 17.44 -9.01
C LEU A 575 17.00 17.66 -8.26
N PRO A 576 16.63 16.85 -7.26
CA PRO A 576 15.33 17.09 -6.59
C PRO A 576 15.23 18.48 -6.00
N LYS A 577 16.32 19.00 -5.43
CA LYS A 577 16.30 20.36 -4.92
C LYS A 577 16.07 21.37 -6.04
N LEU A 578 16.75 21.16 -7.18
CA LEU A 578 16.64 22.09 -8.30
C LEU A 578 15.24 22.07 -8.89
N LEU A 579 14.60 20.90 -8.95
CA LEU A 579 13.26 20.82 -9.50
C LEU A 579 12.26 21.58 -8.63
N LEU A 580 12.36 21.41 -7.31
CA LEU A 580 11.53 22.20 -6.41
C LEU A 580 11.87 23.68 -6.46
N SER A 581 13.01 24.05 -7.06
CA SER A 581 13.34 25.44 -7.27
C SER A 581 12.70 26.02 -8.52
N VAL A 582 12.34 25.18 -9.49
CA VAL A 582 11.73 25.66 -10.72
C VAL A 582 10.37 26.26 -10.40
N LYS A 583 10.11 27.43 -11.00
CA LYS A 583 8.79 28.05 -10.92
C LYS A 583 7.92 27.43 -12.01
N TRP A 584 7.13 26.42 -11.63
CA TRP A 584 6.43 25.60 -12.61
C TRP A 584 5.27 26.34 -13.27
N ASN A 585 4.87 27.51 -12.78
CA ASN A 585 3.86 28.32 -13.43
C ASN A 585 4.46 29.30 -14.45
N SER A 586 5.65 29.02 -14.94
CA SER A 586 6.34 29.84 -15.95
C SER A 586 6.86 28.92 -17.03
N ARG A 587 6.21 28.95 -18.21
CA ARG A 587 6.64 28.09 -19.29
C ARG A 587 8.08 28.36 -19.70
N ASP A 588 8.60 29.56 -19.41
CA ASP A 588 10.00 29.85 -19.69
C ASP A 588 10.92 28.94 -18.88
N GLU A 589 10.67 28.84 -17.58
CA GLU A 589 11.54 28.03 -16.73
C GLU A 589 11.34 26.54 -16.98
N VAL A 590 10.09 26.09 -17.08
CA VAL A 590 9.82 24.67 -17.29
C VAL A 590 10.51 24.19 -18.55
N ALA A 591 10.36 24.95 -19.64
CA ALA A 591 11.01 24.56 -20.90
C ALA A 591 12.53 24.47 -20.72
N GLN A 592 13.12 25.46 -20.04
CA GLN A 592 14.56 25.41 -19.77
C GLN A 592 14.90 24.23 -18.87
N MET A 593 14.02 23.86 -17.94
CA MET A 593 14.28 22.72 -17.08
C MET A 593 14.14 21.40 -17.84
N TYR A 594 13.22 21.33 -18.81
CA TYR A 594 13.09 20.12 -19.62
C TYR A 594 14.39 19.79 -20.33
N CYS A 595 15.14 20.81 -20.75
CA CYS A 595 16.40 20.54 -21.45
C CYS A 595 17.47 20.02 -20.50
N LEU A 596 17.41 20.41 -19.23
CA LEU A 596 18.40 19.95 -18.26
C LEU A 596 18.18 18.49 -17.87
N VAL A 597 16.93 18.10 -17.61
CA VAL A 597 16.65 16.72 -17.25
C VAL A 597 16.87 15.79 -18.43
N LYS A 598 16.79 16.30 -19.66
CA LYS A 598 17.04 15.47 -20.83
C LYS A 598 18.50 15.02 -20.90
N ASP A 599 19.42 15.76 -20.27
CA ASP A 599 20.84 15.46 -20.30
C ASP A 599 21.40 15.31 -18.88
N TRP A 600 20.57 14.89 -17.94
CA TRP A 600 21.03 14.80 -16.56
C TRP A 600 21.79 13.50 -16.34
N PRO A 601 22.96 13.52 -15.71
CA PRO A 601 23.66 12.27 -15.42
C PRO A 601 22.83 11.39 -14.49
N PRO A 602 22.71 10.10 -14.79
CA PRO A 602 21.83 9.24 -13.98
C PRO A 602 22.22 9.25 -12.51
N ILE A 603 21.21 9.37 -11.66
CA ILE A 603 21.37 9.18 -10.23
C ILE A 603 21.00 7.74 -9.89
N LYS A 604 21.44 7.26 -8.73
CA LYS A 604 21.20 5.88 -8.39
C LYS A 604 19.80 5.70 -7.79
N PRO A 605 19.27 4.48 -7.81
CA PRO A 605 17.84 4.29 -7.49
C PRO A 605 17.41 4.86 -6.16
N GLU A 606 18.21 4.71 -5.10
CA GLU A 606 17.79 5.23 -3.80
C GLU A 606 17.47 6.71 -3.85
N GLN A 607 18.02 7.43 -4.83
CA GLN A 607 17.71 8.85 -5.06
C GLN A 607 16.62 9.04 -6.09
N ALA A 608 16.57 8.19 -7.12
CA ALA A 608 15.54 8.34 -8.15
C ALA A 608 14.15 8.07 -7.61
N MET A 609 14.03 7.20 -6.60
CA MET A 609 12.71 6.86 -6.07
C MET A 609 12.00 8.09 -5.53
N GLU A 610 12.74 9.07 -5.02
CA GLU A 610 12.12 10.31 -4.55
C GLU A 610 11.33 10.97 -5.68
N LEU A 611 11.88 10.97 -6.89
CA LEU A 611 11.25 11.62 -8.03
C LEU A 611 10.01 10.87 -8.53
N LEU A 612 9.59 9.81 -7.86
CA LEU A 612 8.31 9.16 -8.14
C LEU A 612 7.25 9.49 -7.10
N ASP A 613 7.58 10.24 -6.05
CA ASP A 613 6.62 10.55 -5.00
C ASP A 613 5.67 11.65 -5.49
N CYS A 614 4.82 12.14 -4.59
CA CYS A 614 3.77 13.07 -4.97
C CYS A 614 4.26 14.48 -5.22
N ASN A 615 5.55 14.77 -5.05
CA ASN A 615 6.08 16.10 -5.25
C ASN A 615 6.77 16.28 -6.61
N TYR A 616 6.71 15.27 -7.47
CA TYR A 616 7.35 15.32 -8.79
C TYR A 616 6.41 14.68 -9.80
N PRO A 617 5.34 15.38 -10.19
CA PRO A 617 4.36 14.81 -11.12
C PRO A 617 4.67 15.02 -12.59
N ASP A 618 5.68 15.80 -12.92
CA ASP A 618 5.98 16.09 -14.32
C ASP A 618 6.37 14.79 -15.02
N PRO A 619 5.79 14.49 -16.20
CA PRO A 619 6.09 13.20 -16.85
C PRO A 619 7.51 13.06 -17.33
N MET A 620 8.21 14.17 -17.58
CA MET A 620 9.61 14.07 -17.98
C MET A 620 10.51 13.76 -16.79
N VAL A 621 10.19 14.32 -15.62
CA VAL A 621 10.95 13.99 -14.41
C VAL A 621 10.74 12.53 -14.03
N ARG A 622 9.49 12.08 -14.02
CA ARG A 622 9.19 10.70 -13.63
C ARG A 622 9.76 9.71 -14.64
N GLY A 623 9.78 10.07 -15.92
CA GLY A 623 10.39 9.20 -16.92
C GLY A 623 11.89 9.06 -16.70
N PHE A 624 12.55 10.14 -16.29
CA PHE A 624 13.97 10.06 -15.95
C PHE A 624 14.17 9.16 -14.74
N ALA A 625 13.28 9.25 -13.74
CA ALA A 625 13.42 8.42 -12.56
C ALA A 625 13.25 6.94 -12.90
N VAL A 626 12.30 6.62 -13.78
CA VAL A 626 12.08 5.23 -14.15
C VAL A 626 13.29 4.68 -14.89
N ARG A 627 13.86 5.48 -15.81
CA ARG A 627 15.04 5.03 -16.54
C ARG A 627 16.21 4.75 -15.61
N CYS A 628 16.28 5.46 -14.47
CA CYS A 628 17.30 5.14 -13.48
C CYS A 628 17.04 3.79 -12.84
N LEU A 629 15.76 3.44 -12.63
CA LEU A 629 15.44 2.17 -12.00
C LEU A 629 15.74 1.00 -12.93
N GLU A 630 15.24 1.05 -14.16
CA GLU A 630 15.39 -0.07 -15.09
C GLU A 630 16.81 -0.22 -15.61
N LYS A 631 17.80 0.51 -15.07
CA LYS A 631 19.19 0.30 -15.44
C LYS A 631 20.13 0.27 -14.23
N TYR A 632 19.64 0.53 -13.03
CA TYR A 632 20.47 0.48 -11.83
C TYR A 632 19.82 -0.26 -10.68
N LEU A 633 18.51 -0.51 -10.71
CA LEU A 633 17.81 -1.18 -9.62
C LEU A 633 17.86 -2.69 -9.82
N THR A 634 18.52 -3.39 -8.92
CA THR A 634 18.61 -4.84 -9.01
C THR A 634 17.26 -5.46 -8.66
N ASP A 635 17.02 -6.65 -9.21
CA ASP A 635 15.82 -7.40 -8.84
C ASP A 635 15.77 -7.67 -7.34
N ASP A 636 16.91 -7.64 -6.67
CA ASP A 636 16.92 -7.80 -5.22
C ASP A 636 16.34 -6.57 -4.54
N LYS A 637 16.83 -5.37 -4.91
CA LYS A 637 16.34 -4.15 -4.29
C LYS A 637 15.03 -3.68 -4.90
N LEU A 638 14.68 -4.15 -6.09
CA LEU A 638 13.33 -3.95 -6.59
C LEU A 638 12.33 -4.73 -5.74
N SER A 639 12.66 -5.98 -5.43
CA SER A 639 11.79 -6.77 -4.58
C SER A 639 11.75 -6.22 -3.16
N GLN A 640 12.79 -5.50 -2.74
CA GLN A 640 12.82 -4.93 -1.40
C GLN A 640 11.93 -3.70 -1.30
N TYR A 641 11.91 -2.87 -2.33
CA TYR A 641 11.15 -1.63 -2.35
C TYR A 641 9.83 -1.77 -3.11
N LEU A 642 9.37 -2.99 -3.37
CA LEU A 642 8.17 -3.17 -4.18
C LEU A 642 6.97 -2.50 -3.55
N ILE A 643 6.88 -2.49 -2.21
CA ILE A 643 5.75 -1.86 -1.54
C ILE A 643 5.62 -0.40 -1.96
N GLN A 644 6.72 0.36 -1.86
CA GLN A 644 6.67 1.77 -2.21
C GLN A 644 6.43 1.96 -3.70
N LEU A 645 7.03 1.10 -4.54
CA LEU A 645 6.89 1.26 -5.98
C LEU A 645 5.45 1.03 -6.42
N VAL A 646 4.71 0.15 -5.75
CA VAL A 646 3.31 -0.04 -6.09
C VAL A 646 2.48 1.15 -5.64
N GLN A 647 2.87 1.81 -4.56
CA GLN A 647 2.07 2.92 -4.03
C GLN A 647 2.19 4.15 -4.91
N VAL A 648 3.38 4.45 -5.42
CA VAL A 648 3.57 5.60 -6.29
C VAL A 648 2.82 5.45 -7.60
N LEU A 649 2.32 4.26 -7.92
CA LEU A 649 1.40 4.12 -9.04
C LEU A 649 0.16 4.99 -8.85
N LYS A 650 -0.25 5.21 -7.60
CA LYS A 650 -1.42 6.03 -7.34
C LYS A 650 -1.19 7.47 -7.73
N TYR A 651 0.03 7.99 -7.49
CA TYR A 651 0.33 9.36 -7.86
C TYR A 651 0.38 9.56 -9.37
N GLU A 652 0.56 8.48 -10.14
CA GLU A 652 0.66 8.61 -11.58
C GLU A 652 -0.61 9.25 -12.14
N GLN A 653 -0.42 10.23 -13.02
CA GLN A 653 -1.55 11.02 -13.50
C GLN A 653 -2.45 10.21 -14.44
N TYR A 654 -1.90 9.24 -15.15
CA TYR A 654 -2.65 8.47 -16.14
C TYR A 654 -2.39 6.98 -15.95
N LEU A 655 -3.25 6.17 -16.57
CA LEU A 655 -3.12 4.72 -16.45
C LEU A 655 -1.84 4.23 -17.12
N ASP A 656 -1.64 4.59 -18.39
CA ASP A 656 -0.47 4.17 -19.14
C ASP A 656 0.67 5.14 -18.84
N ASN A 657 1.72 4.64 -18.20
CA ASN A 657 2.87 5.46 -17.86
C ASN A 657 4.11 4.59 -17.89
N LEU A 658 5.28 5.25 -17.79
CA LEU A 658 6.53 4.52 -17.88
C LEU A 658 6.77 3.65 -16.65
N LEU A 659 6.24 4.04 -15.49
CA LEU A 659 6.49 3.27 -14.28
C LEU A 659 5.76 1.95 -14.30
N VAL A 660 4.46 1.97 -14.60
CA VAL A 660 3.66 0.74 -14.55
C VAL A 660 4.18 -0.25 -15.59
N ARG A 661 4.61 0.24 -16.75
CA ARG A 661 5.17 -0.66 -17.75
C ARG A 661 6.48 -1.26 -17.26
N PHE A 662 7.25 -0.52 -16.46
CA PHE A 662 8.48 -1.06 -15.90
C PHE A 662 8.18 -2.14 -14.87
N LEU A 663 7.31 -1.84 -13.91
CA LEU A 663 6.96 -2.83 -12.90
C LEU A 663 6.31 -4.05 -13.52
N LEU A 664 5.35 -3.84 -14.43
CA LEU A 664 4.68 -4.95 -15.08
C LEU A 664 5.68 -5.81 -15.86
N LYS A 665 6.61 -5.16 -16.57
CA LYS A 665 7.66 -5.88 -17.28
C LYS A 665 8.45 -6.76 -16.32
N LYS A 666 8.90 -6.19 -15.20
CA LYS A 666 9.69 -6.95 -14.24
C LYS A 666 8.87 -8.04 -13.56
N ALA A 667 7.57 -7.80 -13.35
CA ALA A 667 6.74 -8.80 -12.69
C ALA A 667 6.51 -10.03 -13.57
N LEU A 668 6.59 -9.87 -14.89
CA LEU A 668 6.36 -10.97 -15.81
C LEU A 668 7.65 -11.69 -16.21
N THR A 669 8.81 -11.14 -15.87
CA THR A 669 10.08 -11.79 -16.14
C THR A 669 10.73 -12.39 -14.90
N ASN A 670 10.17 -12.15 -13.72
CA ASN A 670 10.73 -12.66 -12.46
C ASN A 670 9.55 -13.03 -11.57
N GLN A 671 9.21 -14.32 -11.54
CA GLN A 671 7.98 -14.75 -10.85
C GLN A 671 8.05 -14.51 -9.35
N ARG A 672 9.24 -14.27 -8.79
CA ARG A 672 9.31 -13.99 -7.36
C ARG A 672 8.71 -12.62 -7.05
N ILE A 673 9.15 -11.58 -7.75
CA ILE A 673 8.57 -10.26 -7.55
C ILE A 673 7.20 -10.14 -8.19
N GLY A 674 6.89 -10.97 -9.19
CA GLY A 674 5.55 -11.01 -9.72
C GLY A 674 4.53 -11.58 -8.74
N HIS A 675 4.99 -12.45 -7.83
CA HIS A 675 4.10 -13.00 -6.82
C HIS A 675 3.62 -11.92 -5.86
N PHE A 676 4.55 -11.12 -5.34
CA PHE A 676 4.17 -10.04 -4.42
C PHE A 676 3.59 -8.85 -5.17
N PHE A 677 4.04 -8.60 -6.39
CA PHE A 677 3.39 -7.61 -7.25
C PHE A 677 1.90 -7.89 -7.33
N PHE A 678 1.52 -9.16 -7.42
CA PHE A 678 0.11 -9.52 -7.50
C PHE A 678 -0.59 -9.28 -6.18
N TRP A 679 0.00 -9.74 -5.07
CA TRP A 679 -0.67 -9.66 -3.78
C TRP A 679 -0.78 -8.23 -3.26
N HIS A 680 0.22 -7.39 -3.55
CA HIS A 680 0.14 -6.00 -3.12
C HIS A 680 -0.94 -5.24 -3.88
N LEU A 681 -1.12 -5.56 -5.17
CA LEU A 681 -2.24 -5.00 -5.91
C LEU A 681 -3.56 -5.61 -5.42
N LYS A 682 -3.60 -6.94 -5.31
CA LYS A 682 -4.82 -7.62 -4.89
C LYS A 682 -5.30 -7.15 -3.53
N SER A 683 -4.37 -6.80 -2.63
CA SER A 683 -4.74 -6.45 -1.27
C SER A 683 -5.52 -5.14 -1.19
N GLU A 684 -5.42 -4.28 -2.21
CA GLU A 684 -6.10 -2.99 -2.21
C GLU A 684 -7.27 -2.95 -3.19
N MET A 685 -7.75 -4.11 -3.66
CA MET A 685 -8.84 -4.12 -4.62
C MET A 685 -10.11 -3.49 -4.06
N HIS A 686 -10.31 -3.59 -2.74
CA HIS A 686 -11.52 -3.06 -2.12
C HIS A 686 -11.58 -1.54 -2.23
N ASN A 687 -10.43 -0.86 -2.24
CA ASN A 687 -10.38 0.59 -2.27
C ASN A 687 -10.82 1.08 -3.64
N LYS A 688 -11.98 1.74 -3.70
CA LYS A 688 -12.54 2.18 -4.98
C LYS A 688 -11.73 3.29 -5.63
N THR A 689 -10.82 3.93 -4.89
CA THR A 689 -9.99 4.97 -5.51
C THR A 689 -8.92 4.40 -6.43
N VAL A 690 -8.65 3.09 -6.36
CA VAL A 690 -7.61 2.48 -7.17
C VAL A 690 -8.08 1.15 -7.75
N SER A 691 -9.27 0.69 -7.33
CA SER A 691 -9.73 -0.63 -7.74
C SER A 691 -9.67 -0.82 -9.26
N GLN A 692 -9.92 0.24 -10.02
CA GLN A 692 -9.89 0.13 -11.48
C GLN A 692 -8.45 0.12 -12.00
N ARG A 693 -7.62 1.05 -11.53
CA ARG A 693 -6.22 1.08 -11.95
C ARG A 693 -5.55 -0.25 -11.66
N PHE A 694 -5.63 -0.72 -10.40
CA PHE A 694 -5.02 -1.98 -10.04
C PHE A 694 -5.71 -3.16 -10.72
N GLY A 695 -7.03 -3.07 -10.93
CA GLY A 695 -7.75 -4.16 -11.55
C GLY A 695 -7.33 -4.38 -12.99
N LEU A 696 -7.19 -3.31 -13.76
CA LEU A 696 -6.69 -3.43 -15.13
C LEU A 696 -5.25 -3.94 -15.14
N LEU A 697 -4.44 -3.50 -14.18
CA LEU A 697 -3.06 -3.95 -14.10
C LEU A 697 -2.99 -5.43 -13.76
N LEU A 698 -3.86 -5.90 -12.87
CA LEU A 698 -3.88 -7.32 -12.52
C LEU A 698 -4.36 -8.17 -13.70
N GLU A 699 -5.37 -7.70 -14.43
CA GLU A 699 -5.85 -8.43 -15.59
C GLU A 699 -4.70 -8.74 -16.55
N SER A 700 -3.88 -7.73 -16.85
CA SER A 700 -2.77 -7.93 -17.78
C SER A 700 -1.75 -8.91 -17.21
N TYR A 701 -1.46 -8.81 -15.92
CA TYR A 701 -0.51 -9.73 -15.30
C TYR A 701 -1.04 -11.17 -15.36
N CYS A 702 -2.26 -11.39 -14.85
CA CYS A 702 -2.83 -12.73 -14.86
C CYS A 702 -2.92 -13.29 -16.28
N ARG A 703 -3.12 -12.41 -17.27
CA ARG A 703 -3.25 -12.86 -18.65
C ARG A 703 -1.91 -13.27 -19.25
N ALA A 704 -0.79 -12.99 -18.60
CA ALA A 704 0.52 -13.30 -19.15
C ALA A 704 1.49 -13.90 -18.15
N CYS A 705 1.09 -14.09 -16.89
CA CYS A 705 1.99 -14.69 -15.91
C CYS A 705 2.21 -16.18 -16.14
N GLY A 706 1.44 -16.80 -17.02
CA GLY A 706 1.64 -18.20 -17.34
C GLY A 706 0.94 -19.14 -16.38
N MET A 707 1.52 -20.33 -16.17
CA MET A 707 0.92 -21.34 -15.33
C MET A 707 0.84 -20.93 -13.86
N TYR A 708 1.52 -19.86 -13.46
CA TYR A 708 1.47 -19.46 -12.06
C TYR A 708 0.10 -18.94 -11.66
N LEU A 709 -0.74 -18.54 -12.62
CA LEU A 709 -2.12 -18.18 -12.29
C LEU A 709 -2.84 -19.33 -11.61
N LYS A 710 -2.66 -20.55 -12.14
CA LYS A 710 -3.27 -21.72 -11.49
C LYS A 710 -2.88 -21.79 -10.03
N HIS A 711 -1.61 -21.55 -9.70
CA HIS A 711 -1.17 -21.61 -8.32
C HIS A 711 -1.75 -20.45 -7.50
N LEU A 712 -1.77 -19.25 -8.07
CA LEU A 712 -2.35 -18.11 -7.35
C LEU A 712 -3.81 -18.36 -7.01
N ASN A 713 -4.57 -18.91 -7.96
CA ASN A 713 -5.97 -19.19 -7.68
C ASN A 713 -6.13 -20.18 -6.52
N ARG A 714 -5.20 -21.13 -6.39
CA ARG A 714 -5.25 -22.03 -5.24
C ARG A 714 -4.98 -21.27 -3.95
N GLN A 715 -4.04 -20.33 -3.97
CA GLN A 715 -3.82 -19.48 -2.81
C GLN A 715 -5.06 -18.65 -2.51
N VAL A 716 -5.63 -18.02 -3.54
CA VAL A 716 -6.80 -17.16 -3.34
C VAL A 716 -7.96 -17.97 -2.78
N GLU A 717 -8.24 -19.13 -3.35
CA GLU A 717 -9.32 -19.96 -2.83
C GLU A 717 -9.02 -20.43 -1.41
N ALA A 718 -7.74 -20.67 -1.09
CA ALA A 718 -7.38 -21.07 0.27
C ALA A 718 -7.66 -19.96 1.26
N MET A 719 -7.30 -18.71 0.92
CA MET A 719 -7.60 -17.59 1.80
C MET A 719 -9.10 -17.34 1.87
N GLU A 720 -9.80 -17.48 0.73
CA GLU A 720 -11.25 -17.27 0.73
C GLU A 720 -11.93 -18.20 1.72
N LYS A 721 -11.48 -19.46 1.79
CA LYS A 721 -12.06 -20.39 2.75
C LYS A 721 -11.74 -19.97 4.17
N LEU A 722 -10.49 -19.57 4.43
CA LEU A 722 -10.11 -19.18 5.78
C LEU A 722 -10.86 -17.92 6.22
N ILE A 723 -10.99 -16.94 5.32
CA ILE A 723 -11.66 -15.70 5.71
C ILE A 723 -13.15 -15.92 5.91
N ASN A 724 -13.73 -16.91 5.22
CA ASN A 724 -15.14 -17.20 5.43
C ASN A 724 -15.39 -17.92 6.74
N LEU A 725 -14.41 -18.71 7.21
CA LEU A 725 -14.58 -19.38 8.50
C LEU A 725 -14.39 -18.41 9.66
N THR A 726 -13.47 -17.46 9.52
CA THR A 726 -13.29 -16.47 10.57
C THR A 726 -14.47 -15.51 10.64
N ASP A 727 -15.00 -15.10 9.48
CA ASP A 727 -16.21 -14.28 9.48
C ASP A 727 -17.36 -14.99 10.20
N ILE A 728 -17.52 -16.29 9.95
CA ILE A 728 -18.54 -17.06 10.65
C ILE A 728 -18.26 -17.08 12.15
N LEU A 729 -16.99 -17.21 12.52
CA LEU A 729 -16.63 -17.20 13.94
C LEU A 729 -16.79 -15.82 14.56
N LYS A 730 -16.66 -14.76 13.75
CA LYS A 730 -16.73 -13.40 14.25
C LYS A 730 -18.12 -12.79 14.17
N GLN A 731 -18.98 -13.27 13.27
CA GLN A 731 -20.31 -12.71 13.07
C GLN A 731 -21.42 -13.58 13.60
N GLU A 732 -21.33 -14.91 13.45
CA GLU A 732 -22.41 -15.80 13.89
C GLU A 732 -22.14 -16.29 15.31
N LYS A 733 -21.09 -17.09 15.49
CA LYS A 733 -20.79 -17.72 16.77
C LYS A 733 -19.81 -16.88 17.61
N LYS A 734 -19.84 -15.56 17.46
CA LYS A 734 -19.04 -14.71 18.33
C LYS A 734 -19.48 -14.86 19.79
N ASP A 735 -20.77 -15.00 20.03
CA ASP A 735 -21.28 -15.17 21.39
C ASP A 735 -20.99 -16.57 21.94
N GLU A 736 -20.81 -17.56 21.07
CA GLU A 736 -20.52 -18.91 21.53
C GLU A 736 -19.20 -18.94 22.29
N THR A 737 -19.00 -20.03 23.04
CA THR A 737 -17.76 -20.19 23.78
C THR A 737 -16.60 -20.46 22.83
N GLN A 738 -15.39 -20.22 23.31
CA GLN A 738 -14.21 -20.50 22.50
C GLN A 738 -14.03 -22.00 22.26
N LYS A 739 -14.70 -22.83 23.05
CA LYS A 739 -14.68 -24.28 22.85
C LYS A 739 -15.79 -24.72 21.91
N VAL A 740 -16.91 -24.01 21.91
CA VAL A 740 -17.92 -24.21 20.86
C VAL A 740 -17.34 -23.81 19.51
N GLN A 741 -16.68 -22.64 19.47
CA GLN A 741 -16.03 -22.20 18.23
C GLN A 741 -14.94 -23.18 17.81
N MET A 742 -14.20 -23.72 18.79
CA MET A 742 -13.20 -24.75 18.47
C MET A 742 -13.84 -25.91 17.73
N LYS A 743 -15.07 -26.25 18.06
CA LYS A 743 -15.77 -27.35 17.39
C LYS A 743 -16.05 -26.99 15.92
N PHE A 744 -16.78 -25.90 15.70
CA PHE A 744 -17.04 -25.40 14.35
C PHE A 744 -15.77 -25.48 13.52
N LEU A 745 -14.63 -25.13 14.12
CA LEU A 745 -13.38 -25.10 13.39
C LEU A 745 -12.92 -26.51 13.03
N VAL A 746 -12.64 -27.34 14.04
CA VAL A 746 -12.15 -28.69 13.78
C VAL A 746 -13.11 -29.44 12.86
N GLU A 747 -14.41 -29.22 13.02
CA GLU A 747 -15.38 -29.88 12.16
C GLU A 747 -15.37 -29.27 10.76
N GLN A 748 -15.42 -27.95 10.66
CA GLN A 748 -15.36 -27.30 9.36
C GLN A 748 -13.99 -27.46 8.71
N MET A 749 -12.95 -27.74 9.50
CA MET A 749 -11.65 -28.04 8.92
C MET A 749 -11.51 -29.51 8.54
N ARG A 750 -12.40 -30.37 9.05
CA ARG A 750 -12.40 -31.77 8.65
C ARG A 750 -13.09 -31.99 7.31
N ARG A 751 -13.92 -31.06 6.86
CA ARG A 751 -14.63 -31.23 5.61
C ARG A 751 -13.64 -31.58 4.50
N PRO A 752 -13.97 -32.54 3.62
CA PRO A 752 -13.03 -32.85 2.52
C PRO A 752 -12.79 -31.66 1.60
N ASP A 753 -13.85 -30.96 1.20
CA ASP A 753 -13.69 -29.82 0.31
C ASP A 753 -12.78 -28.77 0.92
N PHE A 754 -12.81 -28.61 2.24
CA PHE A 754 -11.94 -27.64 2.89
C PHE A 754 -10.48 -28.09 2.85
N MET A 755 -10.22 -29.32 3.30
CA MET A 755 -8.84 -29.80 3.35
C MET A 755 -8.22 -29.86 1.97
N ASP A 756 -8.99 -30.31 0.97
CA ASP A 756 -8.47 -30.32 -0.39
C ASP A 756 -8.08 -28.92 -0.85
N ALA A 757 -8.74 -27.89 -0.31
CA ALA A 757 -8.44 -26.51 -0.68
C ALA A 757 -7.35 -25.88 0.17
N LEU A 758 -7.14 -26.37 1.40
CA LEU A 758 -6.15 -25.82 2.30
C LEU A 758 -4.89 -26.68 2.40
N GLN A 759 -4.84 -27.81 1.70
CA GLN A 759 -3.68 -28.70 1.71
C GLN A 759 -3.11 -28.78 0.30
N GLY A 760 -1.82 -28.51 0.17
CA GLY A 760 -1.13 -28.64 -1.10
C GLY A 760 -1.12 -27.38 -1.93
N PHE A 761 -0.59 -26.30 -1.36
CA PHE A 761 -0.48 -25.04 -2.09
C PHE A 761 0.71 -24.27 -1.53
N LEU A 762 1.11 -23.22 -2.25
CA LEU A 762 2.29 -22.45 -1.90
C LEU A 762 1.96 -21.37 -0.89
N SER A 763 2.90 -21.11 0.01
CA SER A 763 2.70 -20.10 1.05
C SER A 763 2.76 -18.71 0.45
N PRO A 764 1.71 -17.88 0.61
CA PRO A 764 1.80 -16.50 0.10
C PRO A 764 2.91 -15.69 0.74
N LEU A 765 3.37 -16.06 1.93
CA LEU A 765 4.49 -15.36 2.54
C LEU A 765 5.80 -15.65 1.82
N ASN A 766 5.91 -16.81 1.20
CA ASN A 766 7.07 -17.20 0.43
C ASN A 766 6.70 -18.37 -0.47
N PRO A 767 6.44 -18.14 -1.76
CA PRO A 767 6.02 -19.26 -2.63
C PRO A 767 7.03 -20.39 -2.69
N ALA A 768 8.27 -20.16 -2.27
CA ALA A 768 9.26 -21.24 -2.22
C ALA A 768 8.91 -22.29 -1.16
N HIS A 769 8.07 -21.94 -0.19
CA HIS A 769 7.66 -22.87 0.85
C HIS A 769 6.36 -23.56 0.44
N GLN A 770 6.42 -24.87 0.23
CA GLN A 770 5.23 -25.65 -0.05
C GLN A 770 4.50 -25.99 1.24
N LEU A 771 3.18 -25.82 1.23
CA LEU A 771 2.33 -26.14 2.37
C LEU A 771 1.58 -27.42 2.04
N GLY A 772 1.92 -28.50 2.74
CA GLY A 772 1.32 -29.79 2.47
C GLY A 772 0.08 -30.05 3.31
N ASN A 773 0.07 -31.16 4.04
CA ASN A 773 -1.08 -31.52 4.85
C ASN A 773 -1.13 -30.68 6.12
N LEU A 774 -2.35 -30.42 6.57
CA LEU A 774 -2.55 -29.70 7.83
C LEU A 774 -2.32 -30.63 9.00
N ARG A 775 -1.64 -30.12 10.02
CA ARG A 775 -1.51 -30.81 11.31
C ARG A 775 -2.59 -30.25 12.23
N LEU A 776 -3.82 -30.73 11.99
CA LEU A 776 -4.97 -30.25 12.75
C LEU A 776 -4.74 -30.35 14.26
N GLU A 777 -3.88 -31.26 14.69
CA GLU A 777 -3.54 -31.36 16.11
C GLU A 777 -3.05 -30.03 16.65
N GLU A 778 -2.32 -29.27 15.83
CA GLU A 778 -1.70 -28.02 16.26
C GLU A 778 -2.52 -26.79 15.92
N CYS A 779 -3.53 -26.91 15.06
CA CYS A 779 -4.33 -25.76 14.68
C CYS A 779 -5.26 -25.35 15.82
N ARG A 780 -5.52 -24.05 15.92
CA ARG A 780 -6.31 -23.51 17.02
C ARG A 780 -6.64 -22.05 16.76
N ILE A 781 -7.73 -21.59 17.37
CA ILE A 781 -7.99 -20.16 17.48
C ILE A 781 -7.17 -19.62 18.65
N MET A 782 -6.85 -18.34 18.60
CA MET A 782 -6.03 -17.69 19.61
C MET A 782 -6.90 -16.80 20.49
N SER A 783 -6.28 -16.20 21.50
CA SER A 783 -7.02 -15.52 22.55
C SER A 783 -7.51 -14.14 22.15
N SER A 784 -6.96 -13.54 21.09
CA SER A 784 -7.37 -12.21 20.68
C SER A 784 -8.88 -12.18 20.39
N ALA A 785 -9.46 -10.98 20.52
CA ALA A 785 -10.89 -10.83 20.28
C ALA A 785 -11.25 -11.17 18.83
N LYS A 786 -10.41 -10.74 17.89
CA LYS A 786 -10.59 -11.13 16.49
C LYS A 786 -10.33 -12.61 16.26
N ARG A 787 -9.72 -13.30 17.23
CA ARG A 787 -9.53 -14.75 17.18
C ARG A 787 -8.83 -15.17 15.90
N PRO A 788 -7.55 -14.87 15.75
CA PRO A 788 -6.80 -15.34 14.59
C PRO A 788 -6.52 -16.83 14.70
N LEU A 789 -6.23 -17.43 13.54
CA LEU A 789 -6.04 -18.87 13.43
C LEU A 789 -4.55 -19.19 13.46
N TRP A 790 -4.15 -20.04 14.41
CA TRP A 790 -2.82 -20.64 14.40
C TRP A 790 -2.87 -21.87 13.52
N LEU A 791 -2.21 -21.80 12.36
CA LEU A 791 -2.25 -22.88 11.37
C LEU A 791 -0.87 -23.49 11.23
N ASN A 792 -0.84 -24.79 10.94
CA ASN A 792 0.39 -25.56 10.89
C ASN A 792 0.28 -26.60 9.79
N TRP A 793 1.23 -26.57 8.85
CA TRP A 793 1.30 -27.54 7.76
C TRP A 793 2.58 -28.36 7.87
N GLU A 794 2.54 -29.55 7.28
CA GLU A 794 3.75 -30.32 7.05
C GLU A 794 4.48 -29.78 5.83
N ASN A 795 5.80 -29.88 5.84
CA ASN A 795 6.60 -29.51 4.69
C ASN A 795 6.78 -30.74 3.81
N PRO A 796 6.23 -30.78 2.60
CA PRO A 796 6.28 -31.99 1.77
C PRO A 796 7.59 -32.21 1.03
N ASP A 797 8.61 -31.38 1.25
CA ASP A 797 9.86 -31.54 0.53
C ASP A 797 10.47 -32.90 0.83
N ILE A 798 11.15 -33.46 -0.18
CA ILE A 798 11.75 -34.79 -0.03
C ILE A 798 12.69 -34.82 1.17
N MET A 799 13.41 -33.71 1.40
CA MET A 799 14.34 -33.62 2.51
C MET A 799 13.91 -32.49 3.45
N SER A 800 12.62 -32.45 3.78
CA SER A 800 12.10 -31.41 4.67
C SER A 800 12.84 -31.41 6.01
N GLU A 801 13.35 -32.56 6.44
CA GLU A 801 14.00 -32.65 7.74
C GLU A 801 15.28 -31.83 7.84
N LEU A 802 15.77 -31.29 6.73
CA LEU A 802 17.01 -30.52 6.72
C LEU A 802 16.76 -29.01 6.77
N LEU A 803 15.50 -28.57 6.83
CA LEU A 803 15.19 -27.15 6.93
C LEU A 803 14.18 -26.91 8.03
N PHE A 804 12.91 -27.23 7.77
CA PHE A 804 11.90 -27.28 8.83
C PHE A 804 10.82 -28.27 8.40
N GLN A 805 10.52 -29.22 9.29
CA GLN A 805 9.63 -30.32 8.93
C GLN A 805 8.16 -29.92 8.98
N ASN A 806 7.81 -28.87 9.72
CA ASN A 806 6.45 -28.36 9.75
C ASN A 806 6.49 -26.84 9.80
N ASN A 807 5.62 -26.21 9.02
CA ASN A 807 5.58 -24.77 8.85
C ASN A 807 4.24 -24.24 9.32
N GLU A 808 4.26 -23.25 10.21
CA GLU A 808 3.05 -22.74 10.83
C GLU A 808 2.97 -21.23 10.69
N ILE A 809 1.75 -20.75 10.40
CA ILE A 809 1.50 -19.35 10.09
C ILE A 809 0.25 -18.90 10.85
N ILE A 810 0.17 -17.61 11.13
CA ILE A 810 -0.99 -17.01 11.78
C ILE A 810 -1.80 -16.25 10.74
N PHE A 811 -3.10 -16.54 10.69
CA PHE A 811 -4.03 -15.86 9.81
C PHE A 811 -4.97 -15.01 10.66
N LYS A 812 -4.95 -13.70 10.44
CA LYS A 812 -5.74 -12.76 11.23
C LYS A 812 -6.69 -11.99 10.33
N ASN A 813 -7.95 -11.88 10.75
CA ASN A 813 -8.99 -11.18 10.02
C ASN A 813 -9.59 -10.12 10.93
N GLY A 814 -9.31 -8.85 10.63
CA GLY A 814 -9.88 -7.76 11.41
C GLY A 814 -8.93 -6.62 11.68
N ASP A 815 -7.63 -6.87 11.57
CA ASP A 815 -6.61 -5.88 11.85
C ASP A 815 -5.92 -5.44 10.56
N ASP A 816 -5.68 -4.14 10.44
CA ASP A 816 -4.89 -3.62 9.33
C ASP A 816 -3.43 -3.97 9.55
N LEU A 817 -2.86 -4.78 8.66
CA LEU A 817 -1.51 -5.28 8.83
C LEU A 817 -0.46 -4.49 8.05
N ARG A 818 -0.87 -3.54 7.21
CA ARG A 818 0.14 -2.85 6.41
C ARG A 818 1.00 -1.90 7.22
N GLN A 819 0.62 -1.61 8.48
CA GLN A 819 1.55 -0.91 9.36
C GLN A 819 2.68 -1.83 9.79
N ASP A 820 2.37 -3.09 10.08
CA ASP A 820 3.42 -4.06 10.40
C ASP A 820 4.30 -4.33 9.19
N MET A 821 3.70 -4.48 8.01
CA MET A 821 4.47 -4.67 6.79
C MET A 821 5.53 -3.58 6.64
N LEU A 822 5.10 -2.31 6.69
CA LEU A 822 6.03 -1.22 6.49
C LEU A 822 7.07 -1.17 7.61
N THR A 823 6.65 -1.40 8.85
CA THR A 823 7.60 -1.38 9.95
C THR A 823 8.60 -2.52 9.82
N LEU A 824 8.11 -3.73 9.52
CA LEU A 824 9.02 -4.88 9.35
C LEU A 824 9.93 -4.68 8.15
N GLN A 825 9.38 -4.16 7.04
CA GLN A 825 10.22 -3.82 5.90
C GLN A 825 11.31 -2.84 6.32
N ILE A 826 10.93 -1.76 6.99
CA ILE A 826 11.91 -0.76 7.41
C ILE A 826 12.96 -1.39 8.32
N ILE A 827 12.56 -2.34 9.16
CA ILE A 827 13.52 -3.03 10.02
C ILE A 827 14.49 -3.85 9.17
N ARG A 828 13.99 -4.47 8.10
CA ARG A 828 14.87 -5.24 7.23
C ARG A 828 15.86 -4.33 6.50
N ILE A 829 15.43 -3.12 6.11
CA ILE A 829 16.35 -2.16 5.50
C ILE A 829 17.46 -1.81 6.50
N MET A 830 17.07 -1.49 7.73
CA MET A 830 18.07 -1.07 8.73
C MET A 830 19.05 -2.20 9.04
N GLU A 831 18.58 -3.45 9.07
CA GLU A 831 19.48 -4.57 9.31
C GLU A 831 20.45 -4.74 8.15
N ASN A 832 19.96 -4.62 6.91
CA ASN A 832 20.83 -4.73 5.75
C ASN A 832 21.91 -3.65 5.77
N ILE A 833 21.55 -2.43 6.21
CA ILE A 833 22.52 -1.35 6.27
C ILE A 833 23.61 -1.68 7.29
N TRP A 834 23.22 -2.14 8.47
CA TRP A 834 24.18 -2.42 9.52
C TRP A 834 25.13 -3.56 9.12
N GLN A 835 24.59 -4.63 8.55
CA GLN A 835 25.43 -5.75 8.18
C GLN A 835 26.51 -5.34 7.18
N ASN A 836 26.13 -4.60 6.15
CA ASN A 836 27.10 -4.19 5.14
C ASN A 836 28.12 -3.20 5.68
N GLN A 837 27.80 -2.50 6.77
CA GLN A 837 28.78 -1.65 7.43
C GLN A 837 29.69 -2.42 8.38
N GLY A 838 29.36 -3.69 8.67
CA GLY A 838 30.13 -4.50 9.59
C GLY A 838 29.44 -4.75 10.92
N LEU A 839 28.41 -3.99 11.25
CA LEU A 839 27.67 -4.21 12.49
C LEU A 839 26.81 -5.45 12.37
N ASP A 840 27.13 -6.48 13.14
CA ASP A 840 26.39 -7.74 13.11
C ASP A 840 25.24 -7.70 14.12
N LEU A 841 24.38 -6.69 13.95
CA LEU A 841 23.17 -6.56 14.74
C LEU A 841 22.06 -7.37 14.08
N ARG A 842 21.58 -8.39 14.78
CA ARG A 842 20.63 -9.34 14.22
C ARG A 842 19.21 -8.88 14.54
N MET A 843 18.48 -8.45 13.52
CA MET A 843 17.06 -8.15 13.61
C MET A 843 16.27 -9.35 13.15
N LEU A 844 14.95 -9.29 13.34
CA LEU A 844 14.05 -10.38 12.97
C LEU A 844 12.83 -9.81 12.28
N PRO A 845 12.97 -9.39 11.02
CA PRO A 845 11.81 -8.96 10.22
C PRO A 845 11.02 -10.15 9.70
N TYR A 846 10.23 -10.75 10.59
CA TYR A 846 9.45 -11.93 10.25
C TYR A 846 8.45 -11.59 9.15
N GLY A 847 7.98 -12.62 8.47
CA GLY A 847 7.09 -12.44 7.34
C GLY A 847 5.75 -11.85 7.77
N CYS A 848 5.27 -10.89 6.99
CA CYS A 848 3.96 -10.29 7.20
C CYS A 848 3.44 -9.78 5.86
N LEU A 849 2.19 -10.12 5.55
CA LEU A 849 1.62 -9.79 4.25
C LEU A 849 0.14 -9.46 4.43
N SER A 850 -0.26 -8.28 3.97
CA SER A 850 -1.66 -7.91 3.90
C SER A 850 -2.23 -8.42 2.58
N ILE A 851 -3.30 -9.20 2.66
CA ILE A 851 -3.94 -9.77 1.46
C ILE A 851 -5.26 -9.09 1.14
N GLY A 852 -5.70 -8.14 1.97
CA GLY A 852 -6.96 -7.48 1.71
C GLY A 852 -7.26 -6.49 2.82
N ASP A 853 -8.51 -6.01 2.82
CA ASP A 853 -8.95 -5.06 3.83
C ASP A 853 -8.87 -5.66 5.22
N CYS A 854 -7.82 -5.32 5.97
CA CYS A 854 -7.67 -5.77 7.35
C CYS A 854 -7.69 -7.30 7.44
N VAL A 855 -6.81 -7.93 6.66
CA VAL A 855 -6.68 -9.38 6.69
C VAL A 855 -5.33 -9.73 6.06
N GLY A 856 -4.61 -10.64 6.70
CA GLY A 856 -3.30 -11.02 6.19
C GLY A 856 -2.68 -12.12 7.01
N LEU A 857 -1.42 -12.40 6.70
CA LEU A 857 -0.67 -13.50 7.28
C LEU A 857 0.54 -12.99 8.03
N ILE A 858 0.94 -13.73 9.06
CA ILE A 858 2.12 -13.39 9.87
C ILE A 858 2.92 -14.66 10.12
N GLU A 859 4.22 -14.58 9.86
CA GLU A 859 5.08 -15.74 10.05
C GLU A 859 5.33 -15.99 11.54
N VAL A 860 5.08 -17.22 11.97
CA VAL A 860 5.37 -17.62 13.34
C VAL A 860 6.87 -17.86 13.49
N VAL A 861 7.44 -17.38 14.59
CA VAL A 861 8.84 -17.60 14.93
C VAL A 861 8.88 -18.75 15.92
N ARG A 862 9.53 -19.85 15.53
CA ARG A 862 9.56 -21.03 16.38
C ARG A 862 10.50 -20.83 17.56
N ASN A 863 10.21 -21.52 18.65
CA ASN A 863 11.03 -21.52 19.86
C ASN A 863 11.28 -20.08 20.33
N SER A 864 10.19 -19.39 20.63
CA SER A 864 10.25 -18.01 21.09
C SER A 864 9.16 -17.76 22.12
N HIS A 865 9.41 -16.81 23.01
CA HIS A 865 8.47 -16.45 24.06
C HIS A 865 8.52 -14.95 24.29
N THR A 866 7.44 -14.41 24.85
CA THR A 866 7.43 -13.02 25.28
C THR A 866 8.16 -12.88 26.60
N ILE A 867 8.70 -11.67 26.84
CA ILE A 867 9.35 -11.41 28.11
C ILE A 867 8.35 -11.58 29.26
N MET A 868 7.09 -11.21 29.03
CA MET A 868 6.06 -11.43 30.03
C MET A 868 5.90 -12.93 30.32
N GLN A 869 5.81 -13.74 29.27
CA GLN A 869 5.73 -15.18 29.45
C GLN A 869 6.92 -15.72 30.22
N ILE A 870 8.10 -15.11 30.04
CA ILE A 870 9.31 -15.62 30.70
C ILE A 870 9.36 -15.18 32.15
N GLN A 871 8.89 -13.97 32.46
CA GLN A 871 8.81 -13.56 33.85
C GLN A 871 7.87 -14.47 34.64
N CYS A 872 6.79 -14.93 34.00
CA CYS A 872 5.85 -15.84 34.66
C CYS A 872 6.45 -17.22 34.88
N LYS A 873 7.49 -17.59 34.12
CA LYS A 873 8.19 -18.85 34.37
C LYS A 873 9.07 -18.78 35.61
N GLY A 874 9.24 -17.59 36.21
CA GLY A 874 10.07 -17.44 37.38
C GLY A 874 9.27 -17.26 38.65
N GLY A 875 9.78 -16.43 39.57
CA GLY A 875 9.14 -16.23 40.85
C GLY A 875 9.15 -14.77 41.26
N LEU A 876 8.40 -14.47 42.30
CA LEU A 876 8.29 -13.12 42.84
C LEU A 876 9.42 -12.88 43.83
N LYS A 877 10.19 -11.81 43.60
CA LYS A 877 11.30 -11.47 44.47
C LYS A 877 10.87 -10.43 45.50
N GLY A 878 10.62 -9.20 45.06
CA GLY A 878 10.18 -8.16 45.96
C GLY A 878 8.76 -8.37 46.42
N ALA A 879 8.15 -7.32 46.97
CA ALA A 879 6.75 -7.38 47.42
C ALA A 879 5.86 -7.29 46.19
N LEU A 880 5.31 -8.43 45.77
CA LEU A 880 4.48 -8.50 44.57
C LEU A 880 5.21 -7.90 43.37
N GLN A 881 6.42 -8.39 43.13
CA GLN A 881 7.28 -7.89 42.07
C GLN A 881 8.05 -9.06 41.47
N PHE A 882 7.93 -9.25 40.16
CA PHE A 882 8.68 -10.30 39.50
C PHE A 882 10.17 -10.09 39.71
N ASN A 883 10.93 -11.18 39.60
CA ASN A 883 12.37 -11.13 39.78
C ASN A 883 13.02 -10.60 38.51
N SER A 884 13.87 -9.58 38.66
CA SER A 884 14.50 -8.97 37.51
C SER A 884 15.51 -9.90 36.85
N HIS A 885 16.09 -10.84 37.62
CA HIS A 885 17.05 -11.78 37.08
C HIS A 885 16.39 -12.98 36.41
N THR A 886 15.07 -13.08 36.42
CA THR A 886 14.40 -14.25 35.86
C THR A 886 14.74 -14.44 34.39
N LEU A 887 14.87 -13.33 33.65
CA LEU A 887 15.22 -13.43 32.24
C LEU A 887 16.62 -14.01 32.06
N HIS A 888 17.61 -13.48 32.79
CA HIS A 888 18.96 -13.99 32.69
C HIS A 888 19.03 -15.47 33.04
N GLN A 889 18.25 -15.89 34.04
CA GLN A 889 18.30 -17.29 34.47
C GLN A 889 17.69 -18.21 33.41
N TRP A 890 16.54 -17.82 32.84
CA TRP A 890 15.94 -18.63 31.80
C TRP A 890 16.88 -18.80 30.62
N LEU A 891 17.61 -17.74 30.27
CA LEU A 891 18.53 -17.81 29.14
C LEU A 891 19.72 -18.71 29.43
N LYS A 892 20.13 -18.81 30.71
CA LYS A 892 21.20 -19.72 31.06
C LYS A 892 20.75 -21.18 30.96
N ASP A 893 19.53 -21.47 31.42
CA ASP A 893 19.03 -22.84 31.34
C ASP A 893 18.95 -23.31 29.90
N LYS A 894 18.56 -22.43 28.98
CA LYS A 894 18.45 -22.79 27.58
C LYS A 894 19.78 -22.76 26.83
N ASN A 895 20.87 -22.30 27.49
CA ASN A 895 22.17 -22.21 26.86
C ASN A 895 23.25 -22.64 27.85
N LYS A 896 23.22 -23.91 28.24
CA LYS A 896 24.23 -24.43 29.16
C LYS A 896 25.57 -24.59 28.45
N GLY A 897 26.64 -24.26 29.15
CA GLY A 897 27.98 -24.57 28.70
C GLY A 897 28.66 -23.49 27.88
N GLU A 898 29.47 -23.92 26.91
CA GLU A 898 30.25 -22.97 26.11
C GLU A 898 29.37 -22.06 25.27
N ILE A 899 28.15 -22.49 24.94
CA ILE A 899 27.26 -21.68 24.12
C ILE A 899 26.64 -20.52 24.89
N TYR A 900 27.02 -20.32 26.15
CA TYR A 900 26.44 -19.23 26.93
C TYR A 900 26.93 -17.86 26.42
N ASP A 901 28.21 -17.75 26.09
CA ASP A 901 28.73 -16.46 25.61
C ASP A 901 28.07 -16.05 24.31
N ALA A 902 27.76 -17.02 23.44
CA ALA A 902 27.14 -16.69 22.17
C ALA A 902 25.75 -16.10 22.36
N ALA A 903 24.97 -16.66 23.30
CA ALA A 903 23.61 -16.17 23.52
C ALA A 903 23.62 -14.75 24.06
N ILE A 904 24.53 -14.45 24.98
CA ILE A 904 24.62 -13.09 25.52
C ILE A 904 25.02 -12.12 24.41
N ASP A 905 25.92 -12.54 23.52
CA ASP A 905 26.31 -11.69 22.41
C ASP A 905 25.13 -11.44 21.48
N LEU A 906 24.37 -12.48 21.17
CA LEU A 906 23.21 -12.32 20.28
C LEU A 906 22.14 -11.46 20.93
N PHE A 907 21.94 -11.61 22.25
CA PHE A 907 20.95 -10.78 22.94
C PHE A 907 21.37 -9.32 22.97
N THR A 908 22.65 -9.06 23.23
CA THR A 908 23.11 -7.67 23.30
C THR A 908 23.08 -7.01 21.94
N ARG A 909 23.38 -7.77 20.88
CA ARG A 909 23.39 -7.20 19.54
C ARG A 909 21.98 -6.93 19.04
N SER A 910 21.08 -7.90 19.19
CA SER A 910 19.69 -7.69 18.77
C SER A 910 19.01 -6.64 19.64
N CYS A 911 19.31 -6.64 20.94
CA CYS A 911 18.72 -5.63 21.81
C CYS A 911 19.18 -4.22 21.42
N ALA A 912 20.46 -4.08 21.07
CA ALA A 912 20.94 -2.79 20.59
C ALA A 912 20.24 -2.39 19.30
N GLY A 913 20.00 -3.36 18.41
CA GLY A 913 19.35 -3.05 17.15
C GLY A 913 17.94 -2.54 17.33
N TYR A 914 17.15 -3.22 18.15
CA TYR A 914 15.76 -2.82 18.34
C TYR A 914 15.64 -1.57 19.18
N CYS A 915 16.58 -1.36 20.12
CA CYS A 915 16.58 -0.12 20.89
C CYS A 915 16.74 1.08 19.96
N VAL A 916 17.72 1.02 19.05
CA VAL A 916 17.92 2.11 18.10
C VAL A 916 16.73 2.22 17.15
N ALA A 917 16.28 1.07 16.62
CA ALA A 917 15.20 1.10 15.65
C ALA A 917 13.93 1.69 16.24
N THR A 918 13.53 1.23 17.43
CA THR A 918 12.28 1.71 18.02
C THR A 918 12.35 3.18 18.40
N PHE A 919 13.52 3.65 18.86
CA PHE A 919 13.66 5.07 19.16
C PHE A 919 13.49 5.91 17.90
N ILE A 920 14.21 5.56 16.83
CA ILE A 920 14.15 6.34 15.60
C ILE A 920 12.71 6.42 15.09
N LEU A 921 12.02 5.29 15.06
CA LEU A 921 10.70 5.20 14.45
C LEU A 921 9.56 5.57 15.40
N GLY A 922 9.87 5.96 16.63
CA GLY A 922 8.82 6.29 17.57
C GLY A 922 8.05 5.10 18.08
N ILE A 923 8.60 3.89 17.97
CA ILE A 923 7.95 2.72 18.54
C ILE A 923 8.11 2.72 20.05
N GLY A 924 9.29 3.09 20.53
CA GLY A 924 9.51 3.40 21.94
C GLY A 924 8.93 2.46 22.97
N ASP A 925 7.92 2.95 23.69
CA ASP A 925 7.44 2.31 24.92
C ASP A 925 6.58 1.10 24.58
N ARG A 926 7.22 -0.06 24.53
CA ARG A 926 6.52 -1.32 24.28
C ARG A 926 6.33 -2.09 25.58
N HIS A 927 5.29 -2.92 25.60
CA HIS A 927 4.97 -3.76 26.74
C HIS A 927 5.86 -5.01 26.74
N ASN A 928 5.97 -5.65 27.90
CA ASN A 928 6.74 -6.89 27.98
C ASN A 928 6.11 -8.01 27.17
N SER A 929 4.84 -7.89 26.82
CA SER A 929 4.17 -8.84 25.94
C SER A 929 4.33 -8.47 24.47
N ASN A 930 4.81 -7.27 24.17
CA ASN A 930 5.12 -6.87 22.81
C ASN A 930 6.52 -7.27 22.39
N ILE A 931 7.38 -7.64 23.34
CA ILE A 931 8.77 -7.99 23.09
C ILE A 931 8.94 -9.48 23.30
N MET A 932 9.67 -10.13 22.39
CA MET A 932 9.88 -11.56 22.42
C MET A 932 11.36 -11.88 22.31
N VAL A 933 11.71 -13.12 22.65
CA VAL A 933 13.09 -13.59 22.59
C VAL A 933 13.07 -15.09 22.32
N LYS A 934 13.94 -15.52 21.41
CA LYS A 934 14.08 -16.94 21.12
C LYS A 934 14.90 -17.63 22.20
N ASP A 935 14.78 -18.96 22.26
CA ASP A 935 15.71 -19.74 23.07
C ASP A 935 17.15 -19.51 22.63
N ASP A 936 17.33 -19.19 21.35
CA ASP A 936 18.66 -18.84 20.84
C ASP A 936 19.25 -17.66 21.60
N GLY A 937 18.42 -16.71 21.99
CA GLY A 937 18.86 -15.45 22.58
C GLY A 937 18.54 -14.23 21.73
N GLN A 938 17.95 -14.40 20.55
CA GLN A 938 17.63 -13.27 19.67
C GLN A 938 16.37 -12.59 20.18
N LEU A 939 16.44 -11.26 20.33
CA LEU A 939 15.32 -10.46 20.80
C LEU A 939 14.68 -9.72 19.63
N PHE A 940 13.35 -9.63 19.66
CA PHE A 940 12.63 -8.95 18.58
C PHE A 940 11.29 -8.46 19.13
N HIS A 941 10.81 -7.36 18.56
CA HIS A 941 9.51 -6.81 18.88
C HIS A 941 8.47 -7.33 17.91
N ILE A 942 7.20 -7.27 18.33
CA ILE A 942 6.08 -7.77 17.54
C ILE A 942 4.93 -6.78 17.63
N ASP A 943 3.92 -7.00 16.78
CA ASP A 943 2.69 -6.23 16.78
C ASP A 943 2.94 -4.73 16.89
N PHE A 944 3.35 -4.12 15.77
CA PHE A 944 3.58 -2.68 15.75
C PHE A 944 2.30 -1.90 15.43
N GLY A 945 1.41 -2.46 14.62
CA GLY A 945 0.12 -1.84 14.44
C GLY A 945 -0.68 -1.78 15.74
N HIS A 946 -0.59 -2.84 16.55
CA HIS A 946 -1.20 -2.83 17.87
C HIS A 946 -0.73 -1.63 18.68
N PHE A 947 0.55 -1.27 18.55
CA PHE A 947 1.08 -0.15 19.31
C PHE A 947 0.62 1.18 18.74
N LEU A 948 0.84 1.40 17.44
CA LEU A 948 0.37 2.64 16.82
C LEU A 948 -1.13 2.82 17.00
N ASP A 949 -1.88 1.71 16.97
CA ASP A 949 -3.33 1.80 17.15
C ASP A 949 -3.70 2.19 18.58
N HIS A 950 -2.89 1.80 19.55
CA HIS A 950 -3.17 2.20 20.94
C HIS A 950 -3.06 3.72 21.10
N LYS A 951 -2.07 4.33 20.44
CA LYS A 951 -1.98 5.78 20.44
C LYS A 951 -3.12 6.40 19.64
N LYS A 952 -3.37 5.87 18.44
CA LYS A 952 -4.44 6.37 17.59
C LYS A 952 -5.58 5.35 17.49
N VAL A 962 9.98 10.42 22.48
CA VAL A 962 9.81 9.21 23.29
C VAL A 962 11.17 8.56 23.52
N PRO A 963 11.39 8.01 24.70
CA PRO A 963 12.58 7.18 24.94
C PRO A 963 12.39 5.79 24.34
N PHE A 964 13.42 4.97 24.43
CA PHE A 964 13.36 3.58 24.03
C PHE A 964 13.51 2.68 25.25
N VAL A 965 12.95 1.48 25.15
CA VAL A 965 12.98 0.54 26.27
C VAL A 965 14.42 0.09 26.50
N LEU A 966 14.86 0.19 27.75
CA LEU A 966 16.14 -0.37 28.19
C LEU A 966 15.94 -0.88 29.61
N THR A 967 14.97 -1.77 29.79
CA THR A 967 14.57 -2.21 31.12
C THR A 967 15.74 -2.87 31.85
N GLN A 968 15.60 -2.95 33.18
CA GLN A 968 16.65 -3.54 34.00
C GLN A 968 16.90 -4.99 33.61
N ASP A 969 15.84 -5.73 33.31
CA ASP A 969 16.00 -7.14 32.97
C ASP A 969 16.97 -7.34 31.80
N PHE A 970 16.96 -6.42 30.84
CA PHE A 970 17.88 -6.53 29.71
C PHE A 970 19.31 -6.21 30.14
N LEU A 971 19.48 -5.24 31.04
CA LEU A 971 20.81 -4.90 31.52
C LEU A 971 21.43 -6.05 32.30
N ILE A 972 20.62 -6.82 33.02
CA ILE A 972 21.14 -7.99 33.72
C ILE A 972 21.78 -8.96 32.72
N VAL A 973 21.06 -9.25 31.64
CA VAL A 973 21.59 -10.16 30.62
C VAL A 973 22.83 -9.56 29.97
N ILE A 974 22.73 -8.31 29.52
CA ILE A 974 23.83 -7.68 28.80
C ILE A 974 25.11 -7.72 29.63
N SER A 975 25.00 -7.42 30.92
CA SER A 975 26.15 -7.41 31.82
C SER A 975 26.43 -8.79 32.43
N LYS A 976 25.72 -9.82 31.99
CA LYS A 976 25.96 -11.19 32.46
C LYS A 976 25.72 -11.30 33.97
N GLY A 977 24.64 -10.69 34.43
CA GLY A 977 24.21 -10.83 35.81
C GLY A 977 25.13 -10.17 36.83
N ALA A 978 25.52 -8.93 36.57
CA ALA A 978 26.43 -8.21 37.45
C ALA A 978 25.69 -7.16 38.26
N GLN A 979 26.36 -6.67 39.30
CA GLN A 979 25.86 -5.57 40.10
C GLN A 979 26.29 -4.24 39.47
N GLU A 980 25.50 -3.20 39.71
CA GLU A 980 25.65 -1.92 39.03
C GLU A 980 25.96 -2.15 37.55
N CYS A 981 25.08 -2.93 36.91
CA CYS A 981 25.30 -3.37 35.54
C CYS A 981 25.56 -2.22 34.58
N THR A 982 25.21 -0.98 34.96
CA THR A 982 25.47 0.18 34.11
C THR A 982 26.92 0.64 34.14
N LYS A 983 27.81 -0.09 34.83
CA LYS A 983 29.20 0.33 34.98
C LYS A 983 30.19 -0.75 34.55
N THR A 984 29.73 -1.87 34.00
CA THR A 984 30.63 -2.91 33.53
C THR A 984 31.08 -2.60 32.11
N ARG A 985 32.01 -3.40 31.61
CA ARG A 985 32.56 -3.21 30.28
C ARG A 985 31.73 -3.89 29.20
N GLU A 986 30.83 -4.80 29.57
CA GLU A 986 29.84 -5.30 28.62
C GLU A 986 28.87 -4.19 28.24
N PHE A 987 28.29 -3.53 29.25
CA PHE A 987 27.44 -2.38 28.98
C PHE A 987 28.21 -1.27 28.28
N GLU A 988 29.51 -1.14 28.57
CA GLU A 988 30.32 -0.12 27.92
C GLU A 988 30.31 -0.29 26.40
N ARG A 989 30.48 -1.53 25.93
CA ARG A 989 30.48 -1.81 24.51
C ARG A 989 29.08 -2.06 23.96
N PHE A 990 28.07 -2.22 24.82
CA PHE A 990 26.71 -2.33 24.33
C PHE A 990 26.20 -0.98 23.83
N GLN A 991 26.29 0.05 24.67
CA GLN A 991 25.90 1.38 24.22
C GLN A 991 26.82 1.91 23.14
N GLU A 992 28.00 1.31 22.97
CA GLU A 992 28.85 1.67 21.83
C GLU A 992 28.31 1.07 20.54
N MET A 993 27.66 -0.09 20.62
CA MET A 993 26.97 -0.63 19.45
C MET A 993 25.76 0.22 19.10
N CYS A 994 25.01 0.67 20.11
CA CYS A 994 23.85 1.51 19.86
C CYS A 994 24.24 2.81 19.18
N TYR A 995 25.34 3.43 19.63
CA TYR A 995 25.78 4.68 19.03
C TYR A 995 26.14 4.49 17.57
N LYS A 996 26.92 3.45 17.26
CA LYS A 996 27.29 3.20 15.87
C LYS A 996 26.08 2.90 15.01
N ALA A 997 25.09 2.20 15.57
CA ALA A 997 23.90 1.86 14.81
C ALA A 997 23.06 3.10 14.51
N TYR A 998 22.96 4.01 15.47
CA TYR A 998 22.15 5.21 15.28
C TYR A 998 22.67 6.05 14.12
N LEU A 999 23.94 6.46 14.20
CA LEU A 999 24.49 7.29 13.13
C LEU A 999 24.59 6.54 11.81
N ALA A 1000 24.60 5.21 11.84
CA ALA A 1000 24.58 4.45 10.59
C ALA A 1000 23.27 4.66 9.84
N ILE A 1001 22.15 4.70 10.57
CA ILE A 1001 20.86 4.94 9.93
C ILE A 1001 20.73 6.40 9.53
N ARG A 1002 21.30 7.31 10.32
CA ARG A 1002 21.33 8.72 9.93
C ARG A 1002 22.06 8.91 8.61
N GLN A 1003 23.14 8.16 8.40
CA GLN A 1003 23.89 8.25 7.15
C GLN A 1003 23.09 7.77 5.94
N HIS A 1004 21.95 7.11 6.16
CA HIS A 1004 21.05 6.70 5.08
C HIS A 1004 19.64 7.25 5.30
N ALA A 1005 19.55 8.42 5.97
CA ALA A 1005 18.25 8.98 6.28
C ALA A 1005 17.45 9.32 5.03
N ASN A 1006 18.14 9.69 3.95
CA ASN A 1006 17.43 10.04 2.72
C ASN A 1006 16.60 8.86 2.22
N LEU A 1007 17.15 7.64 2.30
CA LEU A 1007 16.44 6.47 1.83
C LEU A 1007 15.14 6.27 2.60
N PHE A 1008 15.20 6.37 3.93
CA PHE A 1008 14.01 6.10 4.73
C PHE A 1008 12.96 7.18 4.56
N ILE A 1009 13.38 8.45 4.53
CA ILE A 1009 12.42 9.53 4.31
C ILE A 1009 11.75 9.37 2.95
N ASN A 1010 12.50 8.94 1.94
CA ASN A 1010 11.89 8.71 0.63
C ASN A 1010 10.93 7.53 0.66
N LEU A 1011 11.29 6.47 1.39
CA LEU A 1011 10.40 5.32 1.47
C LEU A 1011 9.09 5.69 2.15
N PHE A 1012 9.15 6.49 3.22
CA PHE A 1012 7.93 6.92 3.89
C PHE A 1012 7.14 7.90 3.03
N SER A 1013 7.83 8.80 2.33
CA SER A 1013 7.15 9.78 1.49
C SER A 1013 6.35 9.11 0.39
N MET A 1014 6.84 8.00 -0.15
CA MET A 1014 6.14 7.29 -1.21
C MET A 1014 4.86 6.61 -0.73
N MET A 1015 4.61 6.58 0.58
CA MET A 1015 3.45 5.91 1.15
C MET A 1015 2.33 6.88 1.52
N LEU A 1016 2.49 8.17 1.25
CA LEU A 1016 1.48 9.14 1.69
C LEU A 1016 0.13 8.89 1.03
N GLY A 1017 0.12 8.44 -0.22
CA GLY A 1017 -1.12 8.09 -0.88
C GLY A 1017 -1.65 6.72 -0.57
N SER A 1018 -1.03 6.02 0.38
CA SER A 1018 -1.42 4.64 0.66
C SER A 1018 -2.78 4.55 1.34
N GLY A 1019 -3.18 5.61 2.05
CA GLY A 1019 -4.37 5.57 2.87
C GLY A 1019 -4.12 5.17 4.31
N MET A 1020 -2.87 4.91 4.69
CA MET A 1020 -2.54 4.64 6.07
C MET A 1020 -2.69 5.92 6.89
N PRO A 1021 -3.50 5.93 7.96
CA PRO A 1021 -3.69 7.18 8.71
C PRO A 1021 -2.41 7.68 9.35
N GLU A 1022 -1.40 6.82 9.53
CA GLU A 1022 -0.14 7.28 10.06
C GLU A 1022 0.64 8.11 9.06
N LEU A 1023 0.27 8.06 7.78
CA LEU A 1023 1.03 8.69 6.70
C LEU A 1023 0.05 9.45 5.79
N GLN A 1024 -0.47 10.57 6.30
CA GLN A 1024 -1.38 11.41 5.55
C GLN A 1024 -0.75 12.71 5.06
N SER A 1025 0.40 13.10 5.61
CA SER A 1025 1.04 14.34 5.20
C SER A 1025 2.53 14.26 5.54
N PHE A 1026 3.32 15.05 4.83
CA PHE A 1026 4.75 15.12 5.12
C PHE A 1026 5.02 15.55 6.56
N ASP A 1027 4.08 16.27 7.18
CA ASP A 1027 4.24 16.62 8.58
C ASP A 1027 4.35 15.37 9.46
N ASP A 1028 3.65 14.30 9.10
CA ASP A 1028 3.76 13.05 9.85
C ASP A 1028 5.18 12.51 9.79
N ILE A 1029 5.83 12.62 8.63
CA ILE A 1029 7.18 12.10 8.47
C ILE A 1029 8.20 12.94 9.24
N ALA A 1030 7.82 14.15 9.66
CA ALA A 1030 8.78 15.05 10.31
C ALA A 1030 9.32 14.49 11.62
N TYR A 1031 8.65 13.50 12.22
CA TYR A 1031 9.14 12.94 13.47
C TYR A 1031 10.48 12.25 13.29
N ILE A 1032 10.67 11.56 12.15
CA ILE A 1032 11.93 10.88 11.91
C ILE A 1032 13.06 11.90 11.74
N ARG A 1033 12.73 13.11 11.29
CA ARG A 1033 13.72 14.17 11.26
C ARG A 1033 14.09 14.66 12.64
N LYS A 1034 13.25 14.39 13.64
CA LYS A 1034 13.53 14.80 15.02
C LYS A 1034 14.41 13.78 15.72
N THR A 1035 14.06 12.50 15.62
CA THR A 1035 14.85 11.47 16.27
C THR A 1035 16.23 11.32 15.63
N LEU A 1036 16.28 11.39 14.30
CA LEU A 1036 17.56 11.39 13.59
C LEU A 1036 18.28 12.74 13.67
N ALA A 1037 17.61 13.77 14.18
CA ALA A 1037 18.21 15.09 14.38
C ALA A 1037 18.93 15.55 13.12
N LEU A 1038 18.16 15.66 12.03
CA LEU A 1038 18.74 16.00 10.73
C LEU A 1038 19.07 17.48 10.61
N ASP A 1039 18.41 18.35 11.39
CA ASP A 1039 18.73 19.77 11.40
C ASP A 1039 19.82 20.12 12.41
N LYS A 1040 20.63 19.15 12.80
CA LYS A 1040 21.76 19.35 13.69
C LYS A 1040 22.97 18.62 13.12
N THR A 1041 24.13 18.84 13.72
CA THR A 1041 25.35 18.18 13.28
C THR A 1041 25.41 16.76 13.86
N GLU A 1042 26.41 16.01 13.41
CA GLU A 1042 26.59 14.64 13.90
C GLU A 1042 26.74 14.62 15.42
N GLN A 1043 27.73 15.34 15.94
CA GLN A 1043 27.97 15.33 17.38
C GLN A 1043 26.76 15.82 18.16
N GLU A 1044 25.97 16.72 17.58
CA GLU A 1044 24.75 17.17 18.25
C GLU A 1044 23.69 16.07 18.25
N ALA A 1045 23.58 15.33 17.15
CA ALA A 1045 22.65 14.20 17.13
C ALA A 1045 23.15 13.08 18.03
N LEU A 1046 24.47 12.86 18.08
CA LEU A 1046 25.01 11.81 18.93
C LEU A 1046 24.74 12.11 20.40
N GLU A 1047 24.97 13.36 20.82
CA GLU A 1047 24.68 13.74 22.20
C GLU A 1047 23.18 13.71 22.47
N TYR A 1048 22.36 14.02 21.47
CA TYR A 1048 20.92 13.84 21.61
C TYR A 1048 20.57 12.37 21.84
N PHE A 1049 21.26 11.48 21.13
CA PHE A 1049 21.01 10.05 21.31
C PHE A 1049 21.62 9.55 22.63
N MET A 1050 22.80 10.06 22.99
CA MET A 1050 23.41 9.67 24.26
C MET A 1050 22.55 10.12 25.44
N LYS A 1051 22.16 11.40 25.46
CA LYS A 1051 21.27 11.88 26.51
C LYS A 1051 19.99 11.06 26.56
N GLN A 1052 19.42 10.73 25.39
CA GLN A 1052 18.23 9.89 25.36
C GLN A 1052 18.50 8.54 26.03
N MET A 1053 19.60 7.89 25.67
CA MET A 1053 19.93 6.60 26.26
C MET A 1053 20.22 6.73 27.75
N ASN A 1054 20.91 7.80 28.15
CA ASN A 1054 21.21 7.98 29.57
C ASN A 1054 19.93 8.21 30.37
N ASP A 1055 19.03 9.06 29.86
CA ASP A 1055 17.75 9.26 30.52
C ASP A 1055 16.92 7.99 30.56
N ALA A 1056 17.20 7.03 29.69
CA ALA A 1056 16.46 5.76 29.72
C ALA A 1056 16.75 5.00 31.00
N HIS A 1057 18.03 4.90 31.38
CA HIS A 1057 18.42 4.25 32.63
C HIS A 1057 18.64 5.25 33.76
N HIS A 1058 18.29 6.52 33.54
CA HIS A 1058 18.30 7.53 34.61
C HIS A 1058 19.59 7.50 35.41
N GLY A 1059 20.71 7.32 34.71
CA GLY A 1059 22.00 7.25 35.35
C GLY A 1059 22.50 8.61 35.82
N SER B 12 11.66 46.19 20.91
CA SER B 12 12.45 44.98 21.13
C SER B 12 11.94 43.83 20.25
N LEU B 13 12.81 42.85 20.00
CA LEU B 13 12.42 41.71 19.18
C LEU B 13 11.71 40.65 20.00
N GLN B 14 12.20 40.36 21.20
CA GLN B 14 11.60 39.32 22.03
C GLN B 14 10.13 39.60 22.31
N ASP B 15 9.77 40.87 22.45
CA ASP B 15 8.39 41.25 22.75
C ASP B 15 7.58 41.57 21.49
N ALA B 16 8.17 41.46 20.31
CA ALA B 16 7.46 41.79 19.09
C ALA B 16 6.27 40.86 18.89
N GLU B 17 5.23 41.38 18.25
CA GLU B 17 4.04 40.58 17.97
C GLU B 17 4.40 39.32 17.20
N TRP B 18 5.20 39.45 16.15
CA TRP B 18 5.36 38.41 15.15
C TRP B 18 6.56 37.50 15.41
N TYR B 19 7.16 37.57 16.60
CA TYR B 19 8.21 36.63 16.99
C TYR B 19 7.64 35.62 17.96
N TRP B 20 7.74 34.33 17.61
CA TRP B 20 7.22 33.26 18.44
C TRP B 20 8.30 32.42 19.11
N GLY B 21 9.51 32.41 18.59
CA GLY B 21 10.59 31.68 19.21
C GLY B 21 10.70 30.25 18.75
N ASP B 22 10.99 29.34 19.69
CA ASP B 22 11.18 27.94 19.36
C ASP B 22 9.89 27.30 18.87
N ILE B 23 9.50 27.62 17.63
CA ILE B 23 8.33 27.05 16.98
C ILE B 23 8.80 26.24 15.79
N SER B 24 8.14 25.11 15.56
CA SER B 24 8.53 24.18 14.50
C SER B 24 7.89 24.56 13.18
N ARG B 25 8.55 24.15 12.09
CA ARG B 25 8.02 24.43 10.75
C ARG B 25 6.59 23.92 10.60
N GLU B 26 6.34 22.68 11.06
CA GLU B 26 5.00 22.12 10.94
C GLU B 26 3.99 22.94 11.72
N GLU B 27 4.43 23.67 12.74
CA GLU B 27 3.53 24.48 13.54
C GLU B 27 3.17 25.78 12.84
N VAL B 28 4.09 26.35 12.06
CA VAL B 28 3.78 27.56 11.30
C VAL B 28 2.96 27.23 10.06
N ASN B 29 3.23 26.08 9.43
CA ASN B 29 2.36 25.62 8.34
C ASN B 29 0.92 25.51 8.82
N GLU B 30 0.71 25.16 10.08
CA GLU B 30 -0.62 25.06 10.67
C GLU B 30 -1.20 26.41 11.03
N LYS B 31 -0.46 27.51 10.84
CA LYS B 31 -0.93 28.84 11.18
C LYS B 31 -1.09 29.76 9.99
N LEU B 32 -0.48 29.44 8.84
CA LEU B 32 -0.71 30.16 7.60
C LEU B 32 -1.62 29.38 6.65
N ARG B 33 -2.34 28.39 7.17
CA ARG B 33 -3.19 27.55 6.33
C ARG B 33 -4.35 28.35 5.78
N ASP B 34 -4.43 28.44 4.45
CA ASP B 34 -5.52 29.12 3.76
C ASP B 34 -5.61 30.60 4.12
N THR B 35 -4.51 31.19 4.59
CA THR B 35 -4.51 32.60 4.94
C THR B 35 -4.29 33.45 3.69
N ALA B 36 -4.36 34.77 3.86
CA ALA B 36 -4.23 35.71 2.75
C ALA B 36 -2.78 36.06 2.51
N ASP B 37 -2.48 36.44 1.27
CA ASP B 37 -1.14 36.89 0.93
C ASP B 37 -0.75 38.09 1.77
N GLY B 38 0.42 38.00 2.41
CA GLY B 38 0.91 39.04 3.29
C GLY B 38 1.02 38.61 4.73
N THR B 39 0.25 37.60 5.16
CA THR B 39 0.39 37.08 6.51
C THR B 39 1.80 36.54 6.71
N PHE B 40 2.48 37.02 7.75
CA PHE B 40 3.87 36.71 7.99
C PHE B 40 4.09 36.32 9.44
N LEU B 41 5.28 35.77 9.71
CA LEU B 41 5.65 35.25 11.01
C LEU B 41 7.11 34.84 10.95
N VAL B 42 7.86 35.10 12.02
CA VAL B 42 9.29 34.80 12.08
C VAL B 42 9.55 33.90 13.26
N ARG B 43 10.48 32.95 13.08
CA ARG B 43 10.98 32.10 14.14
C ARG B 43 12.50 32.19 14.16
N ASP B 44 13.10 31.65 15.22
CA ASP B 44 14.51 31.36 15.22
C ASP B 44 14.73 30.10 14.39
N ALA B 45 15.70 30.14 13.48
CA ALA B 45 15.85 29.10 12.47
C ALA B 45 15.77 27.71 13.10
N SER B 46 15.23 26.77 12.33
CA SER B 46 15.14 25.38 12.78
C SER B 46 16.52 24.80 13.11
N THR B 47 17.59 25.41 12.59
CA THR B 47 18.94 24.96 12.90
C THR B 47 19.27 25.05 14.38
N LYS B 48 18.45 25.77 15.16
CA LYS B 48 18.70 25.93 16.59
C LYS B 48 20.05 26.60 16.86
N MET B 49 20.44 27.50 15.97
CA MET B 49 21.67 28.26 16.10
C MET B 49 21.34 29.69 16.54
N HIS B 50 22.09 30.19 17.53
CA HIS B 50 21.77 31.47 18.13
C HIS B 50 21.91 32.60 17.12
N GLY B 51 21.07 33.62 17.29
CA GLY B 51 21.13 34.80 16.45
C GLY B 51 20.89 34.55 14.98
N ASP B 52 20.19 33.46 14.64
CA ASP B 52 19.89 33.12 13.27
C ASP B 52 18.39 32.82 13.17
N TYR B 53 17.71 33.48 12.24
CA TYR B 53 16.26 33.46 12.18
C TYR B 53 15.79 33.15 10.77
N THR B 54 14.48 32.90 10.64
CA THR B 54 13.85 32.62 9.36
C THR B 54 12.47 33.25 9.34
N LEU B 55 12.15 33.97 8.26
CA LEU B 55 10.86 34.60 8.06
C LEU B 55 10.07 33.82 7.03
N THR B 56 8.77 33.64 7.29
CA THR B 56 7.88 32.92 6.39
C THR B 56 6.61 33.74 6.19
N LEU B 57 6.25 33.96 4.93
CA LEU B 57 5.08 34.74 4.58
C LEU B 57 4.25 34.01 3.52
N ARG B 58 2.95 34.27 3.53
CA ARG B 58 2.05 33.66 2.57
C ARG B 58 2.06 34.44 1.26
N LYS B 59 2.16 33.72 0.15
CA LYS B 59 2.19 34.35 -1.16
C LYS B 59 1.91 33.28 -2.21
N GLY B 60 0.79 33.41 -2.91
CA GLY B 60 0.43 32.46 -3.93
C GLY B 60 -0.05 31.12 -3.39
N GLY B 61 -0.67 31.13 -2.21
CA GLY B 61 -1.09 29.89 -1.59
C GLY B 61 0.03 29.07 -1.00
N ASN B 62 1.24 29.61 -0.96
CA ASN B 62 2.41 28.89 -0.45
C ASN B 62 2.99 29.64 0.76
N ASN B 63 3.70 28.89 1.59
CA ASN B 63 4.42 29.43 2.73
C ASN B 63 5.90 29.51 2.32
N LYS B 64 6.35 30.70 1.98
CA LYS B 64 7.68 30.92 1.42
C LYS B 64 8.63 31.37 2.53
N LEU B 65 9.68 30.59 2.76
CA LEU B 65 10.62 30.87 3.84
C LEU B 65 11.82 31.64 3.32
N ILE B 66 12.33 32.55 4.15
CA ILE B 66 13.52 33.33 3.84
C ILE B 66 14.39 33.39 5.09
N LYS B 67 15.71 33.38 4.89
CA LYS B 67 16.67 33.34 5.98
C LYS B 67 17.17 34.75 6.27
N ILE B 68 17.21 35.11 7.56
CA ILE B 68 17.67 36.42 8.00
C ILE B 68 19.13 36.26 8.43
N PHE B 69 20.05 36.64 7.54
CA PHE B 69 21.47 36.58 7.87
C PHE B 69 21.80 37.60 8.96
N HIS B 70 22.94 37.37 9.62
CA HIS B 70 23.37 38.22 10.72
C HIS B 70 24.89 38.32 10.72
N ARG B 71 25.41 39.54 10.71
CA ARG B 71 26.85 39.77 10.69
C ARG B 71 27.15 41.12 11.32
N ASP B 72 28.16 41.14 12.19
CA ASP B 72 28.63 42.38 12.82
C ASP B 72 27.49 43.11 13.53
N GLY B 73 26.53 42.36 14.08
CA GLY B 73 25.38 42.94 14.74
C GLY B 73 24.31 43.45 13.81
N LYS B 74 24.60 43.58 12.52
CA LYS B 74 23.62 44.03 11.55
C LYS B 74 22.68 42.87 11.18
N TYR B 75 21.66 43.17 10.38
CA TYR B 75 20.69 42.17 9.97
C TYR B 75 20.30 42.40 8.52
N GLY B 76 19.51 41.45 7.99
CA GLY B 76 19.12 41.46 6.60
C GLY B 76 19.05 40.05 6.05
N PHE B 77 18.51 39.89 4.83
CA PHE B 77 18.40 38.59 4.20
C PHE B 77 18.98 38.62 2.79
N SER B 78 20.13 39.25 2.64
CA SER B 78 20.88 39.22 1.39
C SER B 78 22.35 39.48 1.71
N ASP B 79 23.21 39.21 0.72
CA ASP B 79 24.64 39.42 0.95
C ASP B 79 24.93 40.85 1.38
N PRO B 80 24.45 41.89 0.69
CA PRO B 80 24.54 43.25 1.25
C PRO B 80 23.64 43.39 2.48
N LEU B 81 24.24 43.59 3.65
CA LEU B 81 23.54 43.55 4.92
C LEU B 81 23.55 44.94 5.54
N THR B 82 22.42 45.33 6.14
CA THR B 82 22.20 46.72 6.49
C THR B 82 21.62 46.94 7.89
N PHE B 83 20.44 46.38 8.14
CA PHE B 83 19.60 46.84 9.23
C PHE B 83 20.22 46.52 10.59
N SER B 84 19.83 47.32 11.59
CA SER B 84 20.39 47.18 12.93
C SER B 84 19.70 46.07 13.72
N SER B 85 18.37 46.00 13.66
CA SER B 85 17.61 44.98 14.35
C SER B 85 16.58 44.39 13.39
N VAL B 86 16.07 43.21 13.74
CA VAL B 86 15.06 42.57 12.91
C VAL B 86 13.77 43.38 12.93
N VAL B 87 13.49 44.06 14.05
CA VAL B 87 12.29 44.91 14.11
C VAL B 87 12.39 46.03 13.09
N GLU B 88 13.60 46.56 12.85
CA GLU B 88 13.78 47.55 11.80
C GLU B 88 13.66 46.90 10.43
N LEU B 89 14.25 45.71 10.26
CA LEU B 89 14.16 45.01 8.98
C LEU B 89 12.71 44.70 8.62
N ILE B 90 11.92 44.29 9.60
CA ILE B 90 10.53 43.90 9.31
C ILE B 90 9.68 45.14 9.05
N ASN B 91 9.70 46.10 9.97
CA ASN B 91 8.84 47.26 9.83
C ASN B 91 9.12 48.02 8.54
N HIS B 92 10.38 48.00 8.07
CA HIS B 92 10.68 48.62 6.79
C HIS B 92 9.83 48.02 5.67
N TYR B 93 9.70 46.69 5.66
CA TYR B 93 8.89 46.01 4.66
C TYR B 93 7.42 45.92 5.04
N ARG B 94 7.05 46.42 6.23
CA ARG B 94 5.63 46.60 6.55
C ARG B 94 5.10 47.88 5.94
N ASN B 95 5.95 48.89 5.75
CA ASN B 95 5.50 50.15 5.18
C ASN B 95 5.47 50.10 3.66
N GLU B 96 6.47 49.48 3.04
CA GLU B 96 6.53 49.36 1.60
C GLU B 96 6.92 47.94 1.23
N SER B 97 6.66 47.58 -0.03
CA SER B 97 6.76 46.20 -0.48
C SER B 97 8.21 45.70 -0.42
N LEU B 98 8.35 44.37 -0.42
CA LEU B 98 9.65 43.72 -0.49
C LEU B 98 10.04 43.37 -1.93
N ALA B 99 9.32 43.88 -2.92
CA ALA B 99 9.78 43.76 -4.29
C ALA B 99 11.15 44.38 -4.49
N GLN B 100 11.56 45.28 -3.58
CA GLN B 100 12.92 45.80 -3.61
C GLN B 100 13.95 44.67 -3.59
N TYR B 101 13.69 43.63 -2.79
CA TYR B 101 14.61 42.49 -2.75
C TYR B 101 14.47 41.63 -4.00
N ASN B 102 13.24 41.22 -4.33
CA ASN B 102 13.01 40.34 -5.46
C ASN B 102 11.68 40.66 -6.12
N PRO B 103 11.67 41.14 -7.38
CA PRO B 103 10.39 41.43 -8.04
C PRO B 103 9.48 40.22 -8.18
N LYS B 104 10.00 39.00 -8.02
CA LYS B 104 9.18 37.81 -8.23
C LYS B 104 8.05 37.72 -7.20
N LEU B 105 8.19 38.37 -6.05
CA LEU B 105 7.12 38.48 -5.06
C LEU B 105 7.11 39.90 -4.52
N ASP B 106 5.92 40.50 -4.47
CA ASP B 106 5.80 41.94 -4.26
C ASP B 106 4.66 42.25 -3.30
N VAL B 107 4.62 41.56 -2.16
CA VAL B 107 3.60 41.78 -1.15
C VAL B 107 4.25 42.47 0.06
N LYS B 108 3.51 43.36 0.69
CA LYS B 108 3.94 43.93 1.95
C LYS B 108 3.66 42.97 3.09
N LEU B 109 4.48 43.06 4.15
CA LEU B 109 4.27 42.29 5.37
C LEU B 109 3.01 42.84 6.04
N LEU B 110 1.86 42.50 5.46
CA LEU B 110 0.60 43.13 5.84
C LEU B 110 0.10 42.63 7.18
N TYR B 111 -0.24 41.35 7.26
CA TYR B 111 -0.95 40.81 8.42
C TYR B 111 0.03 40.15 9.37
N PRO B 112 0.31 40.72 10.53
CA PRO B 112 1.05 39.98 11.55
C PRO B 112 0.15 39.05 12.34
N VAL B 113 0.71 37.90 12.72
CA VAL B 113 0.05 36.95 13.60
C VAL B 113 0.84 36.90 14.89
N SER B 114 0.22 37.32 15.98
CA SER B 114 0.91 37.52 17.25
C SER B 114 0.72 36.33 18.17
N LYS B 115 1.58 36.28 19.19
CA LYS B 115 1.67 35.08 20.03
C LYS B 115 0.59 35.07 21.13
N TYR B 116 0.30 36.22 21.73
CA TYR B 116 -0.59 36.27 22.88
C TYR B 116 -1.84 37.11 22.64
N GLN B 117 -2.15 37.40 21.38
CA GLN B 117 -3.52 37.78 21.04
C GLN B 117 -4.34 36.49 21.01
N GLN B 118 -5.59 36.56 20.57
CA GLN B 118 -6.49 35.41 20.55
C GLN B 118 -6.48 34.65 21.88
N ASP B 119 -6.14 35.36 22.97
CA ASP B 119 -6.15 34.77 24.31
C ASP B 119 -7.53 34.98 24.91
N GLN B 120 -8.46 34.12 24.49
CA GLN B 120 -9.88 34.32 24.76
C GLN B 120 -10.29 33.64 26.07
N VAL B 121 -9.63 34.05 27.14
CA VAL B 121 -10.06 33.75 28.51
C VAL B 121 -10.30 35.10 29.18
N VAL B 122 -11.55 35.39 29.52
CA VAL B 122 -11.97 36.75 29.82
C VAL B 122 -12.25 36.98 31.30
N LYS B 123 -12.63 35.96 32.05
CA LYS B 123 -13.05 36.15 33.43
C LYS B 123 -11.84 36.14 34.37
N GLU B 124 -12.10 36.47 35.64
CA GLU B 124 -11.08 36.48 36.68
C GLU B 124 -10.14 35.29 36.52
N ASP B 125 -8.85 35.59 36.34
CA ASP B 125 -7.85 34.56 36.02
C ASP B 125 -7.45 33.72 37.23
N ASN B 126 -8.41 33.32 38.07
CA ASN B 126 -8.13 32.34 39.10
C ASN B 126 -7.51 31.11 38.48
N ILE B 127 -6.66 30.41 39.24
CA ILE B 127 -5.97 29.24 38.71
C ILE B 127 -6.95 28.18 38.26
N GLU B 128 -8.21 28.25 38.72
CA GLU B 128 -9.22 27.30 38.25
C GLU B 128 -9.52 27.47 36.76
N ALA B 129 -9.18 28.61 36.17
CA ALA B 129 -9.28 28.77 34.73
C ALA B 129 -8.47 27.72 33.99
N VAL B 130 -7.53 27.06 34.68
CA VAL B 130 -6.78 25.94 34.12
C VAL B 130 -7.27 24.66 34.78
N GLY B 131 -6.95 24.49 36.06
CA GLY B 131 -7.28 23.27 36.77
C GLY B 131 -8.70 22.79 36.62
N LYS B 132 -9.62 23.70 36.31
CA LYS B 132 -11.04 23.36 36.20
C LYS B 132 -11.57 23.49 34.78
N LYS B 133 -11.43 24.67 34.17
CA LYS B 133 -12.02 24.87 32.85
C LYS B 133 -11.26 24.15 31.76
N LEU B 134 -9.96 23.91 31.95
CA LEU B 134 -9.21 23.10 31.00
C LEU B 134 -9.67 21.65 31.03
N HIS B 135 -9.72 21.07 32.24
CA HIS B 135 -10.23 19.71 32.38
C HIS B 135 -11.66 19.59 31.88
N GLU B 136 -12.43 20.68 31.95
CA GLU B 136 -13.79 20.67 31.42
C GLU B 136 -13.78 20.58 29.90
N TYR B 137 -13.13 21.54 29.24
CA TYR B 137 -13.07 21.52 27.78
C TYR B 137 -12.42 20.24 27.27
N ASN B 138 -11.36 19.78 27.95
CA ASN B 138 -10.70 18.55 27.51
C ASN B 138 -11.60 17.34 27.68
N THR B 139 -12.45 17.33 28.70
CA THR B 139 -13.45 16.27 28.83
C THR B 139 -14.52 16.41 27.76
N GLN B 140 -14.93 17.65 27.47
CA GLN B 140 -15.89 17.90 26.41
C GLN B 140 -15.31 17.62 25.03
N PHE B 141 -13.98 17.62 24.92
CA PHE B 141 -13.34 17.36 23.63
C PHE B 141 -13.20 15.86 23.36
N GLN B 142 -12.86 15.08 24.39
CA GLN B 142 -12.69 13.64 24.21
C GLN B 142 -14.02 12.91 24.09
N GLU B 143 -15.11 13.47 24.63
CA GLU B 143 -16.42 12.87 24.45
C GLU B 143 -16.89 13.04 23.01
N LYS B 144 -16.89 14.28 22.51
CA LYS B 144 -17.28 14.53 21.13
C LYS B 144 -16.36 13.84 20.14
N SER B 145 -15.14 13.51 20.55
CA SER B 145 -14.26 12.71 19.69
C SER B 145 -14.66 11.25 19.69
N ARG B 146 -15.10 10.73 20.85
CA ARG B 146 -15.60 9.37 20.93
C ARG B 146 -16.79 9.17 20.00
N GLU B 147 -17.72 10.14 19.97
CA GLU B 147 -18.89 9.99 19.13
C GLU B 147 -18.53 10.04 17.65
N TYR B 148 -17.57 10.89 17.27
CA TYR B 148 -17.17 10.98 15.87
C TYR B 148 -16.58 9.67 15.38
N ASP B 149 -15.75 9.03 16.22
CA ASP B 149 -15.19 7.73 15.83
C ASP B 149 -16.27 6.65 15.80
N ARG B 150 -17.27 6.73 16.69
CA ARG B 150 -18.38 5.79 16.62
C ARG B 150 -19.15 5.95 15.32
N LEU B 151 -19.40 7.20 14.92
CA LEU B 151 -20.12 7.44 13.67
C LEU B 151 -19.34 6.91 12.48
N TYR B 152 -18.04 7.23 12.41
CA TYR B 152 -17.24 6.81 11.25
C TYR B 152 -17.20 5.30 11.14
N GLU B 153 -17.33 4.58 12.26
CA GLU B 153 -17.32 3.12 12.21
C GLU B 153 -18.59 2.59 11.55
N GLU B 154 -19.75 2.93 12.13
CA GLU B 154 -21.00 2.48 11.52
C GLU B 154 -21.26 3.15 10.18
N TYR B 155 -20.57 4.26 9.89
CA TYR B 155 -20.63 4.84 8.56
C TYR B 155 -19.96 3.93 7.54
N THR B 156 -18.78 3.40 7.87
CA THR B 156 -18.09 2.48 6.97
C THR B 156 -18.82 1.14 6.89
N ARG B 157 -19.34 0.65 8.02
CA ARG B 157 -20.16 -0.56 7.98
C ARG B 157 -21.35 -0.38 7.04
N THR B 158 -22.12 0.70 7.24
CA THR B 158 -23.27 0.96 6.38
C THR B 158 -22.84 1.14 4.93
N SER B 159 -21.65 1.70 4.71
CA SER B 159 -21.21 1.95 3.34
C SER B 159 -21.03 0.65 2.56
N GLN B 160 -20.41 -0.35 3.19
CA GLN B 160 -20.17 -1.61 2.50
C GLN B 160 -21.40 -2.51 2.49
N GLU B 161 -22.28 -2.37 3.48
CA GLU B 161 -23.55 -3.10 3.42
C GLU B 161 -24.43 -2.60 2.27
N ILE B 162 -24.32 -1.31 1.91
CA ILE B 162 -25.14 -0.78 0.84
C ILE B 162 -24.68 -1.31 -0.51
N GLN B 163 -23.37 -1.29 -0.75
CA GLN B 163 -22.87 -1.78 -2.04
C GLN B 163 -23.01 -3.29 -2.15
N MET B 164 -23.03 -4.00 -1.01
CA MET B 164 -23.38 -5.41 -1.04
C MET B 164 -24.80 -5.60 -1.58
N LYS B 165 -25.71 -4.70 -1.19
CA LYS B 165 -27.10 -4.81 -1.63
C LYS B 165 -27.31 -4.27 -3.03
N ARG B 166 -26.52 -3.28 -3.45
CA ARG B 166 -26.65 -2.76 -4.81
C ARG B 166 -26.28 -3.83 -5.83
N THR B 167 -25.22 -4.60 -5.56
CA THR B 167 -24.84 -5.67 -6.48
C THR B 167 -25.78 -6.86 -6.40
N ALA B 168 -26.49 -7.03 -5.28
CA ALA B 168 -27.46 -8.11 -5.18
C ALA B 168 -28.74 -7.79 -5.95
N ILE B 169 -29.19 -6.54 -5.93
CA ILE B 169 -30.33 -6.18 -6.78
C ILE B 169 -29.91 -6.20 -8.25
N GLU B 170 -28.65 -5.88 -8.54
CA GLU B 170 -28.17 -6.00 -9.91
C GLU B 170 -28.11 -7.45 -10.35
N ALA B 171 -27.82 -8.37 -9.42
CA ALA B 171 -27.92 -9.79 -9.73
C ALA B 171 -29.37 -10.20 -9.95
N PHE B 172 -30.28 -9.74 -9.09
CA PHE B 172 -31.70 -9.98 -9.33
C PHE B 172 -32.13 -9.47 -10.69
N ASN B 173 -31.59 -8.32 -11.12
CA ASN B 173 -31.94 -7.78 -12.43
C ASN B 173 -31.54 -8.74 -13.54
N GLU B 174 -30.38 -9.37 -13.42
CA GLU B 174 -29.95 -10.31 -14.45
C GLU B 174 -30.78 -11.58 -14.41
N THR B 175 -31.03 -12.13 -13.22
CA THR B 175 -31.88 -13.31 -13.12
C THR B 175 -33.27 -13.03 -13.67
N ILE B 176 -33.84 -11.87 -13.32
CA ILE B 176 -35.16 -11.53 -13.83
C ILE B 176 -35.11 -11.30 -15.34
N LYS B 177 -34.03 -10.68 -15.84
CA LYS B 177 -33.86 -10.57 -17.28
C LYS B 177 -33.81 -11.93 -17.94
N ILE B 178 -33.32 -12.95 -17.23
CA ILE B 178 -33.18 -14.28 -17.82
C ILE B 178 -34.45 -15.10 -17.68
N PHE B 179 -35.28 -14.82 -16.68
CA PHE B 179 -36.56 -15.51 -16.58
C PHE B 179 -37.62 -14.84 -17.46
N GLU B 180 -37.51 -13.54 -17.69
CA GLU B 180 -38.43 -12.87 -18.60
C GLU B 180 -38.17 -13.31 -20.05
N GLU B 181 -36.91 -13.44 -20.44
CA GLU B 181 -36.62 -13.98 -21.77
C GLU B 181 -37.07 -15.42 -21.88
N GLN B 182 -37.13 -16.15 -20.76
CA GLN B 182 -37.65 -17.51 -20.78
C GLN B 182 -39.14 -17.52 -21.11
N CYS B 183 -39.91 -16.65 -20.44
CA CYS B 183 -41.33 -16.51 -20.76
C CYS B 183 -41.52 -16.14 -22.23
N GLN B 184 -40.70 -15.22 -22.74
CA GLN B 184 -40.85 -14.77 -24.11
C GLN B 184 -40.41 -15.83 -25.12
N THR B 185 -39.67 -16.86 -24.67
CA THR B 185 -39.37 -18.00 -25.52
C THR B 185 -40.35 -19.15 -25.33
N GLN B 186 -41.00 -19.23 -24.17
CA GLN B 186 -42.07 -20.21 -24.00
C GLN B 186 -43.23 -19.90 -24.95
N GLU B 187 -43.69 -18.64 -24.94
CA GLU B 187 -44.77 -18.24 -25.84
C GLU B 187 -44.35 -18.40 -27.29
N ARG B 188 -43.06 -18.29 -27.59
CA ARG B 188 -42.61 -18.34 -28.98
C ARG B 188 -42.70 -19.76 -29.54
N TYR B 189 -42.13 -20.73 -28.84
CA TYR B 189 -42.04 -22.10 -29.34
C TYR B 189 -43.21 -22.98 -28.91
N SER B 190 -44.11 -22.49 -28.06
CA SER B 190 -45.26 -23.27 -27.63
C SER B 190 -46.56 -22.82 -28.31
N LYS B 191 -46.58 -21.62 -28.89
CA LYS B 191 -47.80 -21.09 -29.49
C LYS B 191 -48.38 -22.08 -30.51
N GLU B 192 -47.63 -22.38 -31.56
CA GLU B 192 -48.15 -23.20 -32.64
C GLU B 192 -48.13 -24.69 -32.34
N TYR B 193 -47.71 -25.10 -31.15
CA TYR B 193 -48.00 -26.44 -30.66
C TYR B 193 -49.27 -26.45 -29.82
N ILE B 194 -49.48 -25.39 -29.03
CA ILE B 194 -50.79 -25.20 -28.40
C ILE B 194 -51.86 -25.10 -29.49
N GLU B 195 -51.56 -24.38 -30.57
CA GLU B 195 -52.54 -24.20 -31.64
C GLU B 195 -52.76 -25.49 -32.41
N LYS B 196 -51.74 -26.36 -32.48
CA LYS B 196 -51.90 -27.64 -33.13
C LYS B 196 -52.62 -28.64 -32.24
N PHE B 197 -52.28 -28.65 -30.94
CA PHE B 197 -53.02 -29.50 -30.01
C PHE B 197 -54.48 -29.09 -29.91
N LYS B 198 -54.78 -27.80 -30.04
CA LYS B 198 -56.14 -27.32 -29.83
C LYS B 198 -57.11 -27.98 -30.81
N ARG B 199 -56.69 -28.17 -32.06
CA ARG B 199 -57.57 -28.74 -33.06
C ARG B 199 -57.55 -30.26 -33.08
N GLU B 200 -56.54 -30.89 -32.45
CA GLU B 200 -56.55 -32.33 -32.27
C GLU B 200 -57.43 -32.78 -31.12
N GLY B 201 -57.83 -31.86 -30.25
CA GLY B 201 -58.61 -32.22 -29.08
C GLY B 201 -57.78 -32.79 -27.95
N ASN B 202 -56.55 -32.32 -27.77
CA ASN B 202 -55.65 -32.86 -26.77
C ASN B 202 -55.43 -31.81 -25.69
N GLU B 203 -56.48 -31.54 -24.91
CA GLU B 203 -56.35 -30.62 -23.79
C GLU B 203 -55.33 -31.11 -22.78
N LYS B 204 -55.12 -32.43 -22.71
CA LYS B 204 -54.16 -32.98 -21.77
C LYS B 204 -52.77 -32.40 -22.01
N GLU B 205 -52.35 -32.32 -23.27
CA GLU B 205 -51.02 -31.77 -23.57
C GLU B 205 -50.99 -30.26 -23.39
N ILE B 206 -52.12 -29.58 -23.59
CA ILE B 206 -52.15 -28.13 -23.41
C ILE B 206 -51.96 -27.77 -21.94
N GLN B 207 -52.57 -28.55 -21.03
CA GLN B 207 -52.42 -28.25 -19.61
C GLN B 207 -51.01 -28.60 -19.11
N ARG B 208 -50.36 -29.59 -19.73
CA ARG B 208 -48.96 -29.83 -19.43
C ARG B 208 -48.11 -28.61 -19.76
N ILE B 209 -48.36 -27.99 -20.92
CA ILE B 209 -47.64 -26.79 -21.29
C ILE B 209 -48.01 -25.63 -20.38
N MET B 210 -49.30 -25.44 -20.14
CA MET B 210 -49.74 -24.35 -19.26
C MET B 210 -49.34 -24.60 -17.82
N HIS B 211 -49.45 -25.85 -17.36
CA HIS B 211 -48.98 -26.17 -16.01
C HIS B 211 -47.51 -25.82 -15.84
N ASN B 212 -46.71 -25.95 -16.91
CA ASN B 212 -45.31 -25.58 -16.84
C ASN B 212 -45.12 -24.07 -16.99
N TYR B 213 -45.94 -23.43 -17.84
CA TYR B 213 -45.86 -21.98 -17.98
C TYR B 213 -46.26 -21.30 -16.67
N ASP B 214 -47.32 -21.78 -16.02
CA ASP B 214 -47.69 -21.27 -14.71
C ASP B 214 -46.55 -21.47 -13.71
N LYS B 215 -45.92 -22.64 -13.73
CA LYS B 215 -44.77 -22.88 -12.87
C LYS B 215 -43.68 -21.85 -13.11
N LEU B 216 -43.46 -21.49 -14.38
CA LEU B 216 -42.42 -20.52 -14.71
C LEU B 216 -42.75 -19.14 -14.12
N LYS B 217 -43.88 -18.56 -14.54
CA LYS B 217 -44.25 -17.24 -14.04
C LYS B 217 -44.69 -17.26 -12.59
N SER B 218 -44.90 -18.44 -12.00
CA SER B 218 -45.10 -18.50 -10.55
C SER B 218 -43.80 -18.22 -9.82
N ARG B 219 -42.70 -18.83 -10.28
CA ARG B 219 -41.41 -18.58 -9.64
C ARG B 219 -40.91 -17.17 -9.94
N ILE B 220 -41.13 -16.69 -11.17
CA ILE B 220 -40.67 -15.34 -11.50
C ILE B 220 -41.30 -14.32 -10.58
N SER B 221 -42.49 -14.63 -10.05
CA SER B 221 -43.10 -13.74 -9.07
C SER B 221 -42.34 -13.77 -7.74
N GLU B 222 -41.78 -14.92 -7.38
CA GLU B 222 -41.05 -15.01 -6.12
C GLU B 222 -39.76 -14.22 -6.16
N ILE B 223 -39.02 -14.30 -7.27
CA ILE B 223 -37.76 -13.58 -7.34
C ILE B 223 -38.00 -12.09 -7.56
N ILE B 224 -39.11 -11.72 -8.20
CA ILE B 224 -39.46 -10.31 -8.32
C ILE B 224 -39.81 -9.75 -6.94
N ASP B 225 -40.50 -10.54 -6.12
CA ASP B 225 -40.81 -10.10 -4.75
C ASP B 225 -39.55 -10.03 -3.91
N SER B 226 -38.65 -11.01 -4.05
CA SER B 226 -37.40 -10.97 -3.30
C SER B 226 -36.56 -9.76 -3.68
N ARG B 227 -36.73 -9.24 -4.90
CA ARG B 227 -35.97 -8.06 -5.30
C ARG B 227 -36.51 -6.81 -4.62
N ARG B 228 -37.81 -6.57 -4.73
CA ARG B 228 -38.38 -5.37 -4.11
C ARG B 228 -38.21 -5.38 -2.60
N ARG B 229 -38.28 -6.56 -1.98
CA ARG B 229 -38.01 -6.65 -0.54
C ARG B 229 -36.57 -6.24 -0.24
N LEU B 230 -35.66 -6.42 -1.20
CA LEU B 230 -34.28 -5.98 -1.03
C LEU B 230 -34.14 -4.50 -1.39
N GLU B 231 -34.75 -4.08 -2.50
CA GLU B 231 -34.75 -2.66 -2.84
C GLU B 231 -35.39 -1.83 -1.74
N GLU B 232 -36.30 -2.43 -0.97
CA GLU B 232 -36.93 -1.71 0.14
C GLU B 232 -35.96 -1.57 1.31
N ASP B 233 -35.22 -2.64 1.63
CA ASP B 233 -34.18 -2.54 2.64
C ASP B 233 -33.08 -1.59 2.19
N LEU B 234 -32.73 -1.63 0.90
CA LEU B 234 -31.70 -0.74 0.39
C LEU B 234 -32.13 0.72 0.49
N LYS B 235 -33.35 1.03 0.05
CA LYS B 235 -33.83 2.41 0.11
C LYS B 235 -33.76 2.95 1.53
N LYS B 236 -34.13 2.14 2.52
CA LYS B 236 -34.13 2.60 3.90
C LYS B 236 -32.73 2.69 4.49
N GLN B 237 -31.82 1.79 4.09
CA GLN B 237 -30.45 1.88 4.59
C GLN B 237 -29.66 2.98 3.89
N ALA B 238 -29.96 3.24 2.62
CA ALA B 238 -29.33 4.36 1.93
C ALA B 238 -29.73 5.69 2.59
N ALA B 239 -30.94 5.76 3.14
CA ALA B 239 -31.38 6.99 3.79
C ALA B 239 -30.62 7.24 5.08
N GLU B 240 -30.58 6.24 5.97
CA GLU B 240 -29.87 6.43 7.23
C GLU B 240 -28.37 6.57 7.01
N TYR B 241 -27.86 6.11 5.87
CA TYR B 241 -26.47 6.36 5.55
C TYR B 241 -26.22 7.84 5.29
N ARG B 242 -27.16 8.52 4.63
CA ARG B 242 -27.03 9.96 4.42
C ARG B 242 -27.18 10.72 5.72
N GLU B 243 -27.96 10.20 6.67
CA GLU B 243 -28.11 10.87 7.96
C GLU B 243 -26.82 10.80 8.77
N ILE B 244 -26.17 9.64 8.77
CA ILE B 244 -24.89 9.51 9.45
C ILE B 244 -23.86 10.47 8.86
N ASP B 245 -24.00 10.78 7.56
CA ASP B 245 -23.06 11.69 6.92
C ASP B 245 -23.24 13.13 7.44
N LYS B 246 -24.48 13.62 7.42
CA LYS B 246 -24.71 15.00 7.84
C LYS B 246 -24.45 15.18 9.34
N ARG B 247 -24.60 14.12 10.13
CA ARG B 247 -24.25 14.21 11.55
C ARG B 247 -22.75 14.38 11.73
N MET B 248 -21.95 13.64 10.96
CA MET B 248 -20.50 13.81 11.03
C MET B 248 -20.09 15.21 10.59
N ASN B 249 -20.78 15.76 9.58
CA ASN B 249 -20.47 17.10 9.11
C ASN B 249 -20.87 18.17 10.10
N SER B 250 -21.83 17.89 10.98
CA SER B 250 -22.18 18.84 12.04
C SER B 250 -21.24 18.73 13.23
N ILE B 251 -20.66 17.55 13.45
CA ILE B 251 -19.78 17.36 14.61
C ILE B 251 -18.37 17.85 14.31
N LYS B 252 -17.97 17.88 13.04
CA LYS B 252 -16.59 18.28 12.71
C LYS B 252 -16.29 19.72 13.10
N PRO B 253 -17.05 20.72 12.68
CA PRO B 253 -16.69 22.11 13.04
C PRO B 253 -16.72 22.35 14.54
N ASP B 254 -17.69 21.78 15.25
CA ASP B 254 -17.73 21.90 16.70
C ASP B 254 -16.50 21.26 17.32
N LEU B 255 -16.12 20.07 16.86
CA LEU B 255 -14.98 19.37 17.42
C LEU B 255 -13.70 20.20 17.28
N ILE B 256 -13.53 20.86 16.13
CA ILE B 256 -12.36 21.71 15.93
C ILE B 256 -12.44 22.95 16.82
N GLN B 257 -13.65 23.48 17.04
CA GLN B 257 -13.79 24.71 17.81
C GLN B 257 -13.34 24.51 19.25
N LEU B 258 -13.81 23.44 19.90
CA LEU B 258 -13.46 23.19 21.29
C LEU B 258 -12.13 22.46 21.45
N ARG B 259 -11.54 21.97 20.37
CA ARG B 259 -10.17 21.48 20.47
C ARG B 259 -9.18 22.64 20.53
N LYS B 260 -9.41 23.68 19.73
CA LYS B 260 -8.58 24.87 19.82
C LYS B 260 -8.77 25.58 21.17
N THR B 261 -9.99 25.55 21.70
CA THR B 261 -10.22 26.14 23.02
C THR B 261 -9.47 25.38 24.10
N ARG B 262 -9.46 24.04 24.03
CA ARG B 262 -8.68 23.26 24.98
C ARG B 262 -7.20 23.54 24.82
N ASP B 263 -6.74 23.76 23.59
CA ASP B 263 -5.31 23.99 23.36
C ASP B 263 -4.88 25.34 23.93
N GLN B 264 -5.61 26.40 23.61
CA GLN B 264 -5.21 27.72 24.08
C GLN B 264 -5.40 27.88 25.58
N TYR B 265 -6.25 27.07 26.21
CA TYR B 265 -6.35 27.11 27.66
C TYR B 265 -5.11 26.54 28.34
N LEU B 266 -4.12 26.09 27.57
CA LEU B 266 -2.79 25.87 28.10
C LEU B 266 -1.97 27.15 28.15
N MET B 267 -2.46 28.24 27.55
CA MET B 267 -1.85 29.55 27.77
C MET B 267 -1.73 29.83 29.26
N TRP B 268 -2.83 29.72 29.99
CA TRP B 268 -2.83 29.93 31.42
C TRP B 268 -2.12 28.81 32.18
N LEU B 269 -1.78 27.71 31.50
CA LEU B 269 -0.79 26.79 32.06
C LEU B 269 0.61 27.31 31.82
N THR B 270 0.86 27.90 30.65
CA THR B 270 2.14 28.55 30.38
C THR B 270 2.35 29.74 31.29
N GLN B 271 1.29 30.30 31.87
CA GLN B 271 1.46 31.32 32.90
C GLN B 271 2.33 30.81 34.04
N LYS B 272 2.23 29.52 34.37
CA LYS B 272 3.15 28.90 35.31
C LYS B 272 4.37 28.30 34.62
N GLY B 273 4.32 28.13 33.29
CA GLY B 273 5.45 27.62 32.54
C GLY B 273 5.68 26.15 32.81
N VAL B 274 6.28 25.84 33.97
CA VAL B 274 6.46 24.44 34.35
C VAL B 274 5.09 23.78 34.45
N ARG B 275 4.95 22.63 33.80
CA ARG B 275 3.65 21.99 33.65
C ARG B 275 3.20 21.30 34.93
N GLN B 276 3.21 22.03 36.05
CA GLN B 276 2.71 21.49 37.30
C GLN B 276 1.19 21.38 37.29
N LYS B 277 0.51 22.41 36.79
CA LYS B 277 -0.94 22.47 36.89
C LYS B 277 -1.65 21.52 35.93
N LYS B 278 -0.92 20.88 35.01
CA LYS B 278 -1.45 19.76 34.25
C LYS B 278 -0.88 18.42 34.68
N LEU B 279 0.35 18.41 35.21
CA LEU B 279 0.88 17.20 35.83
C LEU B 279 -0.01 16.74 36.97
N ASN B 280 -0.71 17.67 37.63
CA ASN B 280 -1.67 17.29 38.66
C ASN B 280 -2.82 16.48 38.06
N GLU B 281 -3.25 16.84 36.86
CA GLU B 281 -4.31 16.12 36.17
C GLU B 281 -3.76 14.85 35.53
C13 XUZ C . 5.06 10.10 15.43
C15 XUZ C . 5.16 8.74 17.48
C17 XUZ C . 5.41 7.69 15.24
C21 XUZ C . 5.25 4.82 12.43
C22 XUZ C . 6.52 4.25 12.49
C26 XUZ C . 4.66 3.12 10.77
C28 XUZ C . 3.60 2.52 9.81
C02 XUZ C . 8.83 8.05 12.27
C03 XUZ C . 8.66 7.63 10.94
C04 XUZ C . 7.41 7.77 10.34
C05 XUZ C . 6.34 8.32 11.05
C07 XUZ C . 6.47 8.75 12.36
C08 XUZ C . 7.74 8.59 12.96
C09 XUZ C . 5.25 9.33 13.12
C11 XUZ C . 4.94 11.30 14.47
C14 XUZ C . 5.01 9.99 16.83
C16 XUZ C . 5.36 7.60 16.66
C19 XUZ C . 4.84 6.07 13.29
C23 XUZ C . 6.87 3.13 11.71
C25 XUZ C . 5.93 2.56 10.83
C27 XUZ C . 4.33 4.23 11.54
C32 XUZ C . 5.27 8.94 14.64
C33 XUZ C . 5.11 8.63 19.01
C34 XUZ C . 5.91 9.52 19.80
C35 XUZ C . 5.92 9.49 21.17
C36 XUZ C . 5.12 8.53 21.87
C38 XUZ C . 4.03 7.21 23.22
C41 XUZ C . 4.33 7.68 19.68
C42 XUZ C . 3.50 6.74 18.98
F01 XUZ C . 10.03 7.93 12.84
F24 XUZ C . 8.09 2.60 11.79
F29 XUZ C . 3.81 2.80 8.51
F30 XUZ C . 3.53 1.18 9.87
F31 XUZ C . 2.35 2.93 10.07
N10 XUZ C . 5.09 10.81 13.16
N18 XUZ C . 5.64 6.52 14.38
N37 XUZ C . 4.94 8.27 23.20
N39 XUZ C . 3.64 6.80 21.98
N40 XUZ C . 4.33 7.63 21.10
N43 XUZ C . 2.83 5.98 18.42
O12 XUZ C . 4.76 12.48 14.71
O20 XUZ C . 3.83 6.68 13.02
CL06 XUZ C . 4.78 8.45 10.21
H221 XUZ C . 7.17 4.61 13.05
H031 XUZ C . 9.37 7.27 10.46
H041 XUZ C . 7.30 7.50 9.46
H081 XUZ C . 7.84 8.86 13.85
H091 XUZ C . 4.49 9.03 12.68
H141 XUZ C . 4.89 10.74 17.36
H161 XUZ C . 5.47 6.77 17.07
H251 XUZ C . 6.15 1.82 10.31
H271 XUZ C . 3.48 4.58 11.47
H341 XUZ C . 6.45 10.16 19.40
H351 XUZ C . 6.43 10.09 21.67
H381 XUZ C . 3.72 6.81 24.01
H101 XUZ C . 5.07 11.32 12.45
H181 XUZ C . 6.45 6.23 14.30
#